data_4X4N
#
_entry.id   4X4N
#
_cell.length_a   115.416
_cell.length_b   84.688
_cell.length_c   135.565
_cell.angle_alpha   90.000
_cell.angle_beta   103.140
_cell.angle_gamma   90.000
#
_symmetry.space_group_name_H-M   'P 1 21 1'
#
loop_
_entity.id
_entity.type
_entity.pdbx_description
1 polymer 'CCA-adding enzyme'
2 polymer 'G70A tRNA minihelix'
3 polymer "RNA (5'-D(P*CP*G)-3')"
4 non-polymer 'SULFATE ION'
5 non-polymer GUANOSINE
6 non-polymer "GUANOSINE-5'-MONOPHOSPHATE"
7 non-polymer GLYCEROL
#
loop_
_entity_poly.entity_id
_entity_poly.type
_entity_poly.pdbx_seq_one_letter_code
_entity_poly.pdbx_strand_id
1 'polypeptide(L)'
;MKVEEILEKALELVIPDEEEVRKGREAEEELRRRLDELGVEYVFVGSYARNTWLKGSLEIDVFLLFPEEFSKEELRERGL
EIGKAVLDSYEIRYAEHPYVHGVVKGVEVDVVPCYKLKEPKNIKSAVDRTPFHHKWLEGRIKGKENEVRLLKGFLKANGI
YGAEYKVRGFSGYLCELLIVFYGSFLETVKNARRWTRRTVIDVAKGEVRKGEEFFVVDPVDEKRNVAANLSLDNLARFVH
LCREFMEAPSLGFFKPKHPLEIEPERLRKIVEERGTAVFAVKFRKPDIVDDNLYPQLERASRKIFEFLERENFMPLRSAF
KASEEFCYLLFECQIKEISRVFRRMGPQFEDERNVKKFLSRNRAFRPFIENGRWWAFEMRKFTTPEEGVRSYASTHWHTL
GKNVGESIREYFEIISGEKLFKEPVTAELCEMMGVKDSNSSSVDKLAAALEHHHHHH
;
A,C,E,F
2 'polyribonucleotide' GGCCGCGGCAGGUUCGAAUCCUGCCGCGAUCG G,B,D
3 'polyribonucleotide' CG I
#
loop_
_chem_comp.id
_chem_comp.type
_chem_comp.name
_chem_comp.formula
5GP non-polymer GUANOSINE-5'-MONOPHOSPHATE 'C10 H14 N5 O8 P'
A RNA linking ADENOSINE-5'-MONOPHOSPHATE 'C10 H14 N5 O7 P'
C RNA linking CYTIDINE-5'-MONOPHOSPHATE 'C9 H14 N3 O8 P'
G RNA linking GUANOSINE-5'-MONOPHOSPHATE 'C10 H14 N5 O8 P'
GMP non-polymer GUANOSINE 'C10 H13 N5 O5'
GOL non-polymer GLYCEROL 'C3 H8 O3'
SO4 non-polymer 'SULFATE ION' 'O4 S -2'
U RNA linking URIDINE-5'-MONOPHOSPHATE 'C9 H13 N2 O9 P'
#
# COMPACT_ATOMS: atom_id res chain seq x y z
CA MET A 1 -2.84 51.53 -23.80
C MET A 1 -3.57 51.11 -25.06
N LYS A 2 -2.83 51.06 -26.17
CA LYS A 2 -3.40 50.65 -27.46
C LYS A 2 -2.41 49.78 -28.22
N VAL A 3 -2.84 49.31 -29.39
CA VAL A 3 -2.08 48.34 -30.18
C VAL A 3 -0.64 48.79 -30.42
N GLU A 4 -0.46 50.04 -30.83
CA GLU A 4 0.85 50.56 -31.19
C GLU A 4 1.84 50.47 -30.02
N GLU A 5 1.35 50.71 -28.82
CA GLU A 5 2.20 50.67 -27.62
C GLU A 5 2.42 49.24 -27.14
N ILE A 6 1.42 48.39 -27.32
CA ILE A 6 1.52 46.99 -26.92
C ILE A 6 2.59 46.29 -27.75
N LEU A 7 2.54 46.47 -29.07
CA LEU A 7 3.52 45.86 -29.95
C LEU A 7 4.90 46.44 -29.68
N GLU A 8 4.96 47.71 -29.31
CA GLU A 8 6.22 48.35 -28.95
C GLU A 8 6.81 47.66 -27.73
N LYS A 9 5.99 47.45 -26.72
CA LYS A 9 6.41 46.77 -25.50
C LYS A 9 6.75 45.31 -25.78
N ALA A 10 6.08 44.74 -26.78
CA ALA A 10 6.26 43.34 -27.12
C ALA A 10 7.64 43.07 -27.71
N LEU A 11 8.18 44.05 -28.43
CA LEU A 11 9.50 43.91 -29.06
C LEU A 11 10.58 43.60 -28.02
N GLU A 12 10.35 44.04 -26.78
CA GLU A 12 11.29 43.78 -25.70
C GLU A 12 11.34 42.29 -25.38
N LEU A 13 10.16 41.68 -25.31
CA LEU A 13 10.05 40.26 -25.01
C LEU A 13 10.36 39.39 -26.23
N VAL A 14 10.68 40.04 -27.34
CA VAL A 14 10.72 39.39 -28.64
C VAL A 14 12.07 39.55 -29.34
N ILE A 15 12.62 40.76 -29.31
CA ILE A 15 13.90 41.03 -29.96
C ILE A 15 15.07 40.61 -29.07
N PRO A 16 16.04 39.86 -29.63
CA PRO A 16 17.25 39.53 -28.86
C PRO A 16 18.05 40.77 -28.46
N ASP A 17 18.49 40.83 -27.21
CA ASP A 17 19.29 41.97 -26.75
C ASP A 17 20.67 41.97 -27.39
N GLU A 18 21.36 43.10 -27.31
CA GLU A 18 22.66 43.25 -27.95
C GLU A 18 23.68 42.24 -27.44
N GLU A 19 23.46 41.74 -26.23
CA GLU A 19 24.36 40.76 -25.63
C GLU A 19 24.21 39.41 -26.33
N GLU A 20 23.00 39.09 -26.74
CA GLU A 20 22.72 37.82 -27.41
C GLU A 20 23.20 37.87 -28.86
N VAL A 21 23.06 39.03 -29.48
CA VAL A 21 23.51 39.21 -30.86
C VAL A 21 25.03 39.12 -30.94
N ARG A 22 25.70 39.75 -29.97
CA ARG A 22 27.16 39.74 -29.93
C ARG A 22 27.67 38.32 -29.70
N LYS A 23 26.96 37.56 -28.87
CA LYS A 23 27.32 36.18 -28.61
C LYS A 23 27.25 35.36 -29.90
N GLY A 24 26.39 35.78 -30.82
CA GLY A 24 26.20 35.09 -32.07
C GLY A 24 27.16 35.53 -33.16
N ARG A 25 27.44 36.83 -33.21
CA ARG A 25 28.31 37.39 -34.23
C ARG A 25 29.74 36.84 -34.11
N GLU A 26 30.22 36.74 -32.87
CA GLU A 26 31.56 36.21 -32.63
C GLU A 26 31.64 34.74 -33.01
N ALA A 27 30.51 34.05 -32.90
CA ALA A 27 30.44 32.64 -33.24
C ALA A 27 30.41 32.44 -34.76
N GLU A 28 29.80 33.39 -35.47
CA GLU A 28 29.69 33.31 -36.92
C GLU A 28 31.04 33.47 -37.59
N GLU A 29 31.65 34.64 -37.41
CA GLU A 29 32.91 34.97 -38.08
C GLU A 29 34.01 33.96 -37.74
N GLU A 30 33.91 33.34 -36.56
CA GLU A 30 34.83 32.29 -36.18
C GLU A 30 34.54 31.02 -36.98
N LEU A 31 33.24 30.75 -37.18
CA LEU A 31 32.82 29.58 -37.92
C LEU A 31 33.18 29.71 -39.39
N ARG A 32 33.16 30.94 -39.90
CA ARG A 32 33.54 31.20 -41.28
C ARG A 32 35.03 31.01 -41.49
N ARG A 33 35.81 31.30 -40.44
CA ARG A 33 37.26 31.18 -40.51
C ARG A 33 37.67 29.73 -40.76
N ARG A 34 36.98 28.80 -40.11
CA ARG A 34 37.31 27.39 -40.21
C ARG A 34 36.83 26.79 -41.53
N LEU A 35 35.86 27.45 -42.15
CA LEU A 35 35.32 26.99 -43.43
C LEU A 35 36.16 27.50 -44.60
N ASP A 36 36.93 28.55 -44.37
CA ASP A 36 37.79 29.12 -45.40
C ASP A 36 39.13 28.39 -45.46
N GLU A 37 39.61 27.94 -44.31
CA GLU A 37 40.88 27.21 -44.23
C GLU A 37 40.81 25.93 -45.05
N LEU A 38 39.70 25.21 -44.94
CA LEU A 38 39.51 23.98 -45.69
C LEU A 38 39.08 24.28 -47.13
N GLY A 39 38.53 25.48 -47.33
CA GLY A 39 38.10 25.89 -48.66
C GLY A 39 37.02 25.01 -49.21
N VAL A 40 35.82 25.11 -48.62
CA VAL A 40 34.67 24.32 -49.04
C VAL A 40 33.48 25.24 -49.32
N GLU A 41 32.64 24.84 -50.26
CA GLU A 41 31.44 25.59 -50.58
C GLU A 41 30.44 25.54 -49.42
N TYR A 42 30.07 26.70 -48.91
CA TYR A 42 29.11 26.80 -47.81
C TYR A 42 28.21 28.01 -47.94
N VAL A 43 27.17 28.07 -47.11
CA VAL A 43 26.24 29.18 -47.10
C VAL A 43 25.48 29.26 -45.78
N PHE A 44 25.35 30.46 -45.25
CA PHE A 44 24.60 30.69 -44.01
C PHE A 44 23.14 30.96 -44.35
N VAL A 45 22.27 30.04 -43.95
CA VAL A 45 20.83 30.16 -44.17
C VAL A 45 20.09 30.11 -42.85
N GLY A 46 18.77 29.97 -42.93
CA GLY A 46 17.95 29.84 -41.73
C GLY A 46 17.61 31.17 -41.10
N SER A 47 17.08 31.12 -39.89
CA SER A 47 16.58 32.31 -39.20
C SER A 47 17.70 33.28 -38.84
N TYR A 48 18.88 32.75 -38.55
CA TYR A 48 20.00 33.59 -38.14
C TYR A 48 20.49 34.45 -39.30
N ALA A 49 20.70 33.84 -40.46
CA ALA A 49 21.21 34.54 -41.62
C ALA A 49 20.31 35.71 -42.02
N ARG A 50 19.00 35.53 -41.82
CA ARG A 50 18.02 36.56 -42.16
C ARG A 50 17.72 37.47 -40.97
N ASN A 51 18.34 37.18 -39.82
CA ASN A 51 18.18 38.00 -38.63
C ASN A 51 16.73 38.09 -38.18
N THR A 52 16.10 36.94 -37.99
CA THR A 52 14.70 36.88 -37.59
C THR A 52 14.47 35.89 -36.45
N TRP A 53 15.56 35.36 -35.89
CA TRP A 53 15.45 34.40 -34.80
C TRP A 53 14.83 35.06 -33.58
N LEU A 54 13.99 34.31 -32.88
CA LEU A 54 13.29 34.83 -31.71
C LEU A 54 14.24 34.88 -30.52
N LYS A 55 13.93 35.77 -29.56
CA LYS A 55 14.77 35.94 -28.39
C LYS A 55 14.93 34.63 -27.62
N GLY A 56 16.19 34.26 -27.36
CA GLY A 56 16.49 33.06 -26.60
C GLY A 56 16.57 31.80 -27.44
N SER A 57 16.14 31.90 -28.70
CA SER A 57 16.14 30.75 -29.61
C SER A 57 17.23 30.89 -30.66
N LEU A 58 18.37 31.42 -30.24
CA LEU A 58 19.50 31.64 -31.14
C LEU A 58 20.07 30.32 -31.65
N GLU A 59 20.17 30.19 -32.97
CA GLU A 59 20.63 28.96 -33.60
C GLU A 59 21.10 29.23 -35.02
N ILE A 60 22.39 29.02 -35.27
CA ILE A 60 22.97 29.24 -36.58
C ILE A 60 22.85 28.00 -37.44
N ASP A 61 22.43 28.18 -38.69
CA ASP A 61 22.34 27.09 -39.66
C ASP A 61 23.32 27.34 -40.80
N VAL A 62 24.08 26.31 -41.14
CA VAL A 62 25.08 26.40 -42.21
C VAL A 62 24.99 25.16 -43.10
N PHE A 63 24.59 25.36 -44.35
CA PHE A 63 24.46 24.27 -45.30
C PHE A 63 25.71 24.14 -46.17
N LEU A 64 26.26 22.92 -46.21
CA LEU A 64 27.44 22.65 -47.03
C LEU A 64 27.03 22.29 -48.45
N LEU A 65 27.36 23.16 -49.39
CA LEU A 65 27.04 22.92 -50.80
C LEU A 65 28.06 22.00 -51.44
N PHE A 66 27.58 21.14 -52.34
CA PHE A 66 28.45 20.24 -53.09
C PHE A 66 27.96 20.14 -54.53
N PRO A 67 28.88 19.91 -55.49
CA PRO A 67 28.47 19.76 -56.89
C PRO A 67 27.47 18.64 -57.10
N GLU A 68 26.81 18.63 -58.26
CA GLU A 68 25.84 17.61 -58.59
C GLU A 68 26.51 16.30 -59.01
N GLU A 69 27.83 16.32 -59.12
CA GLU A 69 28.60 15.13 -59.49
C GLU A 69 28.89 14.28 -58.27
N PHE A 70 27.86 14.02 -57.48
CA PHE A 70 27.98 13.21 -56.26
C PHE A 70 26.71 12.39 -56.04
N SER A 71 26.88 11.16 -55.57
CA SER A 71 25.75 10.29 -55.28
C SER A 71 25.19 10.62 -53.90
N LYS A 72 24.08 9.98 -53.55
CA LYS A 72 23.40 10.25 -52.28
C LYS A 72 24.17 9.69 -51.08
N GLU A 73 25.25 8.96 -51.35
CA GLU A 73 26.02 8.30 -50.30
C GLU A 73 27.30 9.04 -49.98
N GLU A 74 27.87 9.71 -50.99
CA GLU A 74 29.16 10.38 -50.85
C GLU A 74 29.07 11.69 -50.07
N LEU A 75 27.87 12.27 -50.03
CA LEU A 75 27.69 13.61 -49.46
C LEU A 75 27.89 13.62 -47.94
N ARG A 76 27.43 12.59 -47.25
CA ARG A 76 27.47 12.58 -45.79
C ARG A 76 28.89 12.38 -45.26
N GLU A 77 29.70 11.61 -46.00
CA GLU A 77 31.04 11.29 -45.57
C GLU A 77 31.88 12.57 -45.42
N ARG A 78 32.18 13.21 -46.54
CA ARG A 78 32.92 14.47 -46.51
C ARG A 78 32.05 15.64 -46.05
N GLY A 79 30.78 15.34 -45.74
CA GLY A 79 29.88 16.34 -45.19
C GLY A 79 30.04 16.44 -43.68
N LEU A 80 29.95 15.29 -43.01
CA LEU A 80 30.10 15.24 -41.56
C LEU A 80 31.55 15.48 -41.15
N GLU A 81 32.49 15.00 -41.97
CA GLU A 81 33.91 15.17 -41.68
C GLU A 81 34.29 16.65 -41.60
N ILE A 82 33.79 17.43 -42.56
CA ILE A 82 33.99 18.88 -42.54
C ILE A 82 33.26 19.45 -41.33
N GLY A 83 32.15 18.82 -40.96
CA GLY A 83 31.36 19.27 -39.82
C GLY A 83 32.09 19.10 -38.50
N LYS A 84 32.61 17.90 -38.27
CA LYS A 84 33.33 17.59 -37.03
C LYS A 84 34.62 18.40 -36.93
N ALA A 85 35.21 18.72 -38.08
CA ALA A 85 36.47 19.45 -38.13
C ALA A 85 36.26 20.96 -38.16
N VAL A 86 35.13 21.41 -37.61
CA VAL A 86 34.80 22.84 -37.56
C VAL A 86 34.10 23.18 -36.24
N LEU A 87 33.35 22.23 -35.71
CA LEU A 87 32.61 22.43 -34.47
C LEU A 87 33.44 21.97 -33.27
N ASP A 88 33.38 22.72 -32.18
CA ASP A 88 34.13 22.39 -30.98
C ASP A 88 33.59 21.14 -30.31
N SER A 89 32.51 21.28 -29.55
CA SER A 89 31.87 20.17 -28.86
C SER A 89 30.71 19.64 -29.69
N TYR A 90 31.01 18.72 -30.61
CA TYR A 90 30.03 18.22 -31.56
C TYR A 90 29.47 16.86 -31.18
N GLU A 91 28.28 16.57 -31.71
CA GLU A 91 27.68 15.24 -31.60
C GLU A 91 27.14 14.88 -32.99
N ILE A 92 26.15 13.98 -33.03
CA ILE A 92 25.51 13.63 -34.30
C ILE A 92 24.01 13.46 -34.10
N ARG A 93 23.25 14.39 -34.70
CA ARG A 93 21.80 14.29 -34.74
C ARG A 93 21.37 13.63 -36.03
N TYR A 94 20.19 13.01 -36.01
CA TYR A 94 19.65 12.34 -37.19
C TYR A 94 18.31 12.94 -37.61
N ALA A 95 18.31 13.55 -38.80
CA ALA A 95 17.09 14.11 -39.38
C ALA A 95 16.86 13.48 -40.76
N GLU A 96 16.60 14.31 -41.77
CA GLU A 96 16.43 13.83 -43.14
C GLU A 96 17.64 13.03 -43.57
N HIS A 97 18.82 13.54 -43.25
CA HIS A 97 20.07 12.83 -43.47
C HIS A 97 20.99 13.11 -42.29
N PRO A 98 22.04 12.29 -42.12
CA PRO A 98 22.99 12.52 -41.04
C PRO A 98 23.60 13.93 -41.12
N TYR A 99 23.73 14.58 -39.97
CA TYR A 99 24.32 15.91 -39.91
C TYR A 99 24.90 16.16 -38.53
N VAL A 100 25.85 17.10 -38.45
CA VAL A 100 26.56 17.36 -37.21
C VAL A 100 25.97 18.58 -36.50
N HIS A 101 25.65 18.41 -35.22
CA HIS A 101 25.19 19.50 -34.38
C HIS A 101 26.17 19.70 -33.22
N GLY A 102 26.57 20.94 -32.99
CA GLY A 102 27.52 21.23 -31.93
C GLY A 102 27.58 22.70 -31.59
N VAL A 103 28.25 23.01 -30.48
CA VAL A 103 28.37 24.39 -30.01
C VAL A 103 29.72 24.97 -30.45
N VAL A 104 29.69 26.24 -30.84
CA VAL A 104 30.91 26.95 -31.24
C VAL A 104 30.90 28.34 -30.60
N LYS A 105 31.74 28.50 -29.58
CA LYS A 105 31.83 29.76 -28.84
C LYS A 105 30.47 30.19 -28.28
N GLY A 106 29.83 29.28 -27.56
CA GLY A 106 28.60 29.58 -26.86
C GLY A 106 27.35 29.06 -27.53
N VAL A 107 27.16 29.43 -28.80
CA VAL A 107 25.92 29.12 -29.52
C VAL A 107 26.03 27.79 -30.28
N GLU A 108 24.90 27.10 -30.40
CA GLU A 108 24.85 25.84 -31.13
C GLU A 108 24.72 26.08 -32.64
N VAL A 109 25.17 25.12 -33.42
CA VAL A 109 25.18 25.24 -34.88
C VAL A 109 24.81 23.90 -35.52
N ASP A 110 24.17 23.97 -36.69
CA ASP A 110 23.83 22.79 -37.47
C ASP A 110 24.55 22.83 -38.81
N VAL A 111 25.20 21.72 -39.17
CA VAL A 111 25.92 21.60 -40.43
C VAL A 111 25.30 20.52 -41.30
N VAL A 112 24.47 20.93 -42.26
CA VAL A 112 23.73 20.00 -43.09
C VAL A 112 24.31 19.94 -44.51
N PRO A 113 24.76 18.75 -44.94
CA PRO A 113 25.22 18.62 -46.34
C PRO A 113 24.06 18.61 -47.33
N CYS A 114 24.29 19.16 -48.52
CA CYS A 114 23.27 19.17 -49.56
C CYS A 114 23.90 19.54 -50.91
N TYR A 115 23.13 19.34 -51.99
CA TYR A 115 23.60 19.70 -53.32
C TYR A 115 23.40 21.18 -53.58
N LYS A 116 24.25 21.75 -54.43
CA LYS A 116 24.19 23.17 -54.76
C LYS A 116 22.97 23.48 -55.60
N LEU A 117 22.89 22.84 -56.77
CA LEU A 117 21.74 22.95 -57.67
C LEU A 117 21.63 24.34 -58.31
N LYS A 118 21.12 24.37 -59.54
CA LYS A 118 21.00 25.61 -60.31
C LYS A 118 19.61 26.21 -60.12
N GLU A 119 18.59 25.51 -60.62
CA GLU A 119 17.20 25.94 -60.48
C GLU A 119 16.41 24.98 -59.60
N PRO A 120 15.23 25.40 -59.14
CA PRO A 120 14.39 24.50 -58.34
C PRO A 120 13.62 23.48 -59.19
N LYS A 121 14.03 23.27 -60.43
CA LYS A 121 13.38 22.29 -61.29
C LYS A 121 13.69 20.87 -60.84
N ASN A 122 14.74 20.71 -60.04
CA ASN A 122 15.13 19.40 -59.53
C ASN A 122 14.06 18.83 -58.61
N ILE A 123 13.83 19.48 -57.48
CA ILE A 123 12.77 19.09 -56.54
C ILE A 123 12.99 17.66 -56.04
N LYS A 124 13.89 17.50 -55.07
CA LYS A 124 14.25 16.17 -54.57
C LYS A 124 14.20 16.12 -53.04
N SER A 125 15.34 16.32 -52.38
CA SER A 125 15.41 16.25 -50.93
C SER A 125 14.84 17.51 -50.29
N ALA A 126 14.42 17.41 -49.03
CA ALA A 126 13.82 18.54 -48.32
C ALA A 126 14.87 19.59 -47.98
N VAL A 127 16.10 19.15 -47.72
CA VAL A 127 17.19 20.06 -47.38
C VAL A 127 17.74 20.79 -48.61
N ASP A 128 17.34 20.34 -49.79
CA ASP A 128 17.76 20.99 -51.02
C ASP A 128 16.92 22.25 -51.29
N ARG A 129 15.82 22.40 -50.57
CA ARG A 129 14.93 23.54 -50.73
C ARG A 129 15.32 24.70 -49.81
N THR A 130 16.01 24.39 -48.72
CA THR A 130 16.37 25.39 -47.72
C THR A 130 17.19 26.55 -48.31
N PRO A 131 18.17 26.24 -49.18
CA PRO A 131 18.91 27.34 -49.81
C PRO A 131 18.00 28.22 -50.67
N PHE A 132 17.08 27.60 -51.38
CA PHE A 132 16.13 28.33 -52.22
C PHE A 132 15.13 29.12 -51.37
N HIS A 133 14.79 28.57 -50.21
CA HIS A 133 13.90 29.26 -49.28
C HIS A 133 14.56 30.53 -48.78
N HIS A 134 15.83 30.42 -48.39
CA HIS A 134 16.58 31.55 -47.89
C HIS A 134 16.77 32.61 -48.97
N LYS A 135 17.10 32.16 -50.18
CA LYS A 135 17.36 33.07 -51.28
C LYS A 135 16.12 33.86 -51.66
N TRP A 136 14.94 33.24 -51.49
CA TRP A 136 13.69 33.88 -51.84
C TRP A 136 13.28 34.92 -50.79
N LEU A 137 13.72 34.71 -49.55
CA LEU A 137 13.29 35.53 -48.43
C LEU A 137 14.28 36.64 -48.06
N GLU A 138 15.57 36.40 -48.29
CA GLU A 138 16.61 37.31 -47.84
C GLU A 138 16.43 38.74 -48.35
N GLY A 139 15.84 38.88 -49.53
CA GLY A 139 15.60 40.18 -50.13
C GLY A 139 14.28 40.78 -49.72
N ARG A 140 13.23 39.95 -49.68
CA ARG A 140 11.88 40.43 -49.44
C ARG A 140 11.59 40.68 -47.97
N ILE A 141 12.38 40.09 -47.08
CA ILE A 141 12.13 40.21 -45.65
C ILE A 141 12.88 41.38 -45.02
N LYS A 142 13.90 41.88 -45.74
CA LYS A 142 14.70 42.99 -45.25
C LYS A 142 13.83 44.20 -44.90
N GLY A 143 13.79 44.53 -43.62
CA GLY A 143 13.02 45.66 -43.13
C GLY A 143 11.75 45.22 -42.42
N LYS A 144 11.54 43.91 -42.36
CA LYS A 144 10.35 43.34 -41.73
C LYS A 144 10.70 42.32 -40.66
N GLU A 145 12.00 42.24 -40.33
CA GLU A 145 12.48 41.24 -39.38
C GLU A 145 11.77 41.31 -38.03
N ASN A 146 11.43 42.51 -37.59
CA ASN A 146 10.73 42.67 -36.31
C ASN A 146 9.29 42.17 -36.39
N GLU A 147 8.66 42.34 -37.54
CA GLU A 147 7.31 41.85 -37.74
C GLU A 147 7.29 40.33 -37.65
N VAL A 148 8.30 39.70 -38.25
CA VAL A 148 8.45 38.26 -38.17
C VAL A 148 8.58 37.82 -36.73
N ARG A 149 9.44 38.49 -35.98
CA ARG A 149 9.71 38.15 -34.60
C ARG A 149 8.46 38.30 -33.73
N LEU A 150 7.62 39.28 -34.06
CA LEU A 150 6.38 39.50 -33.31
C LEU A 150 5.40 38.36 -33.50
N LEU A 151 5.36 37.83 -34.72
CA LEU A 151 4.46 36.72 -35.04
C LEU A 151 4.92 35.45 -34.35
N LYS A 152 6.22 35.15 -34.47
CA LYS A 152 6.80 33.97 -33.85
C LYS A 152 6.57 33.97 -32.34
N GLY A 153 6.64 35.15 -31.74
CA GLY A 153 6.45 35.28 -30.30
C GLY A 153 4.99 35.14 -29.92
N PHE A 154 4.12 35.70 -30.75
CA PHE A 154 2.68 35.62 -30.53
C PHE A 154 2.23 34.16 -30.55
N LEU A 155 2.88 33.37 -31.39
CA LEU A 155 2.53 31.95 -31.56
C LEU A 155 3.11 31.09 -30.44
N LYS A 156 4.41 31.25 -30.17
CA LYS A 156 5.08 30.44 -29.15
C LYS A 156 4.47 30.67 -27.78
N ALA A 157 4.01 31.88 -27.53
CA ALA A 157 3.37 32.22 -26.26
C ALA A 157 2.07 31.47 -26.08
N ASN A 158 1.51 30.99 -27.19
CA ASN A 158 0.26 30.24 -27.18
C ASN A 158 0.46 28.80 -27.67
N GLY A 159 1.71 28.33 -27.59
CA GLY A 159 2.02 26.94 -27.85
C GLY A 159 1.66 26.44 -29.24
N ILE A 160 1.81 27.31 -30.24
CA ILE A 160 1.54 26.91 -31.63
C ILE A 160 2.61 27.45 -32.58
N TYR A 161 3.84 27.53 -32.08
CA TYR A 161 4.99 27.87 -32.93
C TYR A 161 5.89 26.65 -33.09
N GLY A 162 6.21 26.33 -34.34
CA GLY A 162 7.04 25.18 -34.66
C GLY A 162 6.25 24.13 -35.40
N ALA A 163 6.84 23.58 -36.46
CA ALA A 163 6.18 22.56 -37.27
C ALA A 163 6.52 21.15 -36.80
N GLU A 164 7.35 21.04 -35.78
CA GLU A 164 7.68 19.71 -35.23
C GLU A 164 6.42 19.04 -34.71
N TYR A 165 6.38 17.71 -34.80
CA TYR A 165 5.18 16.95 -34.48
C TYR A 165 4.71 17.14 -33.04
N LYS A 166 5.60 17.60 -32.17
CA LYS A 166 5.23 17.87 -30.78
C LYS A 166 4.31 19.08 -30.69
N VAL A 167 4.32 19.91 -31.72
CA VAL A 167 3.56 21.16 -31.72
C VAL A 167 2.48 21.18 -32.79
N ARG A 168 2.84 20.77 -34.01
CA ARG A 168 1.94 20.82 -35.16
C ARG A 168 1.41 22.24 -35.39
N GLY A 169 2.32 23.22 -35.36
CA GLY A 169 1.96 24.62 -35.50
C GLY A 169 2.57 25.27 -36.74
N PHE A 170 2.94 26.53 -36.60
CA PHE A 170 3.49 27.32 -37.70
C PHE A 170 5.00 27.24 -37.74
N SER A 171 5.56 26.84 -38.89
CA SER A 171 6.99 26.81 -39.06
C SER A 171 7.54 28.23 -39.14
N GLY A 172 8.84 28.38 -38.88
CA GLY A 172 9.47 29.68 -38.99
C GLY A 172 9.40 30.19 -40.41
N TYR A 173 9.61 29.30 -41.37
CA TYR A 173 9.53 29.63 -42.78
C TYR A 173 8.14 30.12 -43.13
N LEU A 174 7.13 29.49 -42.55
CA LEU A 174 5.74 29.87 -42.77
C LEU A 174 5.48 31.28 -42.26
N CYS A 175 6.03 31.58 -41.08
CA CYS A 175 5.85 32.89 -40.46
C CYS A 175 6.38 34.01 -41.34
N GLU A 176 7.54 33.79 -41.95
CA GLU A 176 8.16 34.80 -42.78
C GLU A 176 7.38 35.02 -44.08
N LEU A 177 6.85 33.95 -44.64
CA LEU A 177 6.05 34.05 -45.86
C LEU A 177 4.79 34.88 -45.62
N LEU A 178 4.22 34.78 -44.43
CA LEU A 178 3.00 35.50 -44.09
C LEU A 178 3.26 37.01 -43.98
N ILE A 179 4.38 37.37 -43.35
CA ILE A 179 4.76 38.77 -43.21
C ILE A 179 5.02 39.39 -44.60
N VAL A 180 5.70 38.65 -45.45
CA VAL A 180 5.92 39.07 -46.83
C VAL A 180 4.60 39.28 -47.53
N PHE A 181 3.63 38.43 -47.21
CA PHE A 181 2.34 38.45 -47.90
C PHE A 181 1.46 39.60 -47.43
N TYR A 182 1.29 39.72 -46.11
CA TYR A 182 0.39 40.73 -45.55
C TYR A 182 1.10 42.04 -45.22
N GLY A 183 2.43 42.00 -45.13
CA GLY A 183 3.23 43.19 -44.92
C GLY A 183 3.70 43.41 -43.50
N SER A 184 2.91 42.95 -42.53
CA SER A 184 3.25 43.13 -41.12
C SER A 184 2.54 42.11 -40.24
N PHE A 185 2.89 42.11 -38.95
CA PHE A 185 2.26 41.23 -37.99
C PHE A 185 0.80 41.61 -37.78
N LEU A 186 0.54 42.91 -37.66
CA LEU A 186 -0.80 43.38 -37.35
C LEU A 186 -1.77 43.09 -38.50
N GLU A 187 -1.26 43.10 -39.74
CA GLU A 187 -2.08 42.82 -40.90
C GLU A 187 -2.36 41.32 -41.02
N THR A 188 -1.39 40.50 -40.60
CA THR A 188 -1.57 39.06 -40.61
C THR A 188 -2.67 38.66 -39.64
N VAL A 189 -2.62 39.23 -38.44
CA VAL A 189 -3.60 38.94 -37.40
C VAL A 189 -4.99 39.42 -37.83
N LYS A 190 -5.05 40.57 -38.48
CA LYS A 190 -6.33 41.13 -38.93
C LYS A 190 -7.00 40.23 -39.96
N ASN A 191 -6.23 39.79 -40.95
CA ASN A 191 -6.77 38.94 -42.02
C ASN A 191 -6.97 37.49 -41.60
N ALA A 192 -6.14 37.02 -40.66
CA ALA A 192 -6.24 35.64 -40.20
C ALA A 192 -7.59 35.35 -39.54
N ARG A 193 -8.26 36.41 -39.07
CA ARG A 193 -9.59 36.28 -38.48
C ARG A 193 -10.58 35.71 -39.49
N ARG A 194 -10.30 35.91 -40.78
CA ARG A 194 -11.20 35.49 -41.84
C ARG A 194 -10.69 34.24 -42.57
N TRP A 195 -9.66 33.61 -42.02
CA TRP A 195 -9.19 32.34 -42.54
C TRP A 195 -10.22 31.25 -42.29
N THR A 196 -10.26 30.27 -43.19
CA THR A 196 -11.13 29.10 -43.03
C THR A 196 -10.30 27.86 -43.31
N ARG A 197 -10.91 26.69 -43.15
CA ARG A 197 -10.19 25.44 -43.35
C ARG A 197 -9.92 25.17 -44.83
N ARG A 198 -10.42 26.04 -45.69
CA ARG A 198 -10.27 25.88 -47.14
C ARG A 198 -9.55 27.07 -47.79
N THR A 199 -9.03 27.98 -46.97
CA THR A 199 -8.32 29.15 -47.48
C THR A 199 -6.97 28.77 -48.09
N VAL A 200 -6.73 29.23 -49.32
CA VAL A 200 -5.45 29.03 -49.98
C VAL A 200 -4.74 30.38 -50.13
N ILE A 201 -3.51 30.44 -49.63
CA ILE A 201 -2.69 31.65 -49.73
C ILE A 201 -1.53 31.41 -50.70
N ASP A 202 -1.62 32.03 -51.87
CA ASP A 202 -0.56 31.92 -52.86
C ASP A 202 0.30 33.19 -52.81
N VAL A 203 1.51 33.04 -52.28
CA VAL A 203 2.38 34.18 -52.03
C VAL A 203 2.95 34.74 -53.33
N ALA A 204 3.45 33.85 -54.18
CA ALA A 204 4.06 34.26 -55.44
C ALA A 204 3.07 34.97 -56.35
N LYS A 205 1.81 34.55 -56.30
CA LYS A 205 0.75 35.16 -57.11
C LYS A 205 0.02 36.25 -56.33
N GLY A 206 0.38 36.40 -55.06
CA GLY A 206 -0.15 37.47 -54.23
C GLY A 206 -1.66 37.49 -54.14
N GLU A 207 -2.27 36.31 -54.08
CA GLU A 207 -3.72 36.21 -54.05
C GLU A 207 -4.18 35.15 -53.06
N VAL A 208 -5.37 35.36 -52.50
CA VAL A 208 -6.01 34.38 -51.64
C VAL A 208 -7.23 33.83 -52.37
N ARG A 209 -7.46 32.53 -52.24
CA ARG A 209 -8.60 31.88 -52.88
C ARG A 209 -9.06 30.67 -52.08
N LYS A 210 -10.24 30.15 -52.41
CA LYS A 210 -10.80 29.00 -51.72
C LYS A 210 -10.34 27.70 -52.39
N GLY A 211 -10.01 26.71 -51.58
CA GLY A 211 -9.54 25.43 -52.09
C GLY A 211 -10.18 24.25 -51.36
N GLU A 212 -9.45 23.14 -51.31
CA GLU A 212 -9.95 21.92 -50.71
C GLU A 212 -9.51 21.83 -49.25
N GLU A 213 -8.35 22.43 -48.97
CA GLU A 213 -7.78 22.43 -47.62
C GLU A 213 -7.00 23.72 -47.41
N PHE A 214 -6.66 24.01 -46.16
CA PHE A 214 -5.82 25.16 -45.87
C PHE A 214 -4.46 24.92 -46.50
N PHE A 215 -4.01 25.86 -47.33
CA PHE A 215 -2.84 25.66 -48.17
C PHE A 215 -2.07 26.96 -48.36
N VAL A 216 -0.84 26.99 -47.88
CA VAL A 216 0.05 28.12 -48.11
C VAL A 216 1.09 27.71 -49.15
N VAL A 217 0.95 28.23 -50.36
CA VAL A 217 1.76 27.80 -51.49
C VAL A 217 3.21 28.26 -51.36
N ASP A 218 4.13 27.30 -51.39
CA ASP A 218 5.56 27.61 -51.35
C ASP A 218 5.95 28.34 -52.63
N PRO A 219 6.57 29.53 -52.51
CA PRO A 219 6.99 30.27 -53.70
C PRO A 219 7.98 29.47 -54.56
N VAL A 220 8.74 28.59 -53.93
CA VAL A 220 9.73 27.80 -54.63
C VAL A 220 9.08 26.64 -55.39
N ASP A 221 8.07 26.02 -54.77
CA ASP A 221 7.39 24.87 -55.36
C ASP A 221 5.88 25.00 -55.15
N GLU A 222 5.15 25.21 -56.23
CA GLU A 222 3.71 25.45 -56.15
C GLU A 222 2.94 24.22 -55.65
N LYS A 223 3.55 23.04 -55.77
CA LYS A 223 2.88 21.80 -55.38
C LYS A 223 3.04 21.51 -53.89
N ARG A 224 3.90 22.27 -53.22
CA ARG A 224 4.17 22.04 -51.81
C ARG A 224 3.37 22.97 -50.90
N ASN A 225 2.78 22.39 -49.85
CA ASN A 225 2.08 23.16 -48.83
C ASN A 225 3.01 23.46 -47.65
N VAL A 226 3.30 24.74 -47.44
CA VAL A 226 4.21 25.13 -46.36
C VAL A 226 3.59 24.84 -45.01
N ALA A 227 2.28 25.04 -44.91
CA ALA A 227 1.56 24.82 -43.65
C ALA A 227 0.98 23.41 -43.59
N ALA A 228 1.65 22.47 -44.24
CA ALA A 228 1.15 21.10 -44.34
C ALA A 228 0.94 20.47 -42.96
N ASN A 229 1.88 20.68 -42.06
CA ASN A 229 1.83 20.04 -40.75
C ASN A 229 1.05 20.86 -39.71
N LEU A 230 0.48 21.98 -40.13
CA LEU A 230 -0.37 22.76 -39.26
C LEU A 230 -1.70 22.03 -39.06
N SER A 231 -1.96 21.57 -37.84
CA SER A 231 -3.16 20.81 -37.56
C SER A 231 -4.39 21.68 -37.72
N LEU A 232 -5.53 21.06 -37.99
CA LEU A 232 -6.78 21.78 -38.17
C LEU A 232 -7.16 22.53 -36.89
N ASP A 233 -6.93 21.89 -35.75
CA ASP A 233 -7.32 22.47 -34.46
C ASP A 233 -6.45 23.66 -34.08
N ASN A 234 -5.16 23.62 -34.43
CA ASN A 234 -4.27 24.74 -34.16
C ASN A 234 -4.60 25.93 -35.04
N LEU A 235 -5.00 25.65 -36.28
CA LEU A 235 -5.46 26.70 -37.18
C LEU A 235 -6.68 27.37 -36.58
N ALA A 236 -7.56 26.58 -35.96
CA ALA A 236 -8.76 27.12 -35.33
C ALA A 236 -8.40 27.95 -34.10
N ARG A 237 -7.44 27.48 -33.32
CA ARG A 237 -6.99 28.21 -32.14
C ARG A 237 -6.36 29.54 -32.50
N PHE A 238 -5.74 29.59 -33.68
CA PHE A 238 -5.08 30.81 -34.14
C PHE A 238 -6.09 31.85 -34.63
N VAL A 239 -7.05 31.41 -35.46
CA VAL A 239 -8.11 32.28 -35.94
C VAL A 239 -8.87 32.88 -34.76
N HIS A 240 -9.10 32.08 -33.73
CA HIS A 240 -9.82 32.55 -32.55
C HIS A 240 -8.96 33.53 -31.75
N LEU A 241 -7.67 33.25 -31.65
CA LEU A 241 -6.75 34.12 -30.95
C LEU A 241 -6.74 35.52 -31.55
N CYS A 242 -6.59 35.57 -32.88
CA CYS A 242 -6.54 36.84 -33.58
C CYS A 242 -7.81 37.66 -33.33
N ARG A 243 -8.96 36.98 -33.31
CA ARG A 243 -10.22 37.64 -33.05
C ARG A 243 -10.26 38.21 -31.64
N GLU A 244 -9.74 37.45 -30.68
CA GLU A 244 -9.69 37.91 -29.30
C GLU A 244 -8.71 39.06 -29.12
N PHE A 245 -7.59 38.99 -29.85
CA PHE A 245 -6.56 40.01 -29.76
C PHE A 245 -7.05 41.35 -30.29
N MET A 246 -7.70 41.32 -31.45
CA MET A 246 -8.19 42.55 -32.08
C MET A 246 -9.35 43.16 -31.30
N GLU A 247 -10.11 42.31 -30.60
CA GLU A 247 -11.26 42.77 -29.83
C GLU A 247 -10.82 43.44 -28.53
N ALA A 248 -9.67 43.01 -28.01
CA ALA A 248 -9.14 43.55 -26.76
C ALA A 248 -7.65 43.28 -26.66
N PRO A 249 -6.83 44.05 -27.41
CA PRO A 249 -5.38 43.86 -27.44
C PRO A 249 -4.75 43.92 -26.05
N SER A 250 -3.68 43.15 -25.85
CA SER A 250 -3.00 43.11 -24.57
C SER A 250 -1.63 42.47 -24.71
N LEU A 251 -0.70 42.85 -23.85
CA LEU A 251 0.65 42.31 -23.90
C LEU A 251 0.68 40.86 -23.44
N GLY A 252 -0.39 40.43 -22.76
CA GLY A 252 -0.46 39.08 -22.22
C GLY A 252 -0.46 38.00 -23.29
N PHE A 253 -0.81 38.38 -24.51
CA PHE A 253 -0.83 37.44 -25.63
C PHE A 253 0.58 37.02 -26.01
N PHE A 254 1.57 37.83 -25.63
CA PHE A 254 2.97 37.57 -25.98
C PHE A 254 3.74 36.93 -24.84
N LYS A 255 3.09 36.81 -23.68
CA LYS A 255 3.69 36.15 -22.52
C LYS A 255 3.06 34.79 -22.31
N PRO A 256 3.88 33.74 -22.08
CA PRO A 256 3.32 32.39 -21.89
C PRO A 256 2.42 32.31 -20.66
N LYS A 257 1.54 31.32 -20.64
CA LYS A 257 0.52 31.22 -19.60
C LYS A 257 1.01 30.46 -18.36
N HIS A 258 0.31 30.68 -17.26
CA HIS A 258 0.67 30.10 -15.96
C HIS A 258 0.53 28.57 -15.95
N PRO A 259 1.23 27.90 -15.01
CA PRO A 259 1.18 26.44 -14.90
C PRO A 259 -0.06 25.93 -14.15
N LEU A 260 -0.89 26.85 -13.68
CA LEU A 260 -2.23 26.56 -13.12
C LEU A 260 -2.26 26.44 -11.60
N GLU A 261 -1.73 25.34 -11.07
CA GLU A 261 -1.80 25.02 -9.63
C GLU A 261 -3.20 24.61 -9.16
N ILE A 262 -3.31 23.31 -8.84
CA ILE A 262 -4.54 22.72 -8.32
C ILE A 262 -4.19 21.56 -7.40
N GLU A 263 -4.99 21.39 -6.33
CA GLU A 263 -4.74 20.35 -5.33
C GLU A 263 -5.51 19.09 -5.65
N PRO A 264 -4.95 17.91 -5.31
CA PRO A 264 -5.58 16.62 -5.64
C PRO A 264 -6.99 16.47 -5.10
N GLU A 265 -7.29 17.06 -3.94
CA GLU A 265 -8.60 16.91 -3.33
C GLU A 265 -9.68 17.57 -4.19
N ARG A 266 -9.39 18.78 -4.66
CA ARG A 266 -10.32 19.49 -5.53
C ARG A 266 -10.50 18.70 -6.82
N LEU A 267 -9.40 18.17 -7.33
CA LEU A 267 -9.42 17.41 -8.58
C LEU A 267 -10.25 16.14 -8.43
N ARG A 268 -10.16 15.49 -7.27
CA ARG A 268 -10.97 14.32 -6.98
C ARG A 268 -12.45 14.69 -6.96
N LYS A 269 -12.75 15.80 -6.28
CA LYS A 269 -14.13 16.25 -6.12
C LYS A 269 -14.75 16.58 -7.47
N ILE A 270 -13.96 17.18 -8.35
CA ILE A 270 -14.41 17.52 -9.70
C ILE A 270 -14.83 16.28 -10.46
N VAL A 271 -13.94 15.28 -10.49
CA VAL A 271 -14.23 14.01 -11.16
C VAL A 271 -15.51 13.38 -10.62
N GLU A 272 -15.72 13.51 -9.30
CA GLU A 272 -16.92 12.95 -8.68
C GLU A 272 -18.17 13.65 -9.20
N GLU A 273 -18.04 14.94 -9.50
CA GLU A 273 -19.16 15.72 -10.01
C GLU A 273 -19.44 15.43 -11.48
N ARG A 274 -18.38 15.07 -12.21
CA ARG A 274 -18.54 14.71 -13.62
C ARG A 274 -19.18 13.33 -13.75
N GLY A 275 -18.89 12.46 -12.78
CA GLY A 275 -19.44 11.11 -12.80
C GLY A 275 -18.80 10.25 -13.86
N THR A 276 -17.59 10.63 -14.27
CA THR A 276 -16.87 9.92 -15.32
C THR A 276 -15.80 9.01 -14.73
N ALA A 277 -15.26 8.14 -15.59
CA ALA A 277 -14.12 7.29 -15.24
C ALA A 277 -12.86 7.89 -15.84
N VAL A 278 -11.95 8.33 -14.97
CA VAL A 278 -10.68 8.90 -15.40
C VAL A 278 -9.54 7.97 -15.00
N PHE A 279 -8.68 7.63 -15.97
CA PHE A 279 -7.56 6.74 -15.71
C PHE A 279 -6.45 6.96 -16.72
N ALA A 280 -5.28 6.42 -16.42
CA ALA A 280 -4.11 6.60 -17.28
C ALA A 280 -3.39 5.27 -17.53
N VAL A 281 -2.73 5.18 -18.69
CA VAL A 281 -1.83 4.08 -18.99
C VAL A 281 -0.40 4.59 -18.82
N LYS A 282 0.29 4.07 -17.81
CA LYS A 282 1.66 4.48 -17.50
C LYS A 282 2.66 3.44 -17.99
N PHE A 283 3.71 3.91 -18.67
CA PHE A 283 4.79 3.03 -19.13
C PHE A 283 6.08 3.82 -19.27
N ARG A 284 7.17 3.13 -19.57
CA ARG A 284 8.48 3.77 -19.67
C ARG A 284 8.69 4.41 -21.04
N LYS A 285 9.16 5.66 -21.03
CA LYS A 285 9.37 6.41 -22.25
C LYS A 285 10.48 5.80 -23.09
N PRO A 286 10.19 5.41 -24.34
CA PRO A 286 11.26 4.92 -25.22
C PRO A 286 12.32 6.00 -25.44
N ASP A 287 13.58 5.59 -25.53
CA ASP A 287 14.67 6.56 -25.70
C ASP A 287 14.78 7.00 -27.16
N ILE A 288 13.85 7.86 -27.57
CA ILE A 288 13.80 8.36 -28.94
C ILE A 288 13.49 9.86 -28.97
N VAL A 289 13.75 10.49 -30.12
CA VAL A 289 13.50 11.92 -30.28
C VAL A 289 12.01 12.23 -30.22
N ASP A 290 11.69 13.48 -29.91
CA ASP A 290 10.30 13.90 -29.79
C ASP A 290 9.54 13.71 -31.09
N ASP A 291 10.21 13.95 -32.22
CA ASP A 291 9.57 13.87 -33.52
C ASP A 291 9.13 12.44 -33.85
N ASN A 292 9.69 11.47 -33.15
CA ASN A 292 9.28 10.08 -33.29
C ASN A 292 8.34 9.66 -32.17
N LEU A 293 8.55 10.24 -30.99
CA LEU A 293 7.79 9.85 -29.81
C LEU A 293 6.34 10.33 -29.85
N TYR A 294 6.16 11.62 -30.08
CA TYR A 294 4.82 12.22 -29.98
C TYR A 294 3.81 11.69 -30.99
N PRO A 295 4.21 11.51 -32.25
CA PRO A 295 3.28 10.91 -33.22
C PRO A 295 2.81 9.53 -32.78
N GLN A 296 3.67 8.80 -32.08
CA GLN A 296 3.33 7.46 -31.61
C GLN A 296 2.38 7.53 -30.42
N LEU A 297 2.61 8.51 -29.54
CA LEU A 297 1.71 8.74 -28.41
C LEU A 297 0.33 9.13 -28.92
N GLU A 298 0.29 9.88 -30.03
CA GLU A 298 -0.96 10.25 -30.65
C GLU A 298 -1.65 9.01 -31.21
N ARG A 299 -0.87 8.11 -31.79
CA ARG A 299 -1.43 6.89 -32.37
C ARG A 299 -1.97 5.96 -31.30
N ALA A 300 -1.17 5.73 -30.26
CA ALA A 300 -1.57 4.88 -29.15
C ALA A 300 -2.80 5.44 -28.47
N SER A 301 -2.78 6.74 -28.18
CA SER A 301 -3.90 7.41 -27.55
C SER A 301 -5.16 7.30 -28.43
N ARG A 302 -4.97 7.31 -29.73
CA ARG A 302 -6.08 7.21 -30.67
C ARG A 302 -6.61 5.78 -30.74
N LYS A 303 -5.70 4.83 -30.85
CA LYS A 303 -6.07 3.42 -30.96
C LYS A 303 -6.88 2.97 -29.76
N ILE A 304 -6.45 3.36 -28.57
CA ILE A 304 -7.15 3.00 -27.34
C ILE A 304 -8.50 3.72 -27.26
N PHE A 305 -8.54 4.96 -27.76
CA PHE A 305 -9.78 5.72 -27.78
C PHE A 305 -10.82 5.00 -28.64
N GLU A 306 -10.41 4.60 -29.84
CA GLU A 306 -11.28 3.90 -30.76
C GLU A 306 -11.74 2.57 -30.17
N PHE A 307 -10.90 1.98 -29.33
CA PHE A 307 -11.25 0.74 -28.63
C PHE A 307 -12.35 1.02 -27.60
N LEU A 308 -12.22 2.13 -26.89
CA LEU A 308 -13.19 2.51 -25.87
C LEU A 308 -14.54 2.86 -26.49
N GLU A 309 -14.51 3.49 -27.67
CA GLU A 309 -15.74 3.75 -28.41
C GLU A 309 -16.38 2.44 -28.84
N ARG A 310 -15.55 1.58 -29.43
CA ARG A 310 -16.01 0.31 -29.97
C ARG A 310 -16.55 -0.61 -28.88
N GLU A 311 -16.00 -0.48 -27.67
CA GLU A 311 -16.44 -1.29 -26.53
C GLU A 311 -17.54 -0.61 -25.72
N ASN A 312 -18.08 0.48 -26.26
CA ASN A 312 -19.23 1.17 -25.66
C ASN A 312 -18.95 1.70 -24.25
N PHE A 313 -17.77 2.29 -24.08
CA PHE A 313 -17.43 2.96 -22.82
C PHE A 313 -17.58 4.47 -22.99
N MET A 314 -17.75 4.90 -24.23
CA MET A 314 -18.11 6.28 -24.54
C MET A 314 -17.09 7.27 -23.99
N PRO A 315 -15.87 7.24 -24.55
CA PRO A 315 -14.81 8.17 -24.15
C PRO A 315 -15.09 9.61 -24.55
N LEU A 316 -14.78 10.56 -23.68
CA LEU A 316 -15.01 11.98 -23.96
C LEU A 316 -13.83 12.56 -24.73
N ARG A 317 -12.66 12.53 -24.10
CA ARG A 317 -11.44 13.02 -24.71
C ARG A 317 -10.26 12.16 -24.28
N SER A 318 -9.09 12.47 -24.83
CA SER A 318 -7.85 11.81 -24.41
C SER A 318 -6.70 12.80 -24.48
N ALA A 319 -5.75 12.65 -23.57
CA ALA A 319 -4.57 13.50 -23.54
C ALA A 319 -3.35 12.63 -23.26
N PHE A 320 -2.16 13.21 -23.38
CA PHE A 320 -0.94 12.49 -23.08
C PHE A 320 0.16 13.41 -22.58
N LYS A 321 1.01 12.88 -21.71
CA LYS A 321 2.18 13.61 -21.25
C LYS A 321 3.42 12.72 -21.37
N ALA A 322 4.57 13.34 -21.55
CA ALA A 322 5.85 12.64 -21.58
C ALA A 322 6.80 13.28 -20.59
N SER A 323 7.18 12.52 -19.56
CA SER A 323 8.18 12.97 -18.59
C SER A 323 9.53 12.41 -18.99
N GLU A 324 10.54 12.59 -18.14
CA GLU A 324 11.89 12.16 -18.47
C GLU A 324 12.04 10.64 -18.48
N GLU A 325 11.17 9.95 -17.74
CA GLU A 325 11.27 8.50 -17.59
C GLU A 325 10.03 7.75 -18.06
N PHE A 326 8.85 8.37 -17.90
CA PHE A 326 7.59 7.72 -18.21
C PHE A 326 6.70 8.53 -19.14
N CYS A 327 5.75 7.84 -19.78
CA CYS A 327 4.74 8.48 -20.63
C CYS A 327 3.36 8.07 -20.16
N TYR A 328 2.42 9.01 -20.16
CA TYR A 328 1.06 8.76 -19.68
C TYR A 328 0.04 8.93 -20.80
N LEU A 329 -0.91 8.00 -20.89
CA LEU A 329 -2.02 8.09 -21.82
C LEU A 329 -3.32 8.27 -21.05
N LEU A 330 -3.80 9.52 -21.01
CA LEU A 330 -4.96 9.87 -20.20
C LEU A 330 -6.27 9.68 -20.99
N PHE A 331 -7.29 9.18 -20.30
CA PHE A 331 -8.60 8.98 -20.89
C PHE A 331 -9.71 9.30 -19.89
N GLU A 332 -10.86 9.72 -20.41
CA GLU A 332 -12.04 9.95 -19.61
C GLU A 332 -13.26 9.34 -20.28
N CYS A 333 -14.02 8.54 -19.54
CA CYS A 333 -15.15 7.80 -20.09
C CYS A 333 -16.46 8.08 -19.35
N GLN A 334 -17.53 8.14 -20.13
CA GLN A 334 -18.86 8.42 -19.59
C GLN A 334 -19.47 7.18 -18.94
N ILE A 335 -18.83 6.04 -19.12
CA ILE A 335 -19.29 4.79 -18.53
C ILE A 335 -18.24 4.25 -17.57
N LYS A 336 -18.56 4.28 -16.28
CA LYS A 336 -17.68 3.71 -15.27
C LYS A 336 -17.78 2.19 -15.28
N GLU A 337 -18.96 1.69 -15.64
CA GLU A 337 -19.22 0.25 -15.61
C GLU A 337 -20.34 -0.13 -16.59
N ILE A 338 -20.19 -1.30 -17.21
CA ILE A 338 -21.17 -1.81 -18.17
C ILE A 338 -21.59 -3.21 -17.78
N SER A 339 -22.74 -3.65 -18.28
CA SER A 339 -23.29 -4.95 -17.92
C SER A 339 -22.41 -6.09 -18.43
N ARG A 340 -22.45 -7.22 -17.72
CA ARG A 340 -21.71 -8.41 -18.12
C ARG A 340 -22.21 -8.92 -19.46
N VAL A 341 -23.53 -8.89 -19.65
CA VAL A 341 -24.15 -9.46 -20.84
C VAL A 341 -24.24 -8.44 -21.97
N PHE A 342 -24.15 -8.93 -23.21
CA PHE A 342 -24.33 -8.10 -24.39
C PHE A 342 -24.96 -8.91 -25.52
N ARG A 343 -25.25 -8.24 -26.63
CA ARG A 343 -25.90 -8.88 -27.78
C ARG A 343 -24.93 -9.16 -28.92
N ARG A 344 -25.03 -10.35 -29.49
CA ARG A 344 -24.25 -10.72 -30.66
C ARG A 344 -25.18 -11.11 -31.80
N MET A 345 -24.90 -10.61 -32.99
CA MET A 345 -25.77 -10.81 -34.15
C MET A 345 -25.47 -12.12 -34.86
N GLY A 346 -26.52 -12.92 -35.06
CA GLY A 346 -26.42 -14.18 -35.79
C GLY A 346 -26.99 -14.05 -37.19
N PRO A 347 -27.15 -15.18 -37.89
CA PRO A 347 -27.60 -15.19 -39.29
C PRO A 347 -29.12 -15.06 -39.43
N GLN A 348 -29.58 -14.88 -40.67
CA GLN A 348 -31.01 -14.81 -40.96
C GLN A 348 -31.62 -16.20 -40.89
N PHE A 349 -32.91 -16.26 -40.53
CA PHE A 349 -33.54 -17.54 -40.20
C PHE A 349 -33.56 -18.53 -41.37
N GLU A 350 -33.53 -18.03 -42.59
CA GLU A 350 -33.55 -18.90 -43.76
C GLU A 350 -32.25 -19.71 -43.87
N ASP A 351 -31.15 -19.09 -43.47
CA ASP A 351 -29.81 -19.66 -43.64
C ASP A 351 -29.57 -20.83 -42.68
N GLU A 352 -30.24 -21.95 -42.93
CA GLU A 352 -30.23 -23.09 -42.01
C GLU A 352 -28.84 -23.57 -41.64
N ARG A 353 -27.94 -23.63 -42.62
CA ARG A 353 -26.57 -24.09 -42.39
C ARG A 353 -25.91 -23.30 -41.27
N ASN A 354 -26.04 -21.97 -41.33
CA ASN A 354 -25.38 -21.09 -40.39
C ASN A 354 -26.14 -20.95 -39.07
N VAL A 355 -27.46 -21.14 -39.11
CA VAL A 355 -28.27 -21.15 -37.90
C VAL A 355 -27.81 -22.30 -37.01
N LYS A 356 -27.54 -23.44 -37.64
CA LYS A 356 -27.08 -24.62 -36.92
C LYS A 356 -25.75 -24.35 -36.23
N LYS A 357 -24.82 -23.74 -36.97
CA LYS A 357 -23.50 -23.43 -36.44
C LYS A 357 -23.58 -22.37 -35.34
N PHE A 358 -24.46 -21.39 -35.54
CA PHE A 358 -24.61 -20.29 -34.59
C PHE A 358 -25.26 -20.75 -33.29
N LEU A 359 -26.17 -21.72 -33.40
CA LEU A 359 -26.89 -22.22 -32.23
C LEU A 359 -26.18 -23.39 -31.55
N SER A 360 -25.02 -23.78 -32.08
CA SER A 360 -24.28 -24.91 -31.53
C SER A 360 -23.44 -24.51 -30.32
N ARG A 361 -23.18 -23.21 -30.18
CA ARG A 361 -22.30 -22.73 -29.12
C ARG A 361 -22.95 -22.81 -27.75
N ASN A 362 -22.15 -23.16 -26.74
CA ASN A 362 -22.62 -23.19 -25.37
C ASN A 362 -22.72 -21.78 -24.82
N ARG A 363 -23.93 -21.38 -24.42
CA ARG A 363 -24.17 -20.06 -23.87
C ARG A 363 -25.02 -20.15 -22.61
N ALA A 364 -24.90 -19.15 -21.76
CA ALA A 364 -25.60 -19.13 -20.48
C ALA A 364 -27.10 -18.86 -20.65
N PHE A 365 -27.48 -18.27 -21.78
CA PHE A 365 -28.87 -17.89 -22.02
C PHE A 365 -29.32 -18.28 -23.42
N ARG A 366 -30.63 -18.48 -23.58
CA ARG A 366 -31.21 -18.88 -24.86
C ARG A 366 -31.11 -17.77 -25.89
N PRO A 367 -30.66 -18.09 -27.12
CA PRO A 367 -30.72 -17.13 -28.24
C PRO A 367 -32.15 -16.86 -28.67
N PHE A 368 -32.37 -15.75 -29.37
CA PHE A 368 -33.72 -15.34 -29.76
C PHE A 368 -33.75 -14.76 -31.17
N ILE A 369 -34.94 -14.78 -31.77
CA ILE A 369 -35.15 -14.19 -33.09
C ILE A 369 -35.65 -12.75 -32.95
N GLU A 370 -35.23 -11.90 -33.89
CA GLU A 370 -35.67 -10.50 -33.91
C GLU A 370 -35.50 -9.94 -35.31
N ASN A 371 -36.62 -9.58 -35.92
CA ASN A 371 -36.63 -9.04 -37.28
C ASN A 371 -35.95 -9.99 -38.27
N GLY A 372 -36.26 -11.27 -38.15
CA GLY A 372 -35.83 -12.26 -39.11
C GLY A 372 -34.47 -12.87 -38.83
N ARG A 373 -33.66 -12.21 -38.01
CA ARG A 373 -32.31 -12.68 -37.71
C ARG A 373 -32.26 -13.37 -36.35
N TRP A 374 -31.21 -14.17 -36.14
CA TRP A 374 -30.96 -14.79 -34.85
C TRP A 374 -29.98 -13.94 -34.04
N TRP A 375 -30.27 -13.79 -32.75
CA TRP A 375 -29.41 -13.05 -31.84
C TRP A 375 -29.10 -13.93 -30.63
N ALA A 376 -27.99 -13.65 -29.96
CA ALA A 376 -27.59 -14.42 -28.80
C ALA A 376 -26.98 -13.51 -27.73
N PHE A 377 -27.32 -13.81 -26.47
CA PHE A 377 -26.69 -13.12 -25.34
C PHE A 377 -25.35 -13.78 -25.05
N GLU A 378 -24.34 -12.96 -24.78
CA GLU A 378 -23.02 -13.47 -24.42
C GLU A 378 -22.37 -12.59 -23.35
N MET A 379 -21.31 -13.10 -22.73
CA MET A 379 -20.70 -12.44 -21.58
C MET A 379 -19.41 -11.72 -21.95
N ARG A 380 -19.30 -10.47 -21.52
CA ARG A 380 -18.08 -9.69 -21.69
C ARG A 380 -16.96 -10.26 -20.81
N LYS A 381 -15.73 -10.03 -21.23
CA LYS A 381 -14.57 -10.44 -20.44
C LYS A 381 -14.26 -9.38 -19.37
N PHE A 382 -14.56 -8.13 -19.70
CA PHE A 382 -14.37 -7.01 -18.78
C PHE A 382 -15.65 -6.20 -18.70
N THR A 383 -15.79 -5.37 -17.66
CA THR A 383 -16.98 -4.57 -17.47
C THR A 383 -16.67 -3.11 -17.13
N THR A 384 -15.39 -2.77 -17.11
CA THR A 384 -14.97 -1.39 -16.86
C THR A 384 -13.95 -0.97 -17.91
N PRO A 385 -13.87 0.35 -18.20
CA PRO A 385 -12.91 0.80 -19.20
C PRO A 385 -11.47 0.52 -18.79
N GLU A 386 -11.17 0.63 -17.50
CA GLU A 386 -9.82 0.33 -17.01
C GLU A 386 -9.41 -1.09 -17.40
N GLU A 387 -10.27 -2.04 -17.09
CA GLU A 387 -9.98 -3.45 -17.35
C GLU A 387 -10.00 -3.73 -18.85
N GLY A 388 -10.84 -3.00 -19.57
CA GLY A 388 -10.91 -3.12 -21.01
C GLY A 388 -9.61 -2.71 -21.68
N VAL A 389 -9.07 -1.59 -21.25
CA VAL A 389 -7.80 -1.09 -21.78
C VAL A 389 -6.66 -2.03 -21.39
N ARG A 390 -6.75 -2.61 -20.19
CA ARG A 390 -5.75 -3.55 -19.72
C ARG A 390 -5.65 -4.73 -20.69
N SER A 391 -6.80 -5.27 -21.08
CA SER A 391 -6.84 -6.36 -22.05
C SER A 391 -6.30 -5.92 -23.40
N TYR A 392 -6.73 -4.76 -23.87
CA TYR A 392 -6.35 -4.27 -25.19
C TYR A 392 -4.86 -3.97 -25.26
N ALA A 393 -4.33 -3.33 -24.22
CA ALA A 393 -2.91 -2.98 -24.18
C ALA A 393 -2.05 -4.23 -24.14
N SER A 394 -2.62 -5.33 -23.64
CA SER A 394 -1.88 -6.58 -23.52
C SER A 394 -1.82 -7.36 -24.83
N THR A 395 -2.94 -7.37 -25.56
CA THR A 395 -3.07 -8.19 -26.76
C THR A 395 -3.02 -7.37 -28.05
N HIS A 396 -2.83 -6.06 -27.93
CA HIS A 396 -2.66 -5.20 -29.10
C HIS A 396 -1.60 -4.14 -28.82
N TRP A 397 -0.52 -4.56 -28.16
CA TRP A 397 0.62 -3.69 -27.91
C TRP A 397 1.26 -3.26 -29.24
N HIS A 398 1.26 -4.18 -30.19
CA HIS A 398 1.99 -4.00 -31.44
C HIS A 398 1.47 -2.87 -32.32
N THR A 399 0.22 -2.48 -32.12
CA THR A 399 -0.41 -1.47 -32.97
C THR A 399 -0.39 -0.07 -32.34
N LEU A 400 0.22 0.04 -31.17
CA LEU A 400 0.28 1.32 -30.46
C LEU A 400 1.57 2.08 -30.81
N GLY A 401 1.99 1.94 -32.06
CA GLY A 401 3.24 2.54 -32.50
C GLY A 401 4.41 1.60 -32.29
N LYS A 402 5.48 1.80 -33.06
CA LYS A 402 6.63 0.90 -33.02
C LYS A 402 7.26 0.85 -31.63
N ASN A 403 7.92 1.95 -31.25
CA ASN A 403 8.66 1.99 -29.99
C ASN A 403 7.76 2.03 -28.76
N VAL A 404 6.67 2.78 -28.84
CA VAL A 404 5.73 2.90 -27.73
C VAL A 404 5.08 1.54 -27.46
N GLY A 405 4.65 0.87 -28.53
CA GLY A 405 4.03 -0.43 -28.41
C GLY A 405 4.95 -1.46 -27.80
N GLU A 406 6.24 -1.36 -28.10
CA GLU A 406 7.22 -2.30 -27.57
C GLU A 406 7.47 -2.08 -26.09
N SER A 407 7.45 -0.82 -25.66
CA SER A 407 7.65 -0.49 -24.25
C SER A 407 6.44 -0.92 -23.43
N ILE A 408 5.26 -0.86 -24.04
CA ILE A 408 4.03 -1.30 -23.38
C ILE A 408 4.02 -2.82 -23.29
N ARG A 409 4.56 -3.47 -24.31
CA ARG A 409 4.63 -4.92 -24.34
C ARG A 409 5.46 -5.45 -23.17
N GLU A 410 6.48 -4.69 -22.79
CA GLU A 410 7.33 -5.07 -21.67
C GLU A 410 6.62 -4.80 -20.34
N TYR A 411 6.19 -3.56 -20.16
CA TYR A 411 5.58 -3.15 -18.88
C TYR A 411 4.63 -1.97 -19.04
N PHE A 412 3.48 -2.06 -18.39
CA PHE A 412 2.56 -0.94 -18.28
C PHE A 412 1.64 -1.16 -17.08
N GLU A 413 1.08 -0.08 -16.55
CA GLU A 413 0.18 -0.18 -15.41
C GLU A 413 -0.98 0.82 -15.54
N ILE A 414 -2.18 0.34 -15.26
CA ILE A 414 -3.39 1.17 -15.27
C ILE A 414 -3.53 1.87 -13.93
N ILE A 415 -3.56 3.21 -13.96
CA ILE A 415 -3.66 4.01 -12.74
C ILE A 415 -4.95 4.82 -12.73
N SER A 416 -5.92 4.36 -11.94
CA SER A 416 -7.22 5.01 -11.83
C SER A 416 -7.40 5.62 -10.45
N GLY A 417 -8.58 6.19 -10.22
CA GLY A 417 -8.93 6.73 -8.92
C GLY A 417 -8.01 7.82 -8.43
N GLU A 418 -7.96 7.99 -7.11
CA GLU A 418 -7.19 9.05 -6.47
C GLU A 418 -5.69 8.87 -6.68
N LYS A 419 -5.29 7.65 -7.01
CA LYS A 419 -3.88 7.33 -7.17
C LYS A 419 -3.31 8.00 -8.43
N LEU A 420 -4.19 8.37 -9.36
CA LEU A 420 -3.77 9.01 -10.60
C LEU A 420 -3.39 10.46 -10.38
N PHE A 421 -3.99 11.09 -9.38
CA PHE A 421 -3.75 12.51 -9.11
C PHE A 421 -2.38 12.74 -8.49
N LYS A 422 -1.76 11.67 -8.01
CA LYS A 422 -0.41 11.75 -7.44
C LYS A 422 0.64 11.81 -8.54
N GLU A 423 0.33 11.21 -9.69
CA GLU A 423 1.21 11.26 -10.85
C GLU A 423 1.34 12.69 -11.35
N PRO A 424 2.42 12.99 -12.10
CA PRO A 424 2.63 14.35 -12.60
C PRO A 424 1.87 14.61 -13.90
N VAL A 425 0.55 14.59 -13.83
CA VAL A 425 -0.29 14.74 -15.02
C VAL A 425 -1.50 15.65 -14.75
N THR A 426 -1.44 16.39 -13.64
CA THR A 426 -2.56 17.25 -13.25
C THR A 426 -2.83 18.30 -14.31
N ALA A 427 -1.76 18.85 -14.89
CA ALA A 427 -1.90 19.89 -15.92
C ALA A 427 -2.66 19.35 -17.12
N GLU A 428 -2.35 18.13 -17.52
CA GLU A 428 -2.97 17.50 -18.67
C GLU A 428 -4.41 17.07 -18.36
N LEU A 429 -4.66 16.77 -17.09
CA LEU A 429 -6.01 16.39 -16.66
C LEU A 429 -6.93 17.61 -16.59
N CYS A 430 -6.37 18.75 -16.19
CA CYS A 430 -7.14 19.97 -16.07
C CYS A 430 -7.50 20.52 -17.45
N GLU A 431 -6.56 20.44 -18.38
CA GLU A 431 -6.80 20.89 -19.75
C GLU A 431 -7.83 19.99 -20.42
N MET A 432 -7.71 18.69 -20.19
CA MET A 432 -8.58 17.71 -20.82
C MET A 432 -10.02 17.88 -20.37
N MET A 433 -10.22 18.09 -19.07
CA MET A 433 -11.55 18.20 -18.50
C MET A 433 -12.08 19.63 -18.56
N GLY A 434 -11.27 20.54 -19.09
CA GLY A 434 -11.67 21.94 -19.18
C GLY A 434 -11.89 22.55 -17.80
N VAL A 435 -11.01 22.24 -16.87
CA VAL A 435 -11.07 22.82 -15.52
C VAL A 435 -10.62 24.27 -15.57
N LYS A 436 -11.39 25.16 -14.96
CA LYS A 436 -11.09 26.59 -14.97
C LYS A 436 -10.43 27.03 -13.67
N ASP A 437 -9.61 28.08 -13.78
CA ASP A 437 -8.87 28.59 -12.63
C ASP A 437 -9.81 29.17 -11.58
N LYS D 2 27.67 33.32 -11.52
CA LYS D 2 28.48 32.14 -11.30
C LYS D 2 28.82 31.97 -9.82
N VAL D 3 29.13 30.73 -9.44
CA VAL D 3 29.40 30.40 -8.04
C VAL D 3 30.65 31.13 -7.54
N GLU D 4 31.69 31.16 -8.37
CA GLU D 4 32.97 31.76 -8.00
C GLU D 4 32.83 33.22 -7.61
N GLU D 5 31.90 33.92 -8.24
CA GLU D 5 31.67 35.34 -7.95
C GLU D 5 30.84 35.49 -6.67
N ILE D 6 29.92 34.56 -6.46
CA ILE D 6 29.10 34.56 -5.25
C ILE D 6 29.97 34.36 -4.02
N LEU D 7 30.89 33.41 -4.09
CA LEU D 7 31.80 33.12 -2.99
C LEU D 7 32.76 34.29 -2.76
N GLU D 8 33.04 35.04 -3.82
CA GLU D 8 33.89 36.22 -3.70
C GLU D 8 33.14 37.33 -3.00
N LYS D 9 31.88 37.52 -3.39
CA LYS D 9 31.01 38.50 -2.76
C LYS D 9 30.80 38.16 -1.28
N ALA D 10 30.76 36.87 -0.99
CA ALA D 10 30.51 36.39 0.36
C ALA D 10 31.64 36.77 1.31
N LEU D 11 32.87 36.79 0.80
CA LEU D 11 34.05 37.10 1.62
C LEU D 11 33.92 38.46 2.29
N GLU D 12 33.17 39.36 1.67
CA GLU D 12 32.96 40.69 2.23
C GLU D 12 32.17 40.61 3.54
N LEU D 13 31.11 39.82 3.53
CA LEU D 13 30.25 39.64 4.69
C LEU D 13 30.96 38.79 5.76
N VAL D 14 31.99 38.08 5.33
CA VAL D 14 32.57 36.99 6.13
C VAL D 14 33.92 37.36 6.75
N ILE D 15 34.79 37.97 5.95
CA ILE D 15 36.14 38.31 6.43
C ILE D 15 36.09 39.56 7.32
N PRO D 16 36.76 39.52 8.49
CA PRO D 16 36.76 40.69 9.37
C PRO D 16 37.54 41.87 8.78
N ASP D 17 37.02 43.07 8.95
CA ASP D 17 37.65 44.27 8.40
C ASP D 17 38.99 44.55 9.08
N GLU D 18 39.80 45.41 8.45
CA GLU D 18 41.14 45.71 8.92
C GLU D 18 41.15 46.30 10.33
N GLU D 19 40.14 47.12 10.63
CA GLU D 19 40.04 47.74 11.95
C GLU D 19 39.84 46.69 13.03
N GLU D 20 39.09 45.63 12.69
CA GLU D 20 38.82 44.56 13.62
C GLU D 20 40.10 43.75 13.89
N VAL D 21 40.96 43.69 12.89
CA VAL D 21 42.24 42.99 13.03
C VAL D 21 43.20 43.82 13.89
N ARG D 22 43.29 45.11 13.60
CA ARG D 22 44.17 45.99 14.34
C ARG D 22 43.72 46.10 15.80
N LYS D 23 42.41 46.00 16.01
CA LYS D 23 41.86 46.01 17.36
C LYS D 23 42.33 44.79 18.13
N GLY D 24 42.37 43.65 17.44
CA GLY D 24 42.81 42.41 18.05
C GLY D 24 44.32 42.28 18.13
N ARG D 25 45.01 42.76 17.11
CA ARG D 25 46.46 42.69 17.05
C ARG D 25 47.09 43.53 18.17
N GLU D 26 46.53 44.70 18.41
CA GLU D 26 47.00 45.58 19.47
C GLU D 26 46.64 45.03 20.84
N ALA D 27 45.53 44.31 20.91
CA ALA D 27 45.10 43.68 22.14
C ALA D 27 45.96 42.44 22.43
N GLU D 28 46.39 41.78 21.37
CA GLU D 28 47.23 40.59 21.50
C GLU D 28 48.64 40.97 21.94
N GLU D 29 49.26 41.88 21.19
CA GLU D 29 50.62 42.31 21.47
C GLU D 29 50.76 42.85 22.89
N GLU D 30 49.72 43.54 23.36
CA GLU D 30 49.72 44.07 24.71
C GLU D 30 49.49 42.96 25.73
N LEU D 31 48.68 41.98 25.36
CA LEU D 31 48.36 40.87 26.24
C LEU D 31 49.58 40.00 26.51
N ARG D 32 50.47 39.93 25.53
CA ARG D 32 51.69 39.13 25.66
C ARG D 32 52.68 39.79 26.61
N ARG D 33 52.86 41.10 26.47
CA ARG D 33 53.79 41.85 27.31
C ARG D 33 53.48 41.65 28.78
N ARG D 34 52.20 41.60 29.12
CA ARG D 34 51.77 41.43 30.50
C ARG D 34 52.03 40.01 30.98
N LEU D 35 51.98 39.06 30.06
CA LEU D 35 52.20 37.65 30.39
C LEU D 35 53.69 37.32 30.46
N ASP D 36 54.49 38.00 29.65
CA ASP D 36 55.93 37.77 29.61
C ASP D 36 56.59 38.25 30.90
N GLU D 37 56.14 39.40 31.40
CA GLU D 37 56.71 39.99 32.61
C GLU D 37 56.55 39.06 33.81
N LEU D 38 55.39 38.43 33.92
CA LEU D 38 55.13 37.50 35.01
C LEU D 38 55.93 36.21 34.85
N GLY D 39 56.39 35.97 33.63
CA GLY D 39 57.20 34.79 33.34
C GLY D 39 56.40 33.50 33.49
N VAL D 40 55.21 33.47 32.89
CA VAL D 40 54.33 32.32 32.96
C VAL D 40 54.30 31.56 31.63
N GLU D 41 54.16 30.25 31.71
CA GLU D 41 54.04 29.41 30.52
C GLU D 41 52.63 29.54 29.93
N TYR D 42 52.55 30.07 28.71
CA TYR D 42 51.26 30.28 28.05
C TYR D 42 51.34 29.95 26.57
N VAL D 43 50.19 29.95 25.91
CA VAL D 43 50.12 29.69 24.48
C VAL D 43 48.80 30.22 23.91
N PHE D 44 48.88 30.83 22.73
CA PHE D 44 47.69 31.32 22.05
C PHE D 44 47.12 30.26 21.13
N VAL D 45 45.84 29.94 21.33
CA VAL D 45 45.15 28.93 20.54
C VAL D 45 43.83 29.49 20.03
N GLY D 46 42.92 28.60 19.64
CA GLY D 46 41.58 29.01 19.25
C GLY D 46 41.51 29.61 17.87
N SER D 47 40.31 30.06 17.49
CA SER D 47 40.05 30.57 16.16
C SER D 47 40.87 31.82 15.83
N TYR D 48 41.36 32.49 16.87
CA TYR D 48 42.16 33.69 16.68
C TYR D 48 43.59 33.35 16.28
N ALA D 49 44.18 32.39 16.99
CA ALA D 49 45.57 32.02 16.76
C ALA D 49 45.83 31.50 15.35
N ARG D 50 44.78 31.02 14.70
CA ARG D 50 44.88 30.50 13.33
C ARG D 50 44.28 31.47 12.33
N ASN D 51 43.76 32.59 12.82
CA ASN D 51 43.16 33.61 11.97
C ASN D 51 42.02 33.04 11.13
N THR D 52 41.02 32.47 11.81
CA THR D 52 39.87 31.87 11.15
C THR D 52 38.55 32.38 11.76
N TRP D 53 38.65 33.30 12.71
CA TRP D 53 37.47 33.80 13.40
C TRP D 53 36.56 34.56 12.44
N LEU D 54 35.25 34.35 12.59
CA LEU D 54 34.27 34.95 11.71
C LEU D 54 34.11 36.44 12.02
N LYS D 55 33.64 37.19 11.03
CA LYS D 55 33.46 38.64 11.18
C LYS D 55 32.51 38.98 12.32
N GLY D 56 32.94 39.87 13.21
CA GLY D 56 32.14 40.30 14.32
C GLY D 56 32.31 39.43 15.55
N SER D 57 32.79 38.21 15.35
CA SER D 57 32.97 37.26 16.45
C SER D 57 34.43 37.15 16.85
N LEU D 58 34.99 38.26 17.33
CA LEU D 58 36.40 38.29 17.75
C LEU D 58 36.55 37.90 19.21
N GLU D 59 37.38 36.90 19.47
CA GLU D 59 37.65 36.45 20.83
C GLU D 59 39.04 35.83 20.91
N ILE D 60 39.79 36.20 21.94
CA ILE D 60 41.16 35.73 22.13
C ILE D 60 41.20 34.59 23.15
N ASP D 61 41.65 33.42 22.71
CA ASP D 61 41.75 32.24 23.57
C ASP D 61 43.21 31.97 23.94
N VAL D 62 43.51 32.09 25.24
CA VAL D 62 44.85 31.86 25.74
C VAL D 62 44.82 30.75 26.80
N PHE D 63 45.73 29.80 26.68
CA PHE D 63 45.82 28.68 27.62
C PHE D 63 47.13 28.71 28.40
N LEU D 64 47.03 28.49 29.70
CA LEU D 64 48.21 28.47 30.58
C LEU D 64 48.71 27.05 30.77
N LEU D 65 49.97 26.81 30.37
CA LEU D 65 50.55 25.48 30.38
C LEU D 65 51.37 25.22 31.64
N PHE D 66 50.76 24.59 32.63
CA PHE D 66 51.44 24.29 33.90
C PHE D 66 51.91 22.84 33.95
N PRO D 67 52.86 22.54 34.86
CA PRO D 67 53.36 21.17 35.01
C PRO D 67 52.27 20.17 35.40
N GLU D 68 52.60 18.88 35.30
CA GLU D 68 51.65 17.82 35.63
C GLU D 68 51.60 17.55 37.13
N GLU D 69 52.61 18.03 37.85
CA GLU D 69 52.70 17.80 39.29
C GLU D 69 51.56 18.45 40.05
N PHE D 70 51.29 19.72 39.75
CA PHE D 70 50.22 20.45 40.42
C PHE D 70 48.87 19.88 40.04
N SER D 71 48.22 19.20 41.00
CA SER D 71 46.98 18.49 40.73
C SER D 71 45.73 19.33 40.99
N LYS D 72 44.79 19.25 40.07
CA LYS D 72 43.48 19.92 40.16
C LYS D 72 43.53 21.35 40.72
N GLU D 73 42.93 21.55 41.89
CA GLU D 73 42.71 22.89 42.43
C GLU D 73 44.00 23.68 42.69
N GLU D 74 45.14 23.03 42.58
CA GLU D 74 46.42 23.70 42.78
C GLU D 74 46.63 24.80 41.73
N LEU D 75 46.50 24.43 40.46
CA LEU D 75 46.72 25.38 39.38
C LEU D 75 45.46 26.16 39.02
N ARG D 76 44.30 25.67 39.46
CA ARG D 76 43.03 26.32 39.16
C ARG D 76 42.99 27.73 39.72
N GLU D 77 43.20 27.85 41.03
CA GLU D 77 43.16 29.15 41.69
C GLU D 77 44.36 30.00 41.31
N ARG D 78 45.50 29.35 41.08
CA ARG D 78 46.72 30.05 40.69
C ARG D 78 46.58 30.62 39.29
N GLY D 79 46.04 29.83 38.37
CA GLY D 79 45.82 30.29 37.01
C GLY D 79 44.77 31.37 36.95
N LEU D 80 43.83 31.33 37.88
CA LEU D 80 42.77 32.33 37.97
C LEU D 80 43.38 33.66 38.42
N GLU D 81 44.32 33.58 39.35
CA GLU D 81 44.99 34.76 39.88
C GLU D 81 45.77 35.48 38.79
N ILE D 82 46.42 34.71 37.92
CA ILE D 82 47.19 35.27 36.82
C ILE D 82 46.27 35.95 35.82
N GLY D 83 45.06 35.42 35.66
CA GLY D 83 44.09 35.97 34.73
C GLY D 83 43.59 37.35 35.16
N LYS D 84 43.67 37.63 36.45
CA LYS D 84 43.24 38.92 36.98
C LYS D 84 44.32 39.97 36.80
N ALA D 85 45.58 39.54 36.92
CA ALA D 85 46.72 40.45 36.84
C ALA D 85 47.18 40.67 35.40
N VAL D 86 46.29 40.36 34.45
CA VAL D 86 46.59 40.53 33.03
C VAL D 86 45.41 41.17 32.30
N LEU D 87 44.20 40.91 32.78
CA LEU D 87 42.98 41.45 32.18
C LEU D 87 42.57 42.75 32.84
N ASP D 88 41.84 43.58 32.10
CA ASP D 88 41.34 44.84 32.63
C ASP D 88 40.08 44.61 33.47
N SER D 89 38.93 44.50 32.79
CA SER D 89 37.66 44.24 33.45
C SER D 89 37.29 42.77 33.32
N TYR D 90 37.72 41.97 34.29
CA TYR D 90 37.54 40.52 34.24
C TYR D 90 36.29 40.07 34.98
N GLU D 91 35.98 38.79 34.84
CA GLU D 91 34.89 38.17 35.58
C GLU D 91 35.05 36.65 35.54
N ILE D 92 34.78 35.98 36.67
CA ILE D 92 34.95 34.54 36.75
C ILE D 92 33.78 33.82 36.07
N ARG D 93 34.10 32.96 35.11
CA ARG D 93 33.11 32.13 34.44
C ARG D 93 33.39 30.66 34.70
N TYR D 94 32.33 29.90 35.01
CA TYR D 94 32.47 28.50 35.37
C TYR D 94 32.15 27.57 34.20
N ALA D 95 33.17 26.88 33.71
CA ALA D 95 33.00 25.79 32.76
C ALA D 95 33.28 24.50 33.53
N GLU D 96 34.02 23.57 32.93
CA GLU D 96 34.46 22.39 33.67
C GLU D 96 35.42 22.86 34.74
N HIS D 97 36.29 23.80 34.35
CA HIS D 97 37.22 24.43 35.28
C HIS D 97 36.91 25.93 35.34
N PRO D 98 36.98 26.52 36.55
CA PRO D 98 36.81 27.98 36.65
C PRO D 98 37.87 28.72 35.83
N TYR D 99 37.45 29.30 34.71
CA TYR D 99 38.34 30.11 33.88
C TYR D 99 37.98 31.58 34.03
N VAL D 100 38.75 32.45 33.39
CA VAL D 100 38.59 33.89 33.53
C VAL D 100 38.31 34.55 32.18
N HIS D 101 37.15 35.19 32.08
CA HIS D 101 36.79 35.96 30.89
C HIS D 101 36.83 37.45 31.24
N GLY D 102 37.44 38.24 30.36
CA GLY D 102 37.54 39.68 30.58
C GLY D 102 37.70 40.44 29.28
N VAL D 103 38.38 41.58 29.35
CA VAL D 103 38.62 42.42 28.19
C VAL D 103 40.01 43.05 28.26
N VAL D 104 40.64 43.21 27.10
CA VAL D 104 41.94 43.87 26.99
C VAL D 104 41.91 44.83 25.81
N LYS D 105 41.86 46.13 26.12
CA LYS D 105 41.80 47.17 25.10
C LYS D 105 40.60 46.99 24.18
N GLY D 106 39.47 46.60 24.76
CA GLY D 106 38.22 46.48 24.03
C GLY D 106 37.92 45.08 23.51
N VAL D 107 38.97 44.26 23.41
CA VAL D 107 38.84 42.91 22.88
C VAL D 107 38.58 41.91 24.00
N GLU D 108 37.59 41.04 23.80
CA GLU D 108 37.27 40.01 24.79
C GLU D 108 38.32 38.91 24.79
N VAL D 109 38.66 38.41 25.97
CA VAL D 109 39.73 37.42 26.13
C VAL D 109 39.32 36.31 27.08
N ASP D 110 39.79 35.10 26.80
CA ASP D 110 39.60 33.96 27.68
C ASP D 110 40.95 33.46 28.18
N VAL D 111 40.99 33.03 29.44
CA VAL D 111 42.21 32.51 30.05
C VAL D 111 41.90 31.20 30.77
N VAL D 112 42.24 30.09 30.13
CA VAL D 112 41.93 28.76 30.64
C VAL D 112 43.20 28.03 31.09
N PRO D 113 43.30 27.66 32.37
CA PRO D 113 44.47 26.90 32.81
C PRO D 113 44.36 25.43 32.43
N CYS D 114 45.50 24.78 32.19
CA CYS D 114 45.51 23.37 31.82
C CYS D 114 46.91 22.77 31.98
N TYR D 115 47.01 21.46 31.72
CA TYR D 115 48.29 20.76 31.83
C TYR D 115 49.12 20.94 30.57
N LYS D 116 50.43 20.76 30.72
CA LYS D 116 51.36 20.69 29.59
C LYS D 116 51.78 19.24 29.38
N LEU D 117 51.09 18.56 28.48
CA LEU D 117 51.27 17.13 28.28
C LEU D 117 52.23 16.82 27.15
N LYS D 118 52.86 15.65 27.22
CA LYS D 118 53.87 15.24 26.25
C LYS D 118 53.20 14.88 24.92
N GLU D 119 52.28 13.93 24.98
CA GLU D 119 51.53 13.47 23.82
C GLU D 119 50.06 13.36 24.19
N PRO D 120 49.17 13.24 23.19
CA PRO D 120 47.74 13.15 23.50
C PRO D 120 47.31 11.80 24.08
N LYS D 121 48.13 11.23 24.97
CA LYS D 121 47.80 9.99 25.66
C LYS D 121 47.40 10.32 27.10
N ASN D 122 47.95 11.40 27.64
CA ASN D 122 47.69 11.82 29.01
C ASN D 122 46.47 12.73 29.10
N ILE D 123 45.59 12.65 28.11
CA ILE D 123 44.40 13.48 28.07
C ILE D 123 43.47 13.18 29.24
N LYS D 124 43.12 14.23 29.98
CA LYS D 124 42.20 14.11 31.11
C LYS D 124 40.84 14.70 30.75
N SER D 125 40.85 15.97 30.37
CA SER D 125 39.63 16.69 30.02
C SER D 125 39.70 17.27 28.61
N ALA D 126 38.67 18.01 28.23
CA ALA D 126 38.61 18.63 26.91
C ALA D 126 39.59 19.80 26.81
N VAL D 127 39.84 20.45 27.94
CA VAL D 127 40.76 21.57 27.98
C VAL D 127 42.19 21.12 27.64
N ASP D 128 42.49 19.86 27.93
CA ASP D 128 43.82 19.31 27.65
C ASP D 128 44.00 18.96 26.17
N ARG D 129 42.89 18.89 25.43
CA ARG D 129 42.93 18.54 24.03
C ARG D 129 43.07 19.77 23.12
N THR D 130 42.60 20.91 23.62
CA THR D 130 42.59 22.14 22.81
C THR D 130 43.98 22.52 22.28
N PRO D 131 45.03 22.34 23.09
CA PRO D 131 46.37 22.62 22.57
C PRO D 131 46.75 21.69 21.42
N PHE D 132 46.35 20.43 21.53
CA PHE D 132 46.66 19.44 20.50
C PHE D 132 45.85 19.68 19.24
N HIS D 133 44.63 20.17 19.40
CA HIS D 133 43.79 20.53 18.26
C HIS D 133 44.44 21.68 17.49
N HIS D 134 45.01 22.63 18.24
CA HIS D 134 45.66 23.79 17.63
C HIS D 134 46.94 23.38 16.93
N LYS D 135 47.74 22.56 17.59
CA LYS D 135 49.02 22.11 17.05
C LYS D 135 48.81 21.33 15.76
N TRP D 136 47.71 20.58 15.70
CA TRP D 136 47.41 19.75 14.54
C TRP D 136 46.92 20.60 13.37
N LEU D 137 46.31 21.74 13.70
CA LEU D 137 45.65 22.57 12.68
C LEU D 137 46.48 23.75 12.22
N GLU D 138 47.35 24.27 13.09
CA GLU D 138 48.08 25.50 12.83
C GLU D 138 48.82 25.48 11.50
N GLY D 139 49.36 24.32 11.13
CA GLY D 139 50.11 24.19 9.89
C GLY D 139 49.24 23.84 8.70
N ARG D 140 48.31 22.91 8.90
CA ARG D 140 47.50 22.39 7.81
C ARG D 140 46.48 23.41 7.29
N ILE D 141 46.05 24.32 8.15
CA ILE D 141 44.97 25.24 7.79
C ILE D 141 45.48 26.48 7.05
N LYS D 142 46.79 26.70 7.08
CA LYS D 142 47.38 27.86 6.42
C LYS D 142 47.04 27.91 4.94
N GLY D 143 46.54 29.06 4.50
CA GLY D 143 46.17 29.24 3.11
C GLY D 143 44.74 28.83 2.84
N LYS D 144 44.02 28.48 3.90
CA LYS D 144 42.63 28.04 3.78
C LYS D 144 41.75 28.75 4.79
N GLU D 145 42.27 29.81 5.39
CA GLU D 145 41.54 30.56 6.41
C GLU D 145 40.21 31.09 5.86
N ASN D 146 40.23 31.56 4.62
CA ASN D 146 39.04 32.10 3.98
C ASN D 146 38.02 31.01 3.64
N GLU D 147 38.50 29.79 3.45
CA GLU D 147 37.61 28.66 3.17
C GLU D 147 36.83 28.29 4.42
N VAL D 148 37.50 28.39 5.58
CA VAL D 148 36.86 28.11 6.86
C VAL D 148 35.77 29.13 7.12
N ARG D 149 36.10 30.40 6.93
CA ARG D 149 35.19 31.49 7.27
C ARG D 149 33.95 31.48 6.37
N LEU D 150 34.11 31.01 5.14
CA LEU D 150 32.98 30.86 4.23
C LEU D 150 32.00 29.83 4.78
N LEU D 151 32.55 28.72 5.28
CA LEU D 151 31.74 27.66 5.85
C LEU D 151 31.05 28.13 7.12
N LYS D 152 31.82 28.79 7.99
CA LYS D 152 31.29 29.31 9.24
C LYS D 152 30.15 30.30 9.00
N GLY D 153 30.29 31.11 7.96
CA GLY D 153 29.26 32.07 7.61
C GLY D 153 28.04 31.39 7.03
N PHE D 154 28.28 30.41 6.18
CA PHE D 154 27.22 29.66 5.52
C PHE D 154 26.36 28.93 6.55
N LEU D 155 26.98 28.52 7.65
CA LEU D 155 26.27 27.81 8.70
C LEU D 155 25.56 28.77 9.63
N LYS D 156 26.26 29.84 10.02
CA LYS D 156 25.71 30.81 10.95
C LYS D 156 24.52 31.56 10.36
N ALA D 157 24.47 31.65 9.03
CA ALA D 157 23.38 32.31 8.35
C ALA D 157 22.12 31.45 8.38
N ASN D 158 22.31 30.14 8.40
CA ASN D 158 21.21 29.19 8.47
C ASN D 158 21.04 28.62 9.89
N GLY D 159 21.66 29.28 10.86
CA GLY D 159 21.47 28.95 12.26
C GLY D 159 21.87 27.54 12.67
N ILE D 160 23.01 27.08 12.16
CA ILE D 160 23.54 25.77 12.56
C ILE D 160 25.05 25.82 12.78
N TYR D 161 25.55 26.99 13.17
CA TYR D 161 26.95 27.15 13.55
C TYR D 161 27.07 27.27 15.07
N GLY D 162 27.89 26.39 15.65
CA GLY D 162 28.08 26.35 17.09
C GLY D 162 27.62 25.02 17.68
N ALA D 163 28.47 24.41 18.49
CA ALA D 163 28.17 23.12 19.10
C ALA D 163 27.44 23.27 20.43
N GLU D 164 27.29 24.51 20.90
CA GLU D 164 26.60 24.76 22.15
C GLU D 164 25.16 24.26 22.05
N TYR D 165 24.61 23.83 23.19
CA TYR D 165 23.30 23.19 23.21
C TYR D 165 22.17 24.05 22.67
N LYS D 166 22.39 25.36 22.60
CA LYS D 166 21.38 26.26 22.04
C LYS D 166 21.26 26.05 20.54
N VAL D 167 22.31 25.51 19.93
CA VAL D 167 22.38 25.39 18.46
C VAL D 167 22.44 23.92 18.03
N ARG D 168 23.27 23.13 18.72
CA ARG D 168 23.50 21.73 18.35
C ARG D 168 23.96 21.62 16.89
N GLY D 169 24.79 22.56 16.47
CA GLY D 169 25.27 22.61 15.09
C GLY D 169 26.72 22.18 14.96
N PHE D 170 27.43 22.82 14.02
CA PHE D 170 28.82 22.51 13.75
C PHE D 170 29.73 23.39 14.60
N SER D 171 30.74 22.79 15.21
CA SER D 171 31.74 23.54 15.97
C SER D 171 32.74 24.18 15.03
N GLY D 172 33.41 25.23 15.49
CA GLY D 172 34.44 25.88 14.70
C GLY D 172 35.57 24.93 14.38
N TYR D 173 35.86 24.03 15.32
CA TYR D 173 36.90 23.02 15.14
C TYR D 173 36.49 22.03 14.05
N LEU D 174 35.21 21.67 14.04
CA LEU D 174 34.70 20.75 13.04
C LEU D 174 34.76 21.37 11.64
N CYS D 175 34.49 22.67 11.57
CA CYS D 175 34.54 23.40 10.31
C CYS D 175 35.93 23.32 9.71
N GLU D 176 36.95 23.61 10.52
CA GLU D 176 38.32 23.62 10.05
C GLU D 176 38.76 22.21 9.60
N LEU D 177 38.34 21.19 10.35
CA LEU D 177 38.65 19.82 9.97
C LEU D 177 38.06 19.47 8.60
N LEU D 178 36.88 19.98 8.31
CA LEU D 178 36.20 19.67 7.06
C LEU D 178 36.92 20.31 5.87
N ILE D 179 37.42 21.53 6.07
CA ILE D 179 38.16 22.23 5.02
C ILE D 179 39.49 21.52 4.75
N VAL D 180 40.14 21.07 5.82
CA VAL D 180 41.39 20.33 5.70
C VAL D 180 41.14 19.02 4.96
N PHE D 181 39.94 18.48 5.13
CA PHE D 181 39.59 17.20 4.51
C PHE D 181 39.24 17.40 3.03
N TYR D 182 38.31 18.30 2.77
CA TYR D 182 37.79 18.50 1.41
C TYR D 182 38.54 19.58 0.63
N GLY D 183 39.44 20.29 1.31
CA GLY D 183 40.28 21.28 0.66
C GLY D 183 39.67 22.68 0.65
N SER D 184 38.39 22.77 0.28
CA SER D 184 37.72 24.06 0.18
C SER D 184 36.29 24.00 0.69
N PHE D 185 35.67 25.17 0.79
CA PHE D 185 34.27 25.25 1.19
C PHE D 185 33.38 24.61 0.14
N LEU D 186 33.65 24.91 -1.12
CA LEU D 186 32.83 24.42 -2.22
C LEU D 186 32.85 22.91 -2.30
N GLU D 187 34.01 22.30 -2.09
CA GLU D 187 34.13 20.85 -2.12
C GLU D 187 33.41 20.20 -0.95
N THR D 188 33.40 20.89 0.18
CA THR D 188 32.70 20.41 1.38
C THR D 188 31.20 20.37 1.13
N VAL D 189 30.68 21.44 0.53
CA VAL D 189 29.26 21.53 0.23
C VAL D 189 28.85 20.50 -0.83
N LYS D 190 29.74 20.26 -1.79
CA LYS D 190 29.44 19.33 -2.87
C LYS D 190 29.31 17.90 -2.37
N ASN D 191 30.23 17.50 -1.48
CA ASN D 191 30.25 16.14 -0.95
C ASN D 191 29.22 15.92 0.16
N ALA D 192 28.92 16.98 0.89
CA ALA D 192 27.97 16.90 1.99
C ALA D 192 26.59 16.47 1.49
N ARG D 193 26.31 16.73 0.22
CA ARG D 193 25.03 16.36 -0.38
C ARG D 193 24.82 14.85 -0.36
N ARG D 194 25.92 14.11 -0.20
CA ARG D 194 25.86 12.65 -0.18
C ARG D 194 26.18 12.09 1.21
N TRP D 195 26.06 12.93 2.22
CA TRP D 195 26.21 12.49 3.61
C TRP D 195 24.96 11.74 4.06
N THR D 196 25.14 10.84 5.01
CA THR D 196 24.03 10.09 5.59
C THR D 196 24.22 10.05 7.10
N ARG D 197 23.25 9.46 7.81
CA ARG D 197 23.31 9.41 9.27
C ARG D 197 24.26 8.30 9.75
N ARG D 198 25.03 7.74 8.83
CA ARG D 198 26.02 6.71 9.16
C ARG D 198 27.36 6.99 8.50
N THR D 199 27.53 8.20 7.96
CA THR D 199 28.79 8.59 7.33
C THR D 199 29.88 8.79 8.38
N VAL D 200 31.03 8.20 8.12
CA VAL D 200 32.20 8.40 8.98
C VAL D 200 33.27 9.16 8.21
N ILE D 201 33.67 10.32 8.73
CA ILE D 201 34.73 11.12 8.14
C ILE D 201 35.99 11.03 8.98
N ASP D 202 36.90 10.13 8.58
CA ASP D 202 38.17 9.95 9.28
C ASP D 202 39.22 10.85 8.63
N VAL D 203 39.47 11.99 9.26
CA VAL D 203 40.35 13.01 8.69
C VAL D 203 41.78 12.51 8.58
N ALA D 204 42.31 11.97 9.67
CA ALA D 204 43.70 11.54 9.73
C ALA D 204 44.01 10.48 8.69
N LYS D 205 43.09 9.52 8.52
CA LYS D 205 43.29 8.44 7.56
C LYS D 205 42.83 8.86 6.16
N GLY D 206 42.21 10.03 6.07
CA GLY D 206 41.82 10.61 4.78
C GLY D 206 40.89 9.73 3.97
N GLU D 207 39.85 9.22 4.62
CA GLU D 207 38.89 8.35 3.94
C GLU D 207 37.49 8.50 4.54
N VAL D 208 36.50 8.03 3.81
CA VAL D 208 35.11 8.05 4.29
C VAL D 208 34.58 6.62 4.38
N ARG D 209 34.09 6.25 5.56
CA ARG D 209 33.54 4.92 5.78
C ARG D 209 32.07 4.99 6.15
N LYS D 210 31.46 3.83 6.31
CA LYS D 210 30.10 3.71 6.82
C LYS D 210 30.17 3.14 8.23
N GLY D 211 29.47 3.79 9.16
CA GLY D 211 29.51 3.38 10.56
C GLY D 211 28.13 3.25 11.16
N GLU D 212 28.07 3.37 12.49
CA GLU D 212 26.81 3.25 13.20
C GLU D 212 26.11 4.60 13.32
N GLU D 213 26.88 5.67 13.17
CA GLU D 213 26.35 7.02 13.29
C GLU D 213 27.22 8.00 12.50
N PHE D 214 26.77 9.25 12.39
CA PHE D 214 27.57 10.29 11.76
C PHE D 214 28.75 10.60 12.68
N PHE D 215 29.96 10.28 12.22
CA PHE D 215 31.14 10.31 13.08
C PHE D 215 32.34 10.96 12.38
N VAL D 216 32.71 12.14 12.84
CA VAL D 216 33.91 12.82 12.37
C VAL D 216 35.06 12.55 13.35
N VAL D 217 35.94 11.63 12.97
CA VAL D 217 37.01 11.18 13.86
C VAL D 217 37.99 12.31 14.15
N ASP D 218 38.25 12.54 15.43
CA ASP D 218 39.22 13.56 15.83
C ASP D 218 40.63 13.04 15.55
N PRO D 219 41.43 13.80 14.79
CA PRO D 219 42.80 13.34 14.51
C PRO D 219 43.64 13.18 15.77
N VAL D 220 43.25 13.86 16.84
CA VAL D 220 43.97 13.79 18.12
C VAL D 220 43.55 12.57 18.92
N ASP D 221 42.26 12.23 18.84
CA ASP D 221 41.71 11.10 19.58
C ASP D 221 40.71 10.35 18.70
N GLU D 222 41.13 9.20 18.18
CA GLU D 222 40.28 8.45 17.26
C GLU D 222 38.99 7.99 17.93
N LYS D 223 39.00 7.91 19.25
CA LYS D 223 37.84 7.47 20.00
C LYS D 223 36.78 8.56 20.08
N ARG D 224 37.14 9.79 19.72
CA ARG D 224 36.26 10.94 19.90
C ARG D 224 35.57 11.38 18.61
N ASN D 225 34.29 11.71 18.74
CA ASN D 225 33.51 12.27 17.64
C ASN D 225 33.41 13.78 17.79
N VAL D 226 33.96 14.49 16.82
CA VAL D 226 33.95 15.95 16.87
C VAL D 226 32.53 16.48 16.65
N ALA D 227 31.74 15.70 15.92
CA ALA D 227 30.36 16.08 15.62
C ALA D 227 29.38 15.40 16.59
N ALA D 228 29.85 15.16 17.81
CA ALA D 228 29.06 14.44 18.81
C ALA D 228 27.76 15.15 19.14
N ASN D 229 27.80 16.49 19.16
CA ASN D 229 26.64 17.29 19.54
C ASN D 229 25.92 17.91 18.34
N LEU D 230 26.27 17.45 17.13
CA LEU D 230 25.54 17.84 15.94
C LEU D 230 24.28 16.98 15.84
N SER D 231 23.11 17.59 16.06
CA SER D 231 21.85 16.87 16.06
C SER D 231 21.58 16.25 14.69
N LEU D 232 20.78 15.19 14.68
CA LEU D 232 20.44 14.50 13.45
C LEU D 232 19.68 15.40 12.49
N ASP D 233 18.83 16.26 13.02
CA ASP D 233 18.04 17.15 12.19
C ASP D 233 18.91 18.22 11.55
N ASN D 234 19.81 18.81 12.33
CA ASN D 234 20.72 19.81 11.79
C ASN D 234 21.66 19.21 10.75
N LEU D 235 21.98 17.94 10.90
CA LEU D 235 22.73 17.21 9.89
C LEU D 235 21.88 17.14 8.63
N ALA D 236 20.62 16.75 8.79
CA ALA D 236 19.70 16.63 7.67
C ALA D 236 19.49 17.97 6.99
N ARG D 237 19.37 19.02 7.80
CA ARG D 237 19.17 20.37 7.28
C ARG D 237 20.37 20.81 6.46
N PHE D 238 21.57 20.56 6.97
CA PHE D 238 22.78 20.93 6.26
C PHE D 238 22.88 20.25 4.90
N VAL D 239 22.69 18.93 4.88
CA VAL D 239 22.73 18.17 3.63
C VAL D 239 21.77 18.78 2.62
N HIS D 240 20.60 19.20 3.09
CA HIS D 240 19.59 19.75 2.20
C HIS D 240 19.98 21.15 1.72
N LEU D 241 20.53 21.96 2.62
CA LEU D 241 20.97 23.30 2.28
C LEU D 241 22.05 23.24 1.20
N CYS D 242 22.95 22.26 1.33
CA CYS D 242 24.00 22.07 0.35
C CYS D 242 23.41 21.72 -1.01
N ARG D 243 22.45 20.81 -1.01
CA ARG D 243 21.78 20.40 -2.25
C ARG D 243 21.09 21.59 -2.92
N GLU D 244 20.48 22.46 -2.12
CA GLU D 244 19.77 23.62 -2.64
C GLU D 244 20.75 24.65 -3.19
N PHE D 245 21.89 24.80 -2.52
CA PHE D 245 22.89 25.77 -2.94
C PHE D 245 23.48 25.41 -4.30
N MET D 246 23.74 24.13 -4.52
CA MET D 246 24.34 23.70 -5.77
C MET D 246 23.37 23.82 -6.94
N GLU D 247 22.09 23.57 -6.69
CA GLU D 247 21.08 23.66 -7.73
C GLU D 247 20.84 25.09 -8.16
N ALA D 248 20.92 26.02 -7.20
CA ALA D 248 20.67 27.42 -7.47
C ALA D 248 21.44 28.31 -6.50
N PRO D 249 22.76 28.45 -6.73
CA PRO D 249 23.62 29.29 -5.89
C PRO D 249 23.08 30.70 -5.71
N SER D 250 23.36 31.30 -4.57
CA SER D 250 22.89 32.65 -4.25
C SER D 250 23.61 33.19 -3.02
N LEU D 251 23.73 34.51 -2.94
CA LEU D 251 24.37 35.14 -1.81
C LEU D 251 23.44 35.11 -0.60
N GLY D 252 22.16 34.85 -0.84
CA GLY D 252 21.16 34.80 0.21
C GLY D 252 21.49 33.76 1.26
N PHE D 253 22.10 32.66 0.84
CA PHE D 253 22.48 31.58 1.75
C PHE D 253 23.43 32.06 2.84
N PHE D 254 24.10 33.17 2.59
CA PHE D 254 25.09 33.70 3.53
C PHE D 254 24.54 34.84 4.39
N LYS D 255 23.32 35.26 4.10
CA LYS D 255 22.67 36.34 4.85
C LYS D 255 21.58 35.77 5.75
N PRO D 256 21.54 36.20 7.03
CA PRO D 256 20.52 35.67 7.93
C PRO D 256 19.11 36.09 7.51
N LYS D 257 18.12 35.30 7.88
CA LYS D 257 16.73 35.57 7.51
C LYS D 257 16.07 36.44 8.59
N HIS D 258 15.09 37.24 8.18
CA HIS D 258 14.33 38.05 9.13
C HIS D 258 13.16 37.22 9.67
N PRO D 259 12.83 37.39 10.96
CA PRO D 259 11.66 36.67 11.49
C PRO D 259 10.39 37.02 10.73
N LEU D 260 9.52 36.03 10.52
CA LEU D 260 8.31 36.22 9.73
C LEU D 260 7.39 37.25 10.38
N GLU D 261 7.32 38.44 9.78
CA GLU D 261 6.40 39.47 10.23
C GLU D 261 4.98 38.99 10.03
N ILE D 262 4.17 39.07 11.08
CA ILE D 262 2.79 38.61 11.02
C ILE D 262 1.90 39.33 12.02
N GLU D 263 0.72 39.72 11.56
CA GLU D 263 -0.26 40.37 12.41
C GLU D 263 -0.95 39.33 13.29
N PRO D 264 -1.15 39.65 14.58
CA PRO D 264 -1.85 38.71 15.48
C PRO D 264 -3.22 38.28 14.96
N GLU D 265 -3.85 39.11 14.14
CA GLU D 265 -5.16 38.77 13.58
C GLU D 265 -5.04 37.70 12.50
N ARG D 266 -3.99 37.79 11.69
CA ARG D 266 -3.76 36.79 10.66
C ARG D 266 -3.38 35.47 11.30
N LEU D 267 -2.59 35.53 12.37
CA LEU D 267 -2.15 34.34 13.08
C LEU D 267 -3.33 33.61 13.71
N ARG D 268 -4.29 34.36 14.21
CA ARG D 268 -5.52 33.79 14.75
C ARG D 268 -6.28 33.08 13.64
N LYS D 269 -6.38 33.72 12.49
CA LYS D 269 -7.11 33.19 11.35
C LYS D 269 -6.47 31.90 10.83
N ILE D 270 -5.17 31.75 11.06
CA ILE D 270 -4.45 30.56 10.64
C ILE D 270 -4.79 29.37 11.55
N VAL D 271 -4.77 29.61 12.86
CA VAL D 271 -5.08 28.56 13.82
C VAL D 271 -6.51 28.06 13.64
N GLU D 272 -7.42 28.99 13.32
CA GLU D 272 -8.82 28.64 13.08
C GLU D 272 -8.93 27.70 11.87
N GLU D 273 -8.16 28.00 10.83
CA GLU D 273 -8.17 27.19 9.61
C GLU D 273 -7.64 25.80 9.91
N ARG D 274 -6.69 25.71 10.84
CA ARG D 274 -6.09 24.44 11.22
C ARG D 274 -7.03 23.63 12.11
N GLY D 275 -7.78 24.32 12.97
CA GLY D 275 -8.71 23.66 13.86
C GLY D 275 -7.98 22.95 14.99
N THR D 276 -6.81 23.47 15.35
CA THR D 276 -5.99 22.88 16.40
C THR D 276 -6.08 23.70 17.68
N ALA D 277 -5.62 23.11 18.77
CA ALA D 277 -5.45 23.82 20.03
C ALA D 277 -4.00 24.26 20.12
N VAL D 278 -3.78 25.57 20.18
CA VAL D 278 -2.44 26.14 20.30
C VAL D 278 -2.33 26.92 21.60
N PHE D 279 -1.42 26.47 22.47
CA PHE D 279 -1.25 27.07 23.79
C PHE D 279 0.21 27.06 24.19
N ALA D 280 0.53 27.81 25.25
CA ALA D 280 1.90 27.92 25.72
C ALA D 280 1.98 27.88 27.25
N VAL D 281 3.05 27.28 27.76
CA VAL D 281 3.33 27.28 29.19
C VAL D 281 4.35 28.36 29.51
N LYS D 282 3.91 29.41 30.19
CA LYS D 282 4.78 30.53 30.54
C LYS D 282 5.32 30.38 31.95
N PHE D 283 6.58 30.78 32.15
CA PHE D 283 7.20 30.75 33.48
C PHE D 283 8.50 31.54 33.46
N ARG D 284 8.98 31.91 34.65
CA ARG D 284 10.17 32.75 34.76
C ARG D 284 11.44 31.98 34.45
N LYS D 285 12.33 32.59 33.69
CA LYS D 285 13.57 31.95 33.26
C LYS D 285 14.53 31.77 34.44
N PRO D 286 15.02 30.54 34.66
CA PRO D 286 16.03 30.35 35.70
C PRO D 286 17.32 31.09 35.37
N ASP D 287 17.97 31.65 36.39
CA ASP D 287 19.24 32.35 36.17
C ASP D 287 20.37 31.33 36.02
N ILE D 288 20.43 30.71 34.84
CA ILE D 288 21.47 29.73 34.53
C ILE D 288 21.96 29.91 33.09
N VAL D 289 23.12 29.33 32.79
CA VAL D 289 23.73 29.46 31.48
C VAL D 289 22.91 28.73 30.40
N ASP D 290 23.03 29.20 29.16
CA ASP D 290 22.30 28.64 28.03
C ASP D 290 22.58 27.15 27.87
N ASP D 291 23.78 26.72 28.21
CA ASP D 291 24.18 25.33 28.07
C ASP D 291 23.49 24.44 29.10
N ASN D 292 22.90 25.08 30.11
CA ASN D 292 22.11 24.37 31.11
C ASN D 292 20.62 24.58 30.89
N LEU D 293 20.26 25.74 30.35
CA LEU D 293 18.86 26.11 30.17
C LEU D 293 18.18 25.33 29.05
N TYR D 294 18.80 25.33 27.88
CA TYR D 294 18.16 24.78 26.68
C TYR D 294 17.95 23.26 26.71
N PRO D 295 18.94 22.50 27.20
CA PRO D 295 18.71 21.06 27.36
C PRO D 295 17.52 20.76 28.27
N GLN D 296 17.24 21.66 29.21
CA GLN D 296 16.12 21.49 30.14
C GLN D 296 14.80 21.87 29.50
N LEU D 297 14.79 22.97 28.74
CA LEU D 297 13.60 23.36 28.01
C LEU D 297 13.23 22.28 27.01
N GLU D 298 14.26 21.65 26.43
CA GLU D 298 14.06 20.55 25.51
C GLU D 298 13.44 19.36 26.23
N ARG D 299 13.82 19.16 27.49
CA ARG D 299 13.28 18.05 28.27
C ARG D 299 11.84 18.34 28.66
N ALA D 300 11.60 19.54 29.18
CA ALA D 300 10.27 19.94 29.62
C ALA D 300 9.27 19.84 28.46
N SER D 301 9.73 20.17 27.26
CA SER D 301 8.87 20.09 26.07
C SER D 301 8.55 18.63 25.74
N ARG D 302 9.58 17.80 25.70
CA ARG D 302 9.41 16.39 25.40
C ARG D 302 8.50 15.73 26.44
N LYS D 303 8.66 16.11 27.70
CA LYS D 303 7.90 15.52 28.78
C LYS D 303 6.41 15.83 28.66
N ILE D 304 6.10 17.11 28.45
CA ILE D 304 4.71 17.53 28.27
C ILE D 304 4.14 16.95 26.99
N PHE D 305 4.96 16.87 25.95
CA PHE D 305 4.54 16.31 24.67
C PHE D 305 4.14 14.85 24.84
N GLU D 306 4.98 14.09 25.55
CA GLU D 306 4.71 12.69 25.80
C GLU D 306 3.44 12.52 26.64
N PHE D 307 3.20 13.47 27.54
CA PHE D 307 2.00 13.45 28.37
C PHE D 307 0.76 13.67 27.51
N LEU D 308 0.88 14.60 26.57
CA LEU D 308 -0.21 14.90 25.66
C LEU D 308 -0.53 13.69 24.77
N GLU D 309 0.49 12.96 24.38
CA GLU D 309 0.30 11.73 23.61
C GLU D 309 -0.48 10.71 24.43
N ARG D 310 -0.02 10.45 25.65
CA ARG D 310 -0.66 9.49 26.54
C ARG D 310 -2.13 9.84 26.76
N GLU D 311 -2.40 11.13 26.92
CA GLU D 311 -3.77 11.59 27.18
C GLU D 311 -4.57 11.77 25.90
N ASN D 312 -4.05 11.23 24.79
CA ASN D 312 -4.78 11.16 23.54
C ASN D 312 -5.24 12.52 23.01
N PHE D 313 -4.42 13.55 23.21
CA PHE D 313 -4.69 14.86 22.65
C PHE D 313 -3.98 15.00 21.30
N MET D 314 -3.15 14.03 20.97
CA MET D 314 -2.53 13.95 19.65
C MET D 314 -1.78 15.24 19.30
N PRO D 315 -0.70 15.52 20.03
CA PRO D 315 0.09 16.72 19.73
C PRO D 315 0.82 16.62 18.40
N LEU D 316 0.95 17.73 17.69
CA LEU D 316 1.62 17.75 16.38
C LEU D 316 3.10 18.02 16.52
N ARG D 317 3.43 19.21 17.03
CA ARG D 317 4.80 19.59 17.30
C ARG D 317 4.86 20.38 18.59
N SER D 318 6.08 20.68 19.02
CA SER D 318 6.30 21.56 20.16
C SER D 318 7.43 22.52 19.84
N ALA D 319 7.62 23.51 20.69
CA ALA D 319 8.69 24.48 20.50
C ALA D 319 8.93 25.20 21.82
N PHE D 320 10.00 25.99 21.88
CA PHE D 320 10.25 26.79 23.07
C PHE D 320 11.06 28.03 22.75
N LYS D 321 10.85 29.07 23.56
CA LYS D 321 11.60 30.32 23.43
C LYS D 321 11.99 30.83 24.81
N ALA D 322 13.21 31.32 24.92
CA ALA D 322 13.72 31.88 26.16
C ALA D 322 13.98 33.37 26.00
N SER D 323 13.05 34.20 26.46
CA SER D 323 13.22 35.64 26.41
C SER D 323 14.08 36.11 27.58
N GLU D 324 14.05 37.41 27.86
CA GLU D 324 14.89 37.99 28.90
C GLU D 324 14.51 37.51 30.31
N GLU D 325 13.20 37.49 30.60
CA GLU D 325 12.72 37.18 31.94
C GLU D 325 11.90 35.89 31.99
N PHE D 326 11.24 35.58 30.88
CA PHE D 326 10.32 34.44 30.83
C PHE D 326 10.73 33.38 29.80
N CYS D 327 10.25 32.16 30.01
CA CYS D 327 10.39 31.09 29.04
C CYS D 327 9.00 30.65 28.59
N TYR D 328 8.92 30.08 27.40
CA TYR D 328 7.65 29.65 26.83
C TYR D 328 7.80 28.26 26.21
N LEU D 329 6.88 27.36 26.56
CA LEU D 329 6.83 26.03 25.97
C LEU D 329 5.59 25.93 25.09
N LEU D 330 5.80 25.94 23.77
CA LEU D 330 4.70 26.00 22.82
C LEU D 330 4.27 24.61 22.37
N PHE D 331 2.95 24.44 22.21
CA PHE D 331 2.38 23.17 21.78
C PHE D 331 1.23 23.38 20.81
N GLU D 332 0.99 22.39 19.96
CA GLU D 332 -0.15 22.39 19.06
C GLU D 332 -0.74 21.00 18.97
N CYS D 333 -2.01 20.87 19.34
CA CYS D 333 -2.67 19.56 19.42
C CYS D 333 -3.85 19.46 18.46
N GLN D 334 -4.05 18.28 17.91
CA GLN D 334 -5.14 18.03 16.96
C GLN D 334 -6.49 17.94 17.66
N ILE D 335 -6.48 17.69 18.96
CA ILE D 335 -7.70 17.55 19.74
C ILE D 335 -7.91 18.77 20.64
N LYS D 336 -8.94 19.55 20.34
CA LYS D 336 -9.28 20.70 21.17
C LYS D 336 -10.00 20.27 22.45
N GLU D 337 -10.78 19.20 22.33
CA GLU D 337 -11.60 18.72 23.44
C GLU D 337 -11.93 17.24 23.29
N ILE D 338 -11.86 16.50 24.41
CA ILE D 338 -12.14 15.07 24.41
C ILE D 338 -13.26 14.74 25.39
N SER D 339 -13.96 13.64 25.11
CA SER D 339 -15.09 13.24 25.95
C SER D 339 -14.67 13.02 27.40
N ARG D 340 -15.59 13.29 28.31
CA ARG D 340 -15.35 13.09 29.74
C ARG D 340 -15.16 11.60 30.04
N VAL D 341 -15.85 10.75 29.30
CA VAL D 341 -15.81 9.31 29.53
C VAL D 341 -14.61 8.66 28.85
N PHE D 342 -13.99 7.71 29.55
CA PHE D 342 -12.95 6.88 28.96
C PHE D 342 -13.11 5.45 29.46
N ARG D 343 -12.36 4.52 28.86
CA ARG D 343 -12.42 3.11 29.23
C ARG D 343 -11.25 2.70 30.12
N ARG D 344 -11.58 2.13 31.27
CA ARG D 344 -10.58 1.62 32.21
C ARG D 344 -10.60 0.09 32.16
N MET D 345 -9.46 -0.51 31.86
CA MET D 345 -9.36 -1.96 31.69
C MET D 345 -9.40 -2.70 33.02
N GLY D 346 -10.26 -3.72 33.09
CA GLY D 346 -10.35 -4.58 34.26
C GLY D 346 -9.71 -5.93 34.00
N PRO D 347 -9.81 -6.84 34.98
CA PRO D 347 -9.18 -8.16 34.89
C PRO D 347 -9.99 -9.17 34.05
N GLN D 348 -9.37 -10.29 33.72
CA GLN D 348 -10.06 -11.37 33.01
C GLN D 348 -11.19 -11.93 33.86
N PHE D 349 -12.24 -12.42 33.21
CA PHE D 349 -13.48 -12.80 33.89
C PHE D 349 -13.31 -13.94 34.89
N GLU D 350 -12.35 -14.83 34.62
CA GLU D 350 -12.15 -15.99 35.48
C GLU D 350 -11.43 -15.67 36.80
N ASP D 351 -10.86 -14.47 36.91
CA ASP D 351 -10.15 -14.05 38.11
C ASP D 351 -11.11 -13.41 39.11
N GLU D 352 -11.84 -14.25 39.86
CA GLU D 352 -12.92 -13.80 40.72
C GLU D 352 -12.50 -12.78 41.77
N ARG D 353 -11.36 -13.01 42.42
CA ARG D 353 -10.89 -12.12 43.49
C ARG D 353 -10.73 -10.68 43.00
N ASN D 354 -10.03 -10.52 41.88
CA ASN D 354 -9.77 -9.19 41.34
C ASN D 354 -10.99 -8.56 40.67
N VAL D 355 -11.87 -9.39 40.11
CA VAL D 355 -13.09 -8.88 39.49
C VAL D 355 -13.97 -8.24 40.56
N LYS D 356 -14.03 -8.87 41.73
CA LYS D 356 -14.86 -8.37 42.81
C LYS D 356 -14.38 -6.99 43.25
N LYS D 357 -13.06 -6.82 43.31
CA LYS D 357 -12.46 -5.55 43.70
C LYS D 357 -12.71 -4.49 42.64
N PHE D 358 -12.56 -4.87 41.37
CA PHE D 358 -12.76 -3.95 40.27
C PHE D 358 -14.21 -3.47 40.19
N LEU D 359 -15.14 -4.36 40.49
CA LEU D 359 -16.57 -4.04 40.40
C LEU D 359 -17.08 -3.34 41.66
N SER D 360 -16.32 -3.42 42.75
CA SER D 360 -16.75 -2.83 44.02
C SER D 360 -16.78 -1.31 43.94
N ARG D 361 -15.90 -0.74 43.14
CA ARG D 361 -15.83 0.71 42.98
C ARG D 361 -17.11 1.26 42.37
N ASN D 362 -17.66 2.31 42.98
CA ASN D 362 -18.88 2.92 42.50
C ASN D 362 -18.65 3.80 41.28
N ARG D 363 -19.56 3.71 40.31
CA ARG D 363 -19.46 4.48 39.07
C ARG D 363 -20.86 4.84 38.56
N ALA D 364 -20.92 5.86 37.70
CA ALA D 364 -22.19 6.33 37.16
C ALA D 364 -22.80 5.32 36.19
N PHE D 365 -21.93 4.57 35.49
CA PHE D 365 -22.37 3.63 34.47
C PHE D 365 -21.88 2.21 34.78
N ARG D 366 -22.62 1.23 34.30
CA ARG D 366 -22.32 -0.18 34.57
C ARG D 366 -21.06 -0.65 33.84
N PRO D 367 -20.19 -1.41 34.52
CA PRO D 367 -19.09 -2.06 33.82
C PRO D 367 -19.60 -3.08 32.82
N PHE D 368 -18.72 -3.62 31.98
CA PHE D 368 -19.12 -4.60 30.98
C PHE D 368 -17.97 -5.53 30.60
N ILE D 369 -18.32 -6.64 29.95
CA ILE D 369 -17.35 -7.62 29.49
C ILE D 369 -17.09 -7.43 28.01
N GLU D 370 -15.85 -7.65 27.61
CA GLU D 370 -15.46 -7.57 26.21
C GLU D 370 -14.20 -8.39 25.99
N ASN D 371 -14.28 -9.37 25.09
CA ASN D 371 -13.17 -10.29 24.85
C ASN D 371 -12.69 -10.96 26.14
N GLY D 372 -13.64 -11.48 26.91
CA GLY D 372 -13.33 -12.23 28.11
C GLY D 372 -12.58 -11.44 29.14
N ARG D 373 -12.86 -10.14 29.21
CA ARG D 373 -12.19 -9.24 30.15
C ARG D 373 -13.13 -8.11 30.54
N TRP D 374 -13.03 -7.66 31.78
CA TRP D 374 -13.90 -6.60 32.28
C TRP D 374 -13.38 -5.22 31.88
N TRP D 375 -14.32 -4.29 31.71
CA TRP D 375 -14.00 -2.90 31.39
C TRP D 375 -14.96 -2.01 32.17
N ALA D 376 -14.58 -0.74 32.35
CA ALA D 376 -15.40 0.19 33.10
C ALA D 376 -15.32 1.60 32.54
N PHE D 377 -16.47 2.25 32.44
CA PHE D 377 -16.53 3.65 32.05
C PHE D 377 -16.22 4.53 33.25
N GLU D 378 -15.20 5.37 33.10
CA GLU D 378 -14.81 6.31 34.15
C GLU D 378 -14.67 7.71 33.56
N MET D 379 -14.51 8.70 34.44
CA MET D 379 -14.52 10.10 34.03
C MET D 379 -13.14 10.74 34.11
N ARG D 380 -12.78 11.48 33.06
CA ARG D 380 -11.52 12.22 33.04
C ARG D 380 -11.61 13.43 33.96
N LYS D 381 -10.46 13.86 34.48
CA LYS D 381 -10.38 15.03 35.34
C LYS D 381 -10.26 16.30 34.51
N PHE D 382 -9.86 16.15 33.25
CA PHE D 382 -9.73 17.27 32.33
C PHE D 382 -10.12 16.82 30.92
N THR D 383 -10.71 17.73 30.15
CA THR D 383 -11.21 17.41 28.81
C THR D 383 -10.51 18.19 27.70
N THR D 384 -9.61 19.09 28.09
CA THR D 384 -8.85 19.87 27.11
C THR D 384 -7.36 19.68 27.36
N PRO D 385 -6.53 19.91 26.33
CA PRO D 385 -5.09 19.76 26.53
C PRO D 385 -4.53 20.83 27.46
N GLU D 386 -5.14 22.00 27.47
CA GLU D 386 -4.70 23.08 28.36
C GLU D 386 -4.87 22.68 29.82
N GLU D 387 -6.01 22.07 30.14
CA GLU D 387 -6.30 21.67 31.51
C GLU D 387 -5.43 20.49 31.93
N GLY D 388 -5.10 19.64 30.97
CA GLY D 388 -4.25 18.48 31.24
C GLY D 388 -2.85 18.89 31.61
N VAL D 389 -2.33 19.91 30.94
CA VAL D 389 -0.98 20.39 31.21
C VAL D 389 -0.95 21.20 32.50
N ARG D 390 -2.06 21.86 32.81
CA ARG D 390 -2.20 22.56 34.09
C ARG D 390 -2.04 21.56 35.23
N SER D 391 -2.57 20.36 35.03
CA SER D 391 -2.50 19.32 36.03
C SER D 391 -1.11 18.69 36.06
N TYR D 392 -0.55 18.41 34.88
CA TYR D 392 0.74 17.75 34.79
C TYR D 392 1.86 18.63 35.34
N ALA D 393 1.84 19.90 34.95
CA ALA D 393 2.86 20.84 35.38
C ALA D 393 2.73 21.17 36.86
N SER D 394 1.57 20.86 37.44
CA SER D 394 1.32 21.12 38.84
C SER D 394 1.80 19.97 39.73
N THR D 395 1.76 18.75 39.19
CA THR D 395 2.09 17.55 39.95
C THR D 395 3.43 16.94 39.52
N HIS D 396 3.79 17.12 38.27
CA HIS D 396 5.04 16.58 37.74
C HIS D 396 6.03 17.68 37.34
N TRP D 397 6.10 18.73 38.14
CA TRP D 397 7.05 19.81 37.90
C TRP D 397 8.48 19.30 38.02
N HIS D 398 8.67 18.29 38.85
CA HIS D 398 10.01 17.81 39.21
C HIS D 398 10.75 17.14 38.06
N THR D 399 10.00 16.63 37.09
CA THR D 399 10.62 15.91 35.97
C THR D 399 10.80 16.80 34.75
N LEU D 400 10.55 18.10 34.91
CA LEU D 400 10.67 19.05 33.81
C LEU D 400 12.02 19.74 33.81
N GLY D 401 13.05 19.03 34.27
CA GLY D 401 14.38 19.58 34.38
C GLY D 401 14.62 20.09 35.79
N LYS D 402 15.89 20.09 36.20
CA LYS D 402 16.26 20.48 37.55
C LYS D 402 15.82 21.91 37.88
N ASN D 403 16.27 22.87 37.08
CA ASN D 403 16.02 24.27 37.35
C ASN D 403 14.71 24.76 36.73
N VAL D 404 14.42 24.30 35.53
CA VAL D 404 13.16 24.63 34.88
C VAL D 404 12.00 24.04 35.68
N GLY D 405 12.20 22.84 36.22
CA GLY D 405 11.18 22.19 37.02
C GLY D 405 10.90 22.93 38.32
N GLU D 406 11.92 23.59 38.86
CA GLU D 406 11.78 24.32 40.11
C GLU D 406 11.15 25.69 39.89
N SER D 407 11.34 26.26 38.70
CA SER D 407 10.73 27.55 38.38
C SER D 407 9.24 27.37 38.13
N ILE D 408 8.89 26.31 37.41
CA ILE D 408 7.49 25.98 37.15
C ILE D 408 6.76 25.68 38.45
N ARG D 409 7.49 25.14 39.42
CA ARG D 409 6.91 24.86 40.73
C ARG D 409 6.53 26.15 41.44
N GLU D 410 7.32 27.20 41.21
CA GLU D 410 7.09 28.49 41.85
C GLU D 410 6.00 29.28 41.14
N TYR D 411 5.87 29.09 39.83
CA TYR D 411 4.88 29.82 39.05
C TYR D 411 4.83 29.36 37.59
N PHE D 412 3.63 29.29 37.04
CA PHE D 412 3.45 29.07 35.60
C PHE D 412 2.00 29.30 35.19
N GLU D 413 1.82 29.83 33.98
CA GLU D 413 0.49 30.04 33.39
C GLU D 413 0.31 29.15 32.18
N ILE D 414 -0.94 28.94 31.77
CA ILE D 414 -1.25 28.31 30.50
C ILE D 414 -1.95 29.37 29.63
N ILE D 415 -1.23 29.85 28.62
CA ILE D 415 -1.75 30.90 27.75
C ILE D 415 -2.13 30.33 26.39
N SER D 416 -3.37 30.58 25.98
CA SER D 416 -3.86 30.12 24.68
C SER D 416 -4.73 31.18 24.05
N GLY D 417 -5.33 30.85 22.90
CA GLY D 417 -6.20 31.77 22.20
C GLY D 417 -5.48 33.01 21.74
N GLU D 418 -6.22 34.12 21.64
CA GLU D 418 -5.67 35.37 21.13
C GLU D 418 -4.71 36.02 22.13
N LYS D 419 -4.86 35.66 23.40
CA LYS D 419 -4.01 36.19 24.45
C LYS D 419 -2.56 35.73 24.25
N LEU D 420 -2.40 34.58 23.61
CA LEU D 420 -1.07 34.01 23.36
C LEU D 420 -0.31 34.84 22.32
N PHE D 421 -1.03 35.30 21.30
CA PHE D 421 -0.41 36.02 20.19
C PHE D 421 0.22 37.34 20.62
N LYS D 422 -0.16 37.82 21.81
CA LYS D 422 0.41 39.05 22.35
C LYS D 422 1.79 38.78 22.95
N GLU D 423 2.03 37.55 23.36
CA GLU D 423 3.33 37.16 23.91
C GLU D 423 4.37 37.20 22.80
N PRO D 424 5.65 37.38 23.16
CA PRO D 424 6.71 37.46 22.15
C PRO D 424 7.14 36.07 21.66
N VAL D 425 6.20 35.32 21.12
CA VAL D 425 6.47 33.96 20.65
C VAL D 425 5.97 33.73 19.22
N THR D 426 5.69 34.82 18.52
CA THR D 426 5.15 34.73 17.17
C THR D 426 6.13 34.07 16.21
N ALA D 427 7.42 34.32 16.40
CA ALA D 427 8.44 33.78 15.51
C ALA D 427 8.51 32.25 15.59
N GLU D 428 8.24 31.73 16.77
CA GLU D 428 8.31 30.28 17.00
C GLU D 428 7.01 29.59 16.61
N LEU D 429 5.89 30.28 16.81
CA LEU D 429 4.58 29.75 16.41
C LEU D 429 4.49 29.63 14.90
N CYS D 430 5.08 30.60 14.20
CA CYS D 430 5.12 30.58 12.75
C CYS D 430 5.99 29.43 12.27
N GLU D 431 7.08 29.18 12.99
CA GLU D 431 8.03 28.14 12.63
C GLU D 431 7.43 26.74 12.78
N MET D 432 6.81 26.47 13.93
CA MET D 432 6.32 25.13 14.21
C MET D 432 5.06 24.78 13.43
N MET D 433 4.36 25.80 12.92
CA MET D 433 3.16 25.58 12.12
C MET D 433 3.49 25.61 10.62
N GLY D 434 4.67 26.11 10.29
CA GLY D 434 5.09 26.17 8.91
C GLY D 434 4.43 27.30 8.13
N VAL D 435 4.18 28.41 8.82
CA VAL D 435 3.58 29.58 8.19
C VAL D 435 4.59 30.20 7.22
N LYS D 436 4.12 30.50 6.01
CA LYS D 436 4.98 31.04 4.96
C LYS D 436 4.44 32.32 4.37
N ASP D 437 5.30 33.32 4.23
CA ASP D 437 4.96 34.57 3.56
C ASP D 437 6.21 35.42 3.36
N MET F 1 28.87 -45.26 -8.36
CA MET F 1 29.54 -46.41 -7.69
C MET F 1 28.99 -46.58 -6.28
N LYS F 2 29.43 -45.72 -5.36
CA LYS F 2 28.89 -45.68 -4.01
C LYS F 2 28.08 -44.39 -3.85
N VAL F 3 27.30 -44.31 -2.78
CA VAL F 3 26.46 -43.14 -2.54
C VAL F 3 27.28 -41.86 -2.48
N GLU F 4 28.35 -41.88 -1.68
CA GLU F 4 29.17 -40.70 -1.45
C GLU F 4 29.72 -40.13 -2.76
N GLU F 5 29.99 -41.01 -3.72
CA GLU F 5 30.53 -40.58 -5.01
C GLU F 5 29.44 -39.92 -5.85
N ILE F 6 28.24 -40.49 -5.83
CA ILE F 6 27.11 -39.93 -6.56
C ILE F 6 26.85 -38.51 -6.06
N LEU F 7 26.76 -38.36 -4.75
CA LEU F 7 26.51 -37.06 -4.14
C LEU F 7 27.60 -36.07 -4.55
N GLU F 8 28.85 -36.52 -4.49
CA GLU F 8 30.00 -35.68 -4.84
C GLU F 8 29.88 -35.16 -6.27
N LYS F 9 29.30 -35.98 -7.14
CA LYS F 9 29.12 -35.61 -8.54
C LYS F 9 27.79 -34.88 -8.74
N ALA F 10 26.84 -35.15 -7.85
CA ALA F 10 25.55 -34.46 -7.89
C ALA F 10 25.72 -32.99 -7.53
N LEU F 11 26.73 -32.71 -6.69
CA LEU F 11 27.04 -31.35 -6.28
C LEU F 11 27.23 -30.43 -7.47
N GLU F 12 27.82 -30.94 -8.54
CA GLU F 12 28.11 -30.15 -9.73
C GLU F 12 26.82 -29.66 -10.40
N LEU F 13 25.78 -30.47 -10.35
CA LEU F 13 24.49 -30.14 -10.96
C LEU F 13 23.75 -29.10 -10.15
N VAL F 14 24.23 -28.84 -8.94
CA VAL F 14 23.44 -28.16 -7.92
C VAL F 14 24.05 -26.84 -7.43
N ILE F 15 25.36 -26.82 -7.23
CA ILE F 15 26.05 -25.62 -6.75
C ILE F 15 26.17 -24.59 -7.86
N PRO F 16 25.98 -23.29 -7.52
CA PRO F 16 26.14 -22.27 -8.57
C PRO F 16 27.60 -22.11 -9.00
N ASP F 17 27.83 -22.04 -10.31
CA ASP F 17 29.18 -21.86 -10.83
C ASP F 17 29.72 -20.49 -10.44
N GLU F 18 31.04 -20.34 -10.51
CA GLU F 18 31.71 -19.13 -10.06
C GLU F 18 31.19 -17.87 -10.75
N GLU F 19 30.75 -18.00 -11.99
CA GLU F 19 30.29 -16.85 -12.77
C GLU F 19 28.94 -16.37 -12.27
N GLU F 20 28.07 -17.31 -11.90
CA GLU F 20 26.75 -16.98 -11.40
C GLU F 20 26.84 -16.44 -9.97
N VAL F 21 27.80 -16.97 -9.20
CA VAL F 21 28.07 -16.46 -7.87
C VAL F 21 28.51 -15.00 -7.97
N ARG F 22 29.51 -14.75 -8.80
CA ARG F 22 30.05 -13.40 -8.97
C ARG F 22 28.98 -12.46 -9.52
N LYS F 23 28.07 -13.00 -10.32
CA LYS F 23 26.98 -12.20 -10.89
C LYS F 23 26.16 -11.61 -9.75
N GLY F 24 25.93 -12.41 -8.72
CA GLY F 24 25.17 -11.99 -7.56
C GLY F 24 25.95 -11.03 -6.69
N ARG F 25 27.22 -11.34 -6.45
CA ARG F 25 28.07 -10.51 -5.61
C ARG F 25 28.15 -9.08 -6.14
N GLU F 26 28.11 -8.94 -7.47
CA GLU F 26 28.16 -7.63 -8.08
C GLU F 26 26.83 -6.88 -7.93
N ALA F 27 25.73 -7.62 -8.02
CA ALA F 27 24.41 -7.03 -7.83
C ALA F 27 24.22 -6.63 -6.37
N GLU F 28 24.61 -7.52 -5.47
CA GLU F 28 24.56 -7.24 -4.03
C GLU F 28 25.30 -5.95 -3.69
N GLU F 29 26.54 -5.85 -4.12
CA GLU F 29 27.38 -4.70 -3.84
C GLU F 29 26.74 -3.40 -4.37
N GLU F 30 26.19 -3.48 -5.57
CA GLU F 30 25.52 -2.33 -6.19
C GLU F 30 24.21 -2.04 -5.49
N LEU F 31 23.54 -3.09 -5.04
CA LEU F 31 22.25 -2.97 -4.38
C LEU F 31 22.40 -2.32 -3.00
N ARG F 32 23.48 -2.67 -2.31
CA ARG F 32 23.79 -2.09 -1.01
C ARG F 32 24.15 -0.61 -1.16
N ARG F 33 24.89 -0.30 -2.22
CA ARG F 33 25.34 1.07 -2.47
C ARG F 33 24.14 2.00 -2.66
N ARG F 34 23.12 1.52 -3.35
CA ARG F 34 21.92 2.29 -3.60
C ARG F 34 21.09 2.47 -2.33
N LEU F 35 21.01 1.40 -1.55
CA LEU F 35 20.20 1.41 -0.33
C LEU F 35 20.83 2.27 0.76
N ASP F 36 22.16 2.41 0.73
CA ASP F 36 22.85 3.23 1.71
C ASP F 36 22.66 4.72 1.42
N GLU F 37 22.49 5.05 0.14
CA GLU F 37 22.27 6.44 -0.27
C GLU F 37 20.92 6.97 0.21
N LEU F 38 20.08 6.08 0.74
CA LEU F 38 18.73 6.46 1.16
C LEU F 38 18.56 6.41 2.68
N GLY F 39 19.58 5.93 3.38
CA GLY F 39 19.55 5.87 4.84
C GLY F 39 18.52 4.93 5.41
N VAL F 40 18.00 4.03 4.58
CA VAL F 40 16.99 3.07 5.03
C VAL F 40 17.66 1.88 5.71
N GLU F 41 17.02 1.36 6.76
CA GLU F 41 17.47 0.14 7.40
C GLU F 41 16.95 -1.06 6.63
N TYR F 42 17.84 -2.00 6.34
CA TYR F 42 17.49 -3.17 5.55
C TYR F 42 18.28 -4.39 6.00
N VAL F 43 17.99 -5.53 5.39
CA VAL F 43 18.72 -6.76 5.67
C VAL F 43 18.55 -7.74 4.51
N PHE F 44 19.68 -8.29 4.05
CA PHE F 44 19.65 -9.33 3.04
C PHE F 44 19.34 -10.66 3.69
N VAL F 45 18.27 -11.30 3.24
CA VAL F 45 17.78 -12.54 3.83
C VAL F 45 17.55 -13.59 2.77
N GLY F 46 17.03 -14.75 3.19
CA GLY F 46 16.63 -15.79 2.26
C GLY F 46 17.75 -16.66 1.75
N SER F 47 17.52 -17.25 0.58
CA SER F 47 18.42 -18.25 0.03
C SER F 47 19.77 -17.67 -0.36
N TYR F 48 19.77 -16.45 -0.89
CA TYR F 48 21.01 -15.82 -1.33
C TYR F 48 21.90 -15.47 -0.15
N ALA F 49 21.32 -14.81 0.85
CA ALA F 49 22.07 -14.36 2.02
C ALA F 49 22.77 -15.51 2.73
N ARG F 50 22.09 -16.65 2.80
CA ARG F 50 22.64 -17.82 3.48
C ARG F 50 23.48 -18.68 2.52
N ASN F 51 23.57 -18.25 1.27
CA ASN F 51 24.42 -18.92 0.29
C ASN F 51 23.98 -20.36 0.03
N THR F 52 22.67 -20.57 -0.08
CA THR F 52 22.10 -21.90 -0.27
C THR F 52 21.19 -21.98 -1.49
N TRP F 53 21.27 -20.99 -2.38
CA TRP F 53 20.41 -20.96 -3.55
C TRP F 53 20.87 -21.96 -4.61
N LEU F 54 19.91 -22.64 -5.21
CA LEU F 54 20.20 -23.66 -6.21
C LEU F 54 20.79 -23.02 -7.45
N LYS F 55 21.57 -23.80 -8.20
CA LYS F 55 22.17 -23.33 -9.45
C LYS F 55 21.07 -22.91 -10.43
N GLY F 56 21.22 -21.72 -11.00
CA GLY F 56 20.26 -21.21 -11.97
C GLY F 56 19.15 -20.40 -11.34
N SER F 57 18.98 -20.53 -10.03
CA SER F 57 17.90 -19.84 -9.30
C SER F 57 18.43 -18.68 -8.47
N LEU F 58 19.28 -17.85 -9.06
CA LEU F 58 19.85 -16.69 -8.35
C LEU F 58 18.80 -15.59 -8.17
N GLU F 59 18.48 -15.29 -6.91
CA GLU F 59 17.52 -14.25 -6.59
C GLU F 59 17.82 -13.62 -5.24
N ILE F 60 17.95 -12.30 -5.22
CA ILE F 60 18.31 -11.56 -4.02
C ILE F 60 17.06 -10.98 -3.34
N ASP F 61 16.90 -11.29 -2.06
CA ASP F 61 15.77 -10.80 -1.28
C ASP F 61 16.23 -9.82 -0.20
N VAL F 62 15.97 -8.53 -0.42
CA VAL F 62 16.25 -7.50 0.57
C VAL F 62 14.97 -7.14 1.30
N PHE F 63 15.04 -7.09 2.63
CA PHE F 63 13.90 -6.73 3.47
C PHE F 63 14.14 -5.38 4.12
N LEU F 64 13.22 -4.44 3.90
CA LEU F 64 13.31 -3.12 4.51
C LEU F 64 12.72 -3.14 5.91
N LEU F 65 13.47 -2.61 6.88
CA LEU F 65 13.05 -2.60 8.27
C LEU F 65 12.54 -1.22 8.69
N PHE F 66 11.25 -1.16 9.02
CA PHE F 66 10.62 0.09 9.48
C PHE F 66 10.16 -0.05 10.92
N PRO F 67 10.07 1.08 11.66
CA PRO F 67 9.61 1.03 13.05
C PRO F 67 8.18 0.51 13.18
N GLU F 68 7.80 0.10 14.38
CA GLU F 68 6.46 -0.42 14.62
C GLU F 68 5.42 0.70 14.68
N GLU F 69 5.90 1.93 14.91
CA GLU F 69 5.03 3.09 14.98
C GLU F 69 4.36 3.36 13.63
N PHE F 70 4.98 2.88 12.56
CA PHE F 70 4.52 3.15 11.21
C PHE F 70 3.20 2.43 10.92
N SER F 71 2.25 3.18 10.36
CA SER F 71 0.99 2.60 9.94
C SER F 71 1.22 1.72 8.72
N LYS F 72 0.33 0.76 8.48
CA LYS F 72 0.44 -0.14 7.34
C LYS F 72 0.57 0.63 6.03
N GLU F 73 -0.12 1.77 5.95
CA GLU F 73 -0.07 2.60 4.76
C GLU F 73 1.33 3.19 4.61
N GLU F 74 1.86 3.73 5.70
CA GLU F 74 3.20 4.29 5.71
C GLU F 74 4.24 3.21 5.39
N LEU F 75 4.07 2.04 6.01
CA LEU F 75 4.93 0.89 5.76
C LEU F 75 5.00 0.61 4.26
N ARG F 76 3.86 0.71 3.60
CA ARG F 76 3.77 0.40 2.18
C ARG F 76 4.25 1.56 1.30
N GLU F 77 3.96 2.79 1.72
CA GLU F 77 4.41 3.96 0.98
C GLU F 77 5.93 4.00 0.90
N ARG F 78 6.59 3.90 2.04
CA ARG F 78 8.05 3.96 2.10
C ARG F 78 8.68 2.78 1.35
N GLY F 79 8.10 1.60 1.52
CA GLY F 79 8.62 0.40 0.87
C GLY F 79 8.61 0.51 -0.63
N LEU F 80 7.44 0.81 -1.19
CA LEU F 80 7.29 0.95 -2.63
C LEU F 80 8.18 2.06 -3.16
N GLU F 81 8.22 3.17 -2.42
CA GLU F 81 8.98 4.35 -2.82
C GLU F 81 10.47 4.05 -2.90
N ILE F 82 10.94 3.21 -1.99
CA ILE F 82 12.36 2.85 -1.93
C ILE F 82 12.69 1.80 -3.00
N GLY F 83 11.75 0.89 -3.25
CA GLY F 83 11.93 -0.13 -4.26
C GLY F 83 12.20 0.46 -5.63
N LYS F 84 11.26 1.30 -6.09
CA LYS F 84 11.35 1.90 -7.42
C LYS F 84 12.63 2.69 -7.62
N ALA F 85 13.17 3.21 -6.53
CA ALA F 85 14.37 4.05 -6.60
C ALA F 85 15.65 3.23 -6.63
N VAL F 86 15.55 1.95 -6.29
CA VAL F 86 16.73 1.10 -6.10
C VAL F 86 16.82 0.04 -7.20
N LEU F 87 15.69 -0.32 -7.80
CA LEU F 87 15.66 -1.34 -8.84
C LEU F 87 15.54 -0.73 -10.24
N ASP F 88 16.29 -1.30 -11.18
CA ASP F 88 16.15 -0.95 -12.60
C ASP F 88 15.05 -1.82 -13.18
N SER F 89 14.14 -1.20 -13.92
CA SER F 89 13.00 -1.91 -14.51
C SER F 89 12.23 -2.67 -13.44
N TYR F 90 11.57 -1.93 -12.55
CA TYR F 90 10.81 -2.54 -11.46
C TYR F 90 9.44 -3.02 -11.94
N GLU F 91 8.78 -3.80 -11.09
CA GLU F 91 7.48 -4.38 -11.39
C GLU F 91 6.71 -4.59 -10.09
N ILE F 92 5.66 -3.80 -9.90
CA ILE F 92 4.88 -3.86 -8.67
C ILE F 92 4.12 -5.19 -8.56
N ARG F 93 4.46 -5.97 -7.54
CA ARG F 93 3.81 -7.25 -7.28
C ARG F 93 3.00 -7.18 -6.00
N TYR F 94 2.11 -8.15 -5.82
CA TYR F 94 1.19 -8.17 -4.68
C TYR F 94 1.16 -9.53 -4.00
N ALA F 95 1.19 -9.52 -2.68
CA ALA F 95 1.08 -10.74 -1.89
C ALA F 95 0.29 -10.43 -0.62
N GLU F 96 0.98 -10.26 0.50
CA GLU F 96 0.35 -9.80 1.73
C GLU F 96 0.38 -8.28 1.75
N HIS F 97 1.53 -7.73 1.36
CA HIS F 97 1.69 -6.30 1.17
C HIS F 97 2.16 -6.05 -0.26
N PRO F 98 1.77 -4.92 -0.86
CA PRO F 98 2.33 -4.59 -2.17
C PRO F 98 3.83 -4.34 -2.07
N TYR F 99 4.63 -5.14 -2.76
CA TYR F 99 6.09 -4.98 -2.78
C TYR F 99 6.59 -4.76 -4.19
N VAL F 100 7.91 -4.59 -4.32
CA VAL F 100 8.54 -4.23 -5.59
C VAL F 100 9.51 -5.29 -6.05
N HIS F 101 9.32 -5.77 -7.27
CA HIS F 101 10.25 -6.71 -7.91
C HIS F 101 10.89 -6.02 -9.10
N GLY F 102 12.19 -6.26 -9.30
CA GLY F 102 12.91 -5.61 -10.37
C GLY F 102 14.21 -6.31 -10.72
N VAL F 103 15.15 -5.53 -11.25
CA VAL F 103 16.43 -6.06 -11.69
C VAL F 103 17.56 -5.08 -11.38
N VAL F 104 18.68 -5.62 -10.89
CA VAL F 104 19.87 -4.83 -10.64
C VAL F 104 21.08 -5.54 -11.24
N LYS F 105 21.67 -4.92 -12.26
CA LYS F 105 22.80 -5.51 -12.98
C LYS F 105 22.50 -6.94 -13.43
N GLY F 106 21.37 -7.11 -14.09
CA GLY F 106 21.00 -8.39 -14.68
C GLY F 106 20.62 -9.47 -13.69
N VAL F 107 20.43 -9.09 -12.43
CA VAL F 107 20.07 -10.05 -11.39
C VAL F 107 18.68 -9.74 -10.83
N GLU F 108 17.92 -10.80 -10.57
CA GLU F 108 16.58 -10.66 -10.01
C GLU F 108 16.63 -10.21 -8.57
N VAL F 109 15.72 -9.30 -8.19
CA VAL F 109 15.68 -8.77 -6.84
C VAL F 109 14.25 -8.53 -6.36
N ASP F 110 13.96 -8.98 -5.14
CA ASP F 110 12.72 -8.65 -4.44
C ASP F 110 13.03 -7.69 -3.30
N VAL F 111 12.18 -6.67 -3.15
CA VAL F 111 12.33 -5.69 -2.07
C VAL F 111 11.04 -5.62 -1.27
N VAL F 112 11.04 -6.26 -0.10
CA VAL F 112 9.84 -6.36 0.73
C VAL F 112 9.92 -5.46 1.95
N PRO F 113 8.89 -4.61 2.16
CA PRO F 113 8.85 -3.82 3.40
C PRO F 113 8.24 -4.61 4.55
N CYS F 114 8.73 -4.40 5.76
CA CYS F 114 8.21 -5.07 6.94
C CYS F 114 8.58 -4.32 8.22
N TYR F 115 8.14 -4.83 9.35
CA TYR F 115 8.38 -4.19 10.64
C TYR F 115 9.65 -4.71 11.31
N LYS F 116 10.43 -3.78 11.87
CA LYS F 116 11.60 -4.13 12.66
C LYS F 116 11.16 -4.55 14.06
N LEU F 117 10.85 -5.84 14.21
CA LEU F 117 10.35 -6.35 15.48
C LEU F 117 11.45 -6.96 16.33
N LYS F 118 11.49 -6.56 17.59
CA LYS F 118 12.42 -7.16 18.55
C LYS F 118 11.84 -8.45 19.11
N GLU F 119 10.51 -8.48 19.27
CA GLU F 119 9.82 -9.65 19.78
C GLU F 119 9.21 -10.46 18.64
N PRO F 120 9.52 -11.78 18.58
CA PRO F 120 8.88 -12.62 17.56
C PRO F 120 7.42 -12.95 17.88
N LYS F 121 6.86 -12.31 18.90
CA LYS F 121 5.46 -12.51 19.27
C LYS F 121 4.58 -11.47 18.58
N ASN F 122 5.17 -10.31 18.30
CA ASN F 122 4.45 -9.23 17.61
C ASN F 122 4.14 -9.57 16.15
N ILE F 123 4.59 -10.74 15.71
CA ILE F 123 4.33 -11.22 14.37
C ILE F 123 2.83 -11.27 14.07
N LYS F 124 2.45 -10.58 13.00
CA LYS F 124 1.09 -10.67 12.48
C LYS F 124 1.17 -10.97 10.99
N SER F 125 2.15 -10.38 10.33
CA SER F 125 2.39 -10.62 8.91
C SER F 125 3.38 -11.76 8.73
N ALA F 126 3.34 -12.40 7.56
CA ALA F 126 4.28 -13.47 7.23
C ALA F 126 5.62 -12.89 6.84
N VAL F 127 5.62 -11.65 6.36
CA VAL F 127 6.85 -10.96 6.00
C VAL F 127 7.59 -10.49 7.25
N ASP F 128 6.86 -10.37 8.36
CA ASP F 128 7.46 -10.00 9.64
C ASP F 128 8.22 -11.17 10.25
N ARG F 129 7.84 -12.38 9.85
CA ARG F 129 8.42 -13.59 10.40
C ARG F 129 9.65 -14.05 9.63
N THR F 130 9.88 -13.47 8.45
CA THR F 130 11.02 -13.84 7.62
C THR F 130 12.35 -13.43 8.24
N PRO F 131 12.47 -12.17 8.70
CA PRO F 131 13.71 -11.74 9.34
C PRO F 131 14.15 -12.63 10.51
N PHE F 132 13.19 -13.30 11.13
CA PHE F 132 13.48 -14.18 12.25
C PHE F 132 13.94 -15.55 11.76
N HIS F 133 13.34 -16.03 10.68
CA HIS F 133 13.75 -17.28 10.05
C HIS F 133 15.23 -17.20 9.67
N HIS F 134 15.60 -16.07 9.09
CA HIS F 134 16.97 -15.86 8.62
C HIS F 134 17.97 -15.91 9.77
N LYS F 135 17.64 -15.26 10.88
CA LYS F 135 18.55 -15.18 12.02
C LYS F 135 18.66 -16.51 12.75
N TRP F 136 17.61 -17.32 12.68
CA TRP F 136 17.63 -18.63 13.31
C TRP F 136 18.54 -19.59 12.54
N LEU F 137 18.65 -19.35 11.23
CA LEU F 137 19.42 -20.23 10.35
C LEU F 137 20.82 -19.70 10.05
N GLU F 138 21.00 -18.38 10.14
CA GLU F 138 22.23 -17.73 9.74
C GLU F 138 23.48 -18.40 10.30
N GLY F 139 23.42 -18.79 11.56
CA GLY F 139 24.54 -19.43 12.22
C GLY F 139 24.48 -20.95 12.14
N ARG F 140 23.26 -21.49 12.22
CA ARG F 140 23.06 -22.93 12.29
C ARG F 140 23.35 -23.64 10.96
N ILE F 141 22.96 -23.03 9.85
CA ILE F 141 23.11 -23.68 8.55
C ILE F 141 24.55 -23.57 8.04
N LYS F 142 25.35 -22.70 8.65
CA LYS F 142 26.72 -22.50 8.22
C LYS F 142 27.51 -23.81 8.25
N GLY F 143 28.13 -24.14 7.12
CA GLY F 143 28.90 -25.36 6.98
C GLY F 143 28.07 -26.53 6.48
N LYS F 144 26.88 -26.24 5.96
CA LYS F 144 25.97 -27.27 5.46
C LYS F 144 25.24 -26.82 4.19
N GLU F 145 25.64 -25.67 3.66
CA GLU F 145 24.94 -25.07 2.52
C GLU F 145 24.83 -26.02 1.34
N ASN F 146 25.82 -26.88 1.15
CA ASN F 146 25.81 -27.82 0.04
C ASN F 146 24.87 -28.99 0.29
N GLU F 147 24.57 -29.27 1.56
CA GLU F 147 23.63 -30.33 1.91
C GLU F 147 22.20 -29.88 1.61
N VAL F 148 21.89 -28.63 1.96
CA VAL F 148 20.61 -28.03 1.61
C VAL F 148 20.46 -28.03 0.10
N ARG F 149 21.50 -27.54 -0.57
CA ARG F 149 21.51 -27.41 -2.02
C ARG F 149 21.24 -28.74 -2.72
N LEU F 150 21.67 -29.85 -2.12
CA LEU F 150 21.38 -31.18 -2.66
C LEU F 150 19.90 -31.50 -2.51
N LEU F 151 19.37 -31.33 -1.30
CA LEU F 151 17.97 -31.62 -1.00
C LEU F 151 17.04 -30.86 -1.93
N LYS F 152 17.39 -29.61 -2.21
CA LYS F 152 16.60 -28.79 -3.13
C LYS F 152 16.60 -29.40 -4.53
N GLY F 153 17.79 -29.65 -5.06
CA GLY F 153 17.94 -30.24 -6.38
C GLY F 153 17.27 -31.59 -6.48
N PHE F 154 17.39 -32.38 -5.42
CA PHE F 154 16.76 -33.70 -5.36
C PHE F 154 15.25 -33.57 -5.43
N LEU F 155 14.71 -32.57 -4.75
CA LEU F 155 13.28 -32.33 -4.74
C LEU F 155 12.80 -31.71 -6.06
N LYS F 156 13.50 -30.68 -6.52
CA LYS F 156 13.13 -29.98 -7.73
C LYS F 156 13.12 -30.90 -8.94
N ALA F 157 14.09 -31.82 -8.98
CA ALA F 157 14.22 -32.74 -10.10
C ALA F 157 13.03 -33.68 -10.19
N ASN F 158 12.38 -33.90 -9.06
CA ASN F 158 11.18 -34.74 -9.00
C ASN F 158 9.90 -33.91 -8.82
N GLY F 159 10.02 -32.61 -9.06
CA GLY F 159 8.87 -31.72 -9.09
C GLY F 159 8.11 -31.57 -7.78
N ILE F 160 8.83 -31.49 -6.67
CA ILE F 160 8.21 -31.29 -5.37
C ILE F 160 8.99 -30.29 -4.51
N TYR F 161 9.59 -29.31 -5.18
CA TYR F 161 10.27 -28.22 -4.50
C TYR F 161 9.50 -26.92 -4.73
N GLY F 162 9.24 -26.21 -3.64
CA GLY F 162 8.41 -25.02 -3.66
C GLY F 162 7.06 -25.29 -3.05
N ALA F 163 6.65 -24.45 -2.10
CA ALA F 163 5.41 -24.67 -1.37
C ALA F 163 4.24 -23.90 -1.97
N GLU F 164 4.42 -23.43 -3.20
CA GLU F 164 3.33 -22.77 -3.92
C GLU F 164 2.23 -23.80 -4.22
N TYR F 165 1.03 -23.32 -4.54
CA TYR F 165 -0.10 -24.21 -4.78
C TYR F 165 0.07 -25.00 -6.08
N LYS F 166 0.93 -24.52 -6.96
CA LYS F 166 1.19 -25.22 -8.22
C LYS F 166 1.97 -26.50 -7.97
N VAL F 167 2.72 -26.52 -6.88
CA VAL F 167 3.61 -27.64 -6.56
C VAL F 167 3.16 -28.37 -5.30
N ARG F 168 2.75 -27.61 -4.28
CA ARG F 168 2.36 -28.18 -3.00
C ARG F 168 3.45 -29.10 -2.46
N GLY F 169 4.69 -28.60 -2.49
CA GLY F 169 5.84 -29.38 -2.07
C GLY F 169 6.60 -28.77 -0.90
N PHE F 170 7.92 -28.94 -0.92
CA PHE F 170 8.78 -28.50 0.16
C PHE F 170 9.29 -27.08 -0.08
N SER F 171 9.06 -26.19 0.88
CA SER F 171 9.58 -24.83 0.79
C SER F 171 11.08 -24.84 1.00
N GLY F 172 11.73 -23.74 0.62
CA GLY F 172 13.17 -23.63 0.81
C GLY F 172 13.52 -23.60 2.28
N TYR F 173 12.70 -22.89 3.06
CA TYR F 173 12.89 -22.81 4.50
C TYR F 173 12.79 -24.21 5.10
N LEU F 174 11.78 -24.97 4.67
CA LEU F 174 11.59 -26.34 5.14
C LEU F 174 12.82 -27.19 4.84
N CYS F 175 13.40 -26.98 3.66
CA CYS F 175 14.57 -27.75 3.26
C CYS F 175 15.74 -27.54 4.19
N GLU F 176 15.96 -26.29 4.60
CA GLU F 176 17.07 -25.97 5.48
C GLU F 176 16.85 -26.53 6.88
N LEU F 177 15.64 -26.38 7.41
CA LEU F 177 15.31 -26.90 8.74
C LEU F 177 15.54 -28.41 8.81
N LEU F 178 15.36 -29.10 7.71
CA LEU F 178 15.53 -30.54 7.67
C LEU F 178 17.01 -30.93 7.70
N ILE F 179 17.86 -30.13 7.06
CA ILE F 179 19.29 -30.38 7.08
C ILE F 179 19.84 -30.12 8.49
N VAL F 180 19.37 -29.05 9.12
CA VAL F 180 19.77 -28.72 10.48
C VAL F 180 19.36 -29.84 11.43
N PHE F 181 18.24 -30.49 11.13
CA PHE F 181 17.70 -31.52 11.99
C PHE F 181 18.46 -32.84 11.87
N TYR F 182 18.75 -33.25 10.64
CA TYR F 182 19.39 -34.54 10.39
C TYR F 182 20.88 -34.41 10.11
N GLY F 183 21.34 -33.19 9.85
CA GLY F 183 22.76 -32.93 9.68
C GLY F 183 23.22 -32.87 8.23
N SER F 184 22.62 -33.70 7.38
CA SER F 184 23.02 -33.74 5.98
C SER F 184 21.88 -34.23 5.09
N PHE F 185 22.06 -34.08 3.78
CA PHE F 185 21.09 -34.57 2.81
C PHE F 185 20.91 -36.07 2.94
N LEU F 186 22.02 -36.77 3.14
CA LEU F 186 21.99 -38.23 3.23
C LEU F 186 21.20 -38.69 4.46
N GLU F 187 21.49 -38.10 5.61
CA GLU F 187 20.79 -38.45 6.84
C GLU F 187 19.31 -38.08 6.74
N THR F 188 19.00 -37.05 5.97
CA THR F 188 17.62 -36.64 5.76
C THR F 188 16.89 -37.67 4.92
N VAL F 189 17.54 -38.13 3.85
CA VAL F 189 16.95 -39.13 2.96
C VAL F 189 16.74 -40.44 3.70
N LYS F 190 17.74 -40.86 4.47
CA LYS F 190 17.70 -42.15 5.15
C LYS F 190 16.56 -42.22 6.16
N ASN F 191 16.34 -41.14 6.90
CA ASN F 191 15.28 -41.08 7.90
C ASN F 191 13.92 -40.83 7.28
N ALA F 192 13.90 -40.13 6.15
CA ALA F 192 12.65 -39.79 5.48
C ALA F 192 11.89 -41.04 5.06
N ARG F 193 12.61 -42.14 4.86
CA ARG F 193 12.00 -43.40 4.47
C ARG F 193 11.02 -43.90 5.55
N ARG F 194 11.25 -43.49 6.80
CA ARG F 194 10.44 -43.95 7.92
C ARG F 194 9.38 -42.91 8.32
N TRP F 195 9.27 -41.83 7.54
CA TRP F 195 8.25 -40.82 7.80
C TRP F 195 6.86 -41.41 7.60
N THR F 196 5.87 -40.74 8.19
CA THR F 196 4.47 -41.14 8.06
C THR F 196 3.64 -39.88 7.91
N ARG F 197 2.33 -40.05 7.72
CA ARG F 197 1.43 -38.92 7.57
C ARG F 197 1.06 -38.33 8.93
N ARG F 198 1.67 -38.86 9.99
CA ARG F 198 1.42 -38.38 11.35
C ARG F 198 2.72 -37.96 12.05
N THR F 199 3.83 -38.05 11.32
CA THR F 199 5.13 -37.69 11.88
C THR F 199 5.21 -36.21 12.20
N VAL F 200 5.69 -35.90 13.40
CA VAL F 200 5.96 -34.52 13.80
C VAL F 200 7.47 -34.36 13.98
N ILE F 201 8.02 -33.28 13.42
CA ILE F 201 9.44 -33.01 13.50
C ILE F 201 9.70 -31.68 14.20
N ASP F 202 10.05 -31.76 15.48
CA ASP F 202 10.35 -30.56 16.26
C ASP F 202 11.83 -30.23 16.13
N VAL F 203 12.13 -29.15 15.42
CA VAL F 203 13.51 -28.79 15.12
C VAL F 203 14.21 -28.22 16.34
N ALA F 204 13.54 -27.30 17.04
CA ALA F 204 14.13 -26.65 18.21
C ALA F 204 14.43 -27.65 19.32
N LYS F 205 13.47 -28.53 19.61
CA LYS F 205 13.64 -29.55 20.64
C LYS F 205 14.48 -30.73 20.13
N GLY F 206 14.63 -30.81 18.81
CA GLY F 206 15.43 -31.87 18.21
C GLY F 206 14.90 -33.26 18.53
N GLU F 207 13.59 -33.43 18.41
CA GLU F 207 12.96 -34.72 18.66
C GLU F 207 11.81 -34.97 17.68
N VAL F 208 11.54 -36.25 17.44
CA VAL F 208 10.45 -36.66 16.56
C VAL F 208 9.35 -37.29 17.40
N ARG F 209 8.10 -37.07 17.02
CA ARG F 209 6.97 -37.65 17.71
C ARG F 209 5.77 -37.80 16.77
N LYS F 210 4.70 -38.40 17.27
CA LYS F 210 3.48 -38.61 16.50
C LYS F 210 2.50 -37.46 16.72
N GLY F 211 1.67 -37.19 15.72
CA GLY F 211 0.66 -36.15 15.81
C GLY F 211 -0.52 -36.42 14.90
N GLU F 212 -1.29 -35.38 14.59
CA GLU F 212 -2.45 -35.51 13.72
C GLU F 212 -2.02 -35.44 12.26
N GLU F 213 -1.32 -34.36 11.91
CA GLU F 213 -0.85 -34.12 10.56
C GLU F 213 0.64 -34.38 10.48
N PHE F 214 1.20 -34.27 9.28
CA PHE F 214 2.65 -34.22 9.14
C PHE F 214 3.10 -32.80 9.47
N PHE F 215 3.68 -32.63 10.65
CA PHE F 215 3.94 -31.30 11.19
C PHE F 215 5.44 -31.05 11.37
N VAL F 216 5.96 -30.03 10.70
CA VAL F 216 7.33 -29.58 10.90
C VAL F 216 7.29 -28.24 11.64
N VAL F 217 7.60 -28.28 12.93
CA VAL F 217 7.45 -27.12 13.80
C VAL F 217 8.44 -26.00 13.48
N ASP F 218 7.91 -24.80 13.25
CA ASP F 218 8.74 -23.63 13.02
C ASP F 218 9.41 -23.25 14.34
N PRO F 219 10.76 -23.16 14.34
CA PRO F 219 11.47 -22.79 15.59
C PRO F 219 11.11 -21.40 16.11
N VAL F 220 10.68 -20.51 15.21
CA VAL F 220 10.30 -19.16 15.59
C VAL F 220 8.87 -19.13 16.14
N ASP F 221 8.06 -20.09 15.72
CA ASP F 221 6.66 -20.15 16.11
C ASP F 221 6.21 -21.60 16.27
N GLU F 222 6.04 -22.04 17.52
CA GLU F 222 5.69 -23.43 17.81
C GLU F 222 4.33 -23.82 17.21
N LYS F 223 3.48 -22.83 16.96
CA LYS F 223 2.13 -23.08 16.47
C LYS F 223 2.06 -23.26 14.96
N ARG F 224 3.12 -22.85 14.26
CA ARG F 224 3.11 -22.86 12.80
C ARG F 224 3.71 -24.14 12.20
N ASN F 225 3.08 -24.63 11.14
CA ASN F 225 3.55 -25.82 10.43
C ASN F 225 4.30 -25.42 9.16
N VAL F 226 5.61 -25.62 9.17
CA VAL F 226 6.45 -25.24 8.04
C VAL F 226 6.08 -26.03 6.79
N ALA F 227 5.62 -27.26 7.00
CA ALA F 227 5.23 -28.15 5.91
C ALA F 227 3.70 -28.18 5.77
N ALA F 228 3.07 -27.05 6.00
CA ALA F 228 1.62 -26.95 5.94
C ALA F 228 1.07 -27.28 4.55
N ASN F 229 1.63 -26.64 3.53
CA ASN F 229 1.10 -26.78 2.18
C ASN F 229 1.70 -27.97 1.42
N LEU F 230 2.45 -28.82 2.13
CA LEU F 230 2.94 -30.06 1.54
C LEU F 230 1.80 -31.05 1.43
N SER F 231 1.43 -31.42 0.21
CA SER F 231 0.31 -32.33 -0.01
C SER F 231 0.63 -33.73 0.52
N LEU F 232 -0.41 -34.46 0.92
CA LEU F 232 -0.23 -35.82 1.42
C LEU F 232 0.40 -36.71 0.35
N ASP F 233 0.00 -36.51 -0.91
CA ASP F 233 0.53 -37.32 -2.00
C ASP F 233 2.00 -37.01 -2.26
N ASN F 234 2.37 -35.73 -2.24
CA ASN F 234 3.77 -35.35 -2.44
C ASN F 234 4.65 -35.82 -1.29
N LEU F 235 4.06 -35.94 -0.10
CA LEU F 235 4.77 -36.51 1.03
C LEU F 235 5.11 -37.97 0.71
N ALA F 236 4.10 -38.70 0.26
CA ALA F 236 4.27 -40.12 -0.05
C ALA F 236 5.29 -40.34 -1.16
N ARG F 237 5.32 -39.43 -2.13
CA ARG F 237 6.25 -39.52 -3.24
C ARG F 237 7.69 -39.34 -2.75
N PHE F 238 7.90 -38.39 -1.84
CA PHE F 238 9.23 -38.14 -1.32
C PHE F 238 9.72 -39.32 -0.49
N VAL F 239 8.83 -39.88 0.32
CA VAL F 239 9.15 -41.07 1.11
C VAL F 239 9.58 -42.20 0.18
N HIS F 240 8.78 -42.45 -0.86
CA HIS F 240 9.06 -43.51 -1.81
C HIS F 240 10.38 -43.27 -2.55
N LEU F 241 10.59 -42.04 -3.00
CA LEU F 241 11.82 -41.69 -3.71
C LEU F 241 13.04 -41.93 -2.83
N CYS F 242 12.92 -41.63 -1.55
CA CYS F 242 14.01 -41.84 -0.61
C CYS F 242 14.33 -43.34 -0.49
N ARG F 243 13.28 -44.15 -0.39
CA ARG F 243 13.43 -45.58 -0.33
C ARG F 243 14.06 -46.11 -1.62
N GLU F 244 13.59 -45.60 -2.75
CA GLU F 244 14.11 -46.00 -4.05
C GLU F 244 15.55 -45.54 -4.23
N PHE F 245 15.90 -44.43 -3.58
CA PHE F 245 17.23 -43.85 -3.73
C PHE F 245 18.29 -44.66 -2.99
N MET F 246 17.93 -45.22 -1.84
CA MET F 246 18.89 -45.97 -1.03
C MET F 246 19.08 -47.39 -1.55
N GLU F 247 18.04 -47.97 -2.12
CA GLU F 247 18.10 -49.33 -2.64
C GLU F 247 18.87 -49.40 -3.94
N ALA F 248 18.90 -48.28 -4.67
CA ALA F 248 19.62 -48.22 -5.94
C ALA F 248 20.00 -46.78 -6.26
N PRO F 249 20.96 -46.23 -5.51
CA PRO F 249 21.44 -44.85 -5.71
C PRO F 249 21.79 -44.57 -7.17
N SER F 250 21.41 -43.38 -7.63
CA SER F 250 21.66 -42.99 -9.01
C SER F 250 21.71 -41.47 -9.13
N LEU F 251 22.52 -40.98 -10.07
CA LEU F 251 22.60 -39.55 -10.33
C LEU F 251 21.33 -39.09 -11.06
N GLY F 252 20.56 -40.05 -11.55
CA GLY F 252 19.33 -39.74 -12.28
C GLY F 252 18.28 -39.07 -11.42
N PHE F 253 18.34 -39.32 -10.11
CA PHE F 253 17.40 -38.72 -9.17
C PHE F 253 17.55 -37.21 -9.13
N PHE F 254 18.76 -36.73 -9.39
CA PHE F 254 19.06 -35.30 -9.30
C PHE F 254 18.89 -34.58 -10.63
N LYS F 255 18.33 -35.26 -11.62
CA LYS F 255 18.14 -34.69 -12.95
C LYS F 255 16.66 -34.67 -13.32
N PRO F 256 16.21 -33.57 -13.96
CA PRO F 256 14.80 -33.52 -14.37
C PRO F 256 14.49 -34.59 -15.41
N LYS F 257 13.22 -34.97 -15.50
CA LYS F 257 12.80 -36.01 -16.43
C LYS F 257 12.42 -35.39 -17.76
N HIS F 258 12.75 -36.08 -18.86
CA HIS F 258 12.44 -35.58 -20.19
C HIS F 258 10.94 -35.34 -20.34
N PRO F 259 10.56 -34.41 -21.24
CA PRO F 259 9.15 -34.09 -21.46
C PRO F 259 8.30 -35.33 -21.73
N LEU F 260 8.89 -36.32 -22.39
CA LEU F 260 8.19 -37.56 -22.70
C LEU F 260 6.97 -37.27 -23.57
N GLU F 261 7.21 -36.74 -24.76
CA GLU F 261 6.15 -36.44 -25.70
C GLU F 261 6.01 -37.57 -26.71
N ILE F 262 4.77 -37.95 -26.99
CA ILE F 262 4.48 -39.01 -27.93
C ILE F 262 3.62 -38.49 -29.08
N GLU F 263 3.67 -39.17 -30.21
CA GLU F 263 2.88 -38.76 -31.37
C GLU F 263 1.40 -38.83 -31.05
N PRO F 264 0.59 -37.98 -31.69
CA PRO F 264 -0.86 -38.05 -31.48
C PRO F 264 -1.43 -39.42 -31.88
N GLU F 265 -0.78 -40.08 -32.82
CA GLU F 265 -1.26 -41.35 -33.33
C GLU F 265 -1.09 -42.48 -32.31
N ARG F 266 0.05 -42.48 -31.61
CA ARG F 266 0.28 -43.49 -30.59
C ARG F 266 -0.73 -43.31 -29.47
N LEU F 267 -0.85 -42.06 -29.00
CA LEU F 267 -1.79 -41.71 -27.95
C LEU F 267 -3.21 -42.11 -28.32
N ARG F 268 -3.54 -42.00 -29.61
CA ARG F 268 -4.84 -42.40 -30.10
C ARG F 268 -5.06 -43.89 -29.88
N LYS F 269 -4.03 -44.68 -30.20
CA LYS F 269 -4.09 -46.14 -30.08
C LYS F 269 -4.18 -46.58 -28.61
N ILE F 270 -3.46 -45.88 -27.74
CA ILE F 270 -3.46 -46.21 -26.32
C ILE F 270 -4.84 -46.05 -25.72
N VAL F 271 -5.49 -44.93 -25.99
CA VAL F 271 -6.83 -44.67 -25.48
C VAL F 271 -7.81 -45.69 -26.04
N GLU F 272 -7.62 -46.06 -27.31
CA GLU F 272 -8.48 -47.05 -27.95
C GLU F 272 -8.34 -48.40 -27.24
N GLU F 273 -7.10 -48.80 -26.99
CA GLU F 273 -6.83 -50.07 -26.32
C GLU F 273 -7.43 -50.09 -24.93
N ARG F 274 -7.25 -48.99 -24.20
CA ARG F 274 -7.80 -48.87 -22.85
C ARG F 274 -9.32 -48.89 -22.87
N GLY F 275 -9.90 -48.49 -24.00
CA GLY F 275 -11.34 -48.56 -24.18
C GLY F 275 -12.10 -47.58 -23.31
N THR F 276 -11.43 -46.51 -22.91
CA THR F 276 -12.04 -45.49 -22.05
C THR F 276 -12.53 -44.30 -22.87
N ALA F 277 -13.22 -43.38 -22.19
CA ALA F 277 -13.63 -42.13 -22.78
C ALA F 277 -12.73 -41.02 -22.24
N VAL F 278 -11.95 -40.41 -23.12
CA VAL F 278 -11.03 -39.33 -22.75
C VAL F 278 -11.46 -38.03 -23.41
N PHE F 279 -11.81 -37.05 -22.60
CA PHE F 279 -12.25 -35.75 -23.08
C PHE F 279 -11.71 -34.65 -22.18
N ALA F 280 -11.88 -33.41 -22.61
CA ALA F 280 -11.39 -32.27 -21.86
C ALA F 280 -12.40 -31.13 -21.90
N VAL F 281 -12.32 -30.24 -20.91
CA VAL F 281 -13.06 -29.00 -20.91
C VAL F 281 -12.07 -27.87 -21.18
N LYS F 282 -12.20 -27.23 -22.33
CA LYS F 282 -11.33 -26.12 -22.71
C LYS F 282 -12.00 -24.80 -22.41
N PHE F 283 -11.23 -23.84 -21.90
CA PHE F 283 -11.73 -22.50 -21.64
C PHE F 283 -10.58 -21.50 -21.48
N ARG F 284 -10.91 -20.22 -21.60
CA ARG F 284 -9.92 -19.14 -21.46
C ARG F 284 -9.33 -19.14 -20.06
N LYS F 285 -8.02 -18.94 -19.96
CA LYS F 285 -7.35 -18.90 -18.67
C LYS F 285 -7.63 -17.58 -17.95
N PRO F 286 -8.20 -17.65 -16.73
CA PRO F 286 -8.44 -16.40 -15.98
C PRO F 286 -7.16 -15.62 -15.73
N ASP F 287 -7.20 -14.31 -15.92
CA ASP F 287 -6.05 -13.45 -15.68
C ASP F 287 -5.79 -13.31 -14.18
N ILE F 288 -5.28 -14.37 -13.57
CA ILE F 288 -4.97 -14.39 -12.16
C ILE F 288 -3.67 -15.15 -11.94
N VAL F 289 -3.02 -14.90 -10.81
CA VAL F 289 -1.78 -15.59 -10.47
C VAL F 289 -2.01 -17.08 -10.29
N ASP F 290 -0.94 -17.86 -10.35
CA ASP F 290 -1.04 -19.31 -10.25
C ASP F 290 -1.63 -19.76 -8.92
N ASP F 291 -1.32 -19.01 -7.86
CA ASP F 291 -1.78 -19.38 -6.52
C ASP F 291 -3.29 -19.31 -6.39
N ASN F 292 -3.93 -18.55 -7.27
CA ASN F 292 -5.37 -18.45 -7.30
C ASN F 292 -5.97 -19.41 -8.32
N LEU F 293 -5.26 -19.63 -9.42
CA LEU F 293 -5.77 -20.43 -10.52
C LEU F 293 -5.77 -21.92 -10.21
N TYR F 294 -4.66 -22.43 -9.70
CA TYR F 294 -4.48 -23.87 -9.53
C TYR F 294 -5.41 -24.50 -8.49
N PRO F 295 -5.60 -23.84 -7.34
CA PRO F 295 -6.59 -24.38 -6.39
C PRO F 295 -7.99 -24.43 -6.98
N GLN F 296 -8.26 -23.60 -7.99
CA GLN F 296 -9.57 -23.57 -8.64
C GLN F 296 -9.67 -24.65 -9.70
N LEU F 297 -8.57 -24.92 -10.39
CA LEU F 297 -8.53 -26.01 -11.37
C LEU F 297 -8.67 -27.34 -10.63
N GLU F 298 -8.13 -27.39 -9.41
CA GLU F 298 -8.28 -28.56 -8.57
C GLU F 298 -9.74 -28.76 -8.16
N ARG F 299 -10.38 -27.67 -7.76
CA ARG F 299 -11.79 -27.70 -7.36
C ARG F 299 -12.67 -28.03 -8.55
N ALA F 300 -12.39 -27.37 -9.68
CA ALA F 300 -13.16 -27.59 -10.90
C ALA F 300 -13.14 -29.07 -11.29
N SER F 301 -11.95 -29.63 -11.42
CA SER F 301 -11.81 -31.03 -11.79
C SER F 301 -12.46 -31.95 -10.76
N ARG F 302 -12.29 -31.62 -9.48
CA ARG F 302 -12.89 -32.40 -8.40
C ARG F 302 -14.41 -32.42 -8.51
N LYS F 303 -14.98 -31.24 -8.75
CA LYS F 303 -16.43 -31.10 -8.84
C LYS F 303 -16.99 -31.85 -10.04
N ILE F 304 -16.35 -31.70 -11.19
CA ILE F 304 -16.77 -32.41 -12.39
C ILE F 304 -16.59 -33.92 -12.22
N PHE F 305 -15.48 -34.30 -11.58
CA PHE F 305 -15.20 -35.70 -11.31
C PHE F 305 -16.30 -36.31 -10.46
N GLU F 306 -16.77 -35.56 -9.47
CA GLU F 306 -17.82 -36.02 -8.58
C GLU F 306 -19.16 -36.10 -9.30
N PHE F 307 -19.36 -35.23 -10.29
CA PHE F 307 -20.58 -35.25 -11.09
C PHE F 307 -20.63 -36.51 -11.93
N LEU F 308 -19.50 -36.86 -12.54
CA LEU F 308 -19.41 -38.06 -13.36
C LEU F 308 -19.62 -39.31 -12.51
N GLU F 309 -19.17 -39.26 -11.27
CA GLU F 309 -19.32 -40.38 -10.35
C GLU F 309 -20.80 -40.60 -10.04
N ARG F 310 -21.51 -39.50 -9.80
CA ARG F 310 -22.95 -39.56 -9.52
C ARG F 310 -23.74 -40.09 -10.70
N GLU F 311 -23.28 -39.79 -11.90
CA GLU F 311 -24.01 -40.13 -13.12
C GLU F 311 -23.60 -41.49 -13.69
N ASN F 312 -22.81 -42.24 -12.93
CA ASN F 312 -22.43 -43.60 -13.29
C ASN F 312 -21.65 -43.71 -14.60
N PHE F 313 -20.80 -42.72 -14.87
CA PHE F 313 -19.89 -42.79 -16.00
C PHE F 313 -18.53 -43.36 -15.56
N MET F 314 -18.38 -43.55 -14.25
CA MET F 314 -17.21 -44.22 -13.69
C MET F 314 -15.90 -43.58 -14.13
N PRO F 315 -15.58 -42.41 -13.54
CA PRO F 315 -14.30 -41.76 -13.84
C PRO F 315 -13.13 -42.48 -13.19
N LEU F 316 -12.00 -42.55 -13.90
CA LEU F 316 -10.80 -43.20 -13.40
C LEU F 316 -9.91 -42.20 -12.68
N ARG F 317 -9.38 -41.24 -13.43
CA ARG F 317 -8.60 -40.15 -12.87
C ARG F 317 -8.95 -38.86 -13.58
N SER F 318 -8.38 -37.76 -13.11
CA SER F 318 -8.52 -36.47 -13.76
C SER F 318 -7.21 -35.73 -13.68
N ALA F 319 -7.08 -34.68 -14.48
CA ALA F 319 -5.91 -33.83 -14.45
C ALA F 319 -6.29 -32.46 -15.00
N PHE F 320 -5.35 -31.52 -14.92
CA PHE F 320 -5.58 -30.20 -15.49
C PHE F 320 -4.28 -29.61 -16.01
N LYS F 321 -4.41 -28.63 -16.91
CA LYS F 321 -3.24 -27.95 -17.46
C LYS F 321 -3.59 -26.51 -17.78
N ALA F 322 -2.66 -25.61 -17.44
CA ALA F 322 -2.82 -24.20 -17.74
C ALA F 322 -1.75 -23.77 -18.73
N SER F 323 -2.19 -23.47 -19.95
CA SER F 323 -1.31 -22.91 -20.97
C SER F 323 -1.23 -21.39 -20.74
N GLU F 324 -0.77 -20.66 -21.75
CA GLU F 324 -0.71 -19.21 -21.64
C GLU F 324 -2.09 -18.60 -21.85
N GLU F 325 -2.83 -19.14 -22.81
CA GLU F 325 -4.11 -18.57 -23.24
C GLU F 325 -5.32 -19.36 -22.73
N PHE F 326 -5.15 -20.68 -22.59
CA PHE F 326 -6.27 -21.56 -22.24
C PHE F 326 -6.00 -22.45 -21.03
N CYS F 327 -7.06 -23.08 -20.55
CA CYS F 327 -6.99 -24.06 -19.47
C CYS F 327 -7.74 -25.31 -19.87
N TYR F 328 -7.27 -26.46 -19.41
CA TYR F 328 -7.87 -27.74 -19.75
C TYR F 328 -8.12 -28.56 -18.50
N LEU F 329 -9.32 -29.12 -18.39
CA LEU F 329 -9.65 -30.05 -17.32
C LEU F 329 -9.83 -31.43 -17.95
N LEU F 330 -8.85 -32.29 -17.77
CA LEU F 330 -8.80 -33.59 -18.42
C LEU F 330 -9.54 -34.64 -17.58
N PHE F 331 -10.18 -35.59 -18.25
CA PHE F 331 -10.90 -36.67 -17.58
C PHE F 331 -10.81 -37.95 -18.38
N GLU F 332 -10.81 -39.09 -17.69
CA GLU F 332 -10.90 -40.40 -18.32
C GLU F 332 -11.97 -41.22 -17.60
N CYS F 333 -12.94 -41.71 -18.37
CA CYS F 333 -14.05 -42.47 -17.83
C CYS F 333 -14.14 -43.86 -18.45
N GLN F 334 -14.65 -44.82 -17.67
CA GLN F 334 -14.73 -46.20 -18.11
C GLN F 334 -15.99 -46.46 -18.95
N ILE F 335 -16.94 -45.53 -18.88
CA ILE F 335 -18.18 -45.65 -19.63
C ILE F 335 -18.23 -44.61 -20.76
N LYS F 336 -18.22 -45.09 -22.00
CA LYS F 336 -18.32 -44.21 -23.16
C LYS F 336 -19.78 -43.83 -23.41
N GLU F 337 -20.69 -44.71 -23.03
CA GLU F 337 -22.10 -44.53 -23.32
C GLU F 337 -22.94 -45.36 -22.36
N ILE F 338 -23.98 -44.75 -21.82
CA ILE F 338 -24.89 -45.42 -20.88
C ILE F 338 -26.30 -45.46 -21.47
N SER F 339 -27.11 -46.42 -21.02
CA SER F 339 -28.45 -46.61 -21.57
C SER F 339 -29.32 -45.37 -21.37
N ARG F 340 -30.26 -45.17 -22.29
CA ARG F 340 -31.17 -44.03 -22.21
C ARG F 340 -32.12 -44.20 -21.02
N VAL F 341 -32.66 -45.40 -20.86
CA VAL F 341 -33.61 -45.67 -19.78
C VAL F 341 -32.89 -45.89 -18.45
N PHE F 342 -33.54 -45.50 -17.36
CA PHE F 342 -32.99 -45.72 -16.02
C PHE F 342 -34.12 -45.87 -15.01
N ARG F 343 -33.78 -46.35 -13.82
CA ARG F 343 -34.75 -46.54 -12.75
C ARG F 343 -34.95 -45.26 -11.94
N ARG F 344 -36.21 -44.87 -11.76
CA ARG F 344 -36.56 -43.71 -10.94
C ARG F 344 -37.29 -44.22 -9.70
N MET F 345 -36.84 -43.78 -8.52
CA MET F 345 -37.41 -44.26 -7.27
C MET F 345 -38.74 -43.58 -6.96
N GLY F 346 -39.72 -44.40 -6.62
CA GLY F 346 -41.04 -43.91 -6.24
C GLY F 346 -41.29 -44.15 -4.76
N PRO F 347 -42.52 -43.89 -4.30
CA PRO F 347 -42.90 -44.07 -2.90
C PRO F 347 -43.15 -45.54 -2.55
N GLN F 348 -43.24 -45.85 -1.27
CA GLN F 348 -43.56 -47.19 -0.83
C GLN F 348 -45.04 -47.50 -1.06
N PHE F 349 -45.39 -48.78 -1.12
CA PHE F 349 -46.72 -49.18 -1.55
C PHE F 349 -47.82 -48.72 -0.60
N GLU F 350 -47.45 -48.44 0.65
CA GLU F 350 -48.41 -48.01 1.66
C GLU F 350 -48.91 -46.59 1.36
N ASP F 351 -48.00 -45.72 0.91
CA ASP F 351 -48.33 -44.33 0.65
C ASP F 351 -49.32 -44.22 -0.50
N GLU F 352 -50.61 -44.16 -0.16
CA GLU F 352 -51.66 -44.14 -1.18
C GLU F 352 -51.63 -42.85 -2.01
N ARG F 353 -51.52 -41.71 -1.32
CA ARG F 353 -51.58 -40.42 -1.98
C ARG F 353 -50.49 -40.23 -3.03
N ASN F 354 -49.24 -40.45 -2.62
CA ASN F 354 -48.09 -40.18 -3.49
C ASN F 354 -47.92 -41.21 -4.62
N VAL F 355 -48.39 -42.43 -4.39
CA VAL F 355 -48.38 -43.45 -5.43
C VAL F 355 -49.30 -43.01 -6.56
N LYS F 356 -50.44 -42.41 -6.20
CA LYS F 356 -51.38 -41.90 -7.18
C LYS F 356 -50.71 -40.85 -8.06
N LYS F 357 -49.98 -39.93 -7.43
CA LYS F 357 -49.25 -38.89 -8.15
C LYS F 357 -48.15 -39.52 -9.01
N PHE F 358 -47.44 -40.49 -8.43
CA PHE F 358 -46.32 -41.13 -9.10
C PHE F 358 -46.77 -41.87 -10.37
N LEU F 359 -47.87 -42.59 -10.27
CA LEU F 359 -48.37 -43.40 -11.39
C LEU F 359 -49.15 -42.58 -12.41
N SER F 360 -49.51 -41.35 -12.06
CA SER F 360 -50.31 -40.52 -12.94
C SER F 360 -49.48 -39.89 -14.06
N ARG F 361 -48.17 -39.78 -13.84
CA ARG F 361 -47.27 -39.19 -14.83
C ARG F 361 -47.28 -40.02 -16.11
N ASN F 362 -47.15 -39.33 -17.25
CA ASN F 362 -47.03 -40.00 -18.53
C ASN F 362 -45.63 -40.58 -18.73
N ARG F 363 -45.55 -41.88 -18.96
CA ARG F 363 -44.29 -42.56 -19.20
C ARG F 363 -44.42 -43.57 -20.34
N ALA F 364 -43.31 -43.79 -21.05
CA ALA F 364 -43.30 -44.74 -22.15
C ALA F 364 -43.54 -46.16 -21.66
N PHE F 365 -43.12 -46.43 -20.42
CA PHE F 365 -43.16 -47.78 -19.87
C PHE F 365 -43.89 -47.82 -18.53
N ARG F 366 -44.44 -48.99 -18.20
CA ARG F 366 -45.19 -49.17 -16.97
C ARG F 366 -44.27 -49.15 -15.75
N PRO F 367 -44.69 -48.45 -14.67
CA PRO F 367 -43.96 -48.57 -13.41
C PRO F 367 -44.08 -49.98 -12.82
N PHE F 368 -43.29 -50.28 -11.79
CA PHE F 368 -43.30 -51.59 -11.18
C PHE F 368 -42.90 -51.54 -9.71
N ILE F 369 -43.33 -52.54 -8.96
CA ILE F 369 -42.98 -52.67 -7.55
C ILE F 369 -41.74 -53.53 -7.40
N GLU F 370 -40.85 -53.13 -6.50
CA GLU F 370 -39.68 -53.93 -6.16
C GLU F 370 -39.29 -53.66 -4.71
N ASN F 371 -39.34 -54.70 -3.90
CA ASN F 371 -39.08 -54.59 -2.46
C ASN F 371 -40.01 -53.57 -1.80
N GLY F 372 -41.31 -53.71 -2.07
CA GLY F 372 -42.33 -52.89 -1.43
C GLY F 372 -42.26 -51.42 -1.82
N ARG F 373 -41.57 -51.12 -2.91
CA ARG F 373 -41.44 -49.74 -3.37
C ARG F 373 -41.69 -49.66 -4.87
N TRP F 374 -42.37 -48.60 -5.30
CA TRP F 374 -42.63 -48.37 -6.70
C TRP F 374 -41.42 -47.77 -7.39
N TRP F 375 -41.13 -48.28 -8.58
CA TRP F 375 -40.04 -47.75 -9.41
C TRP F 375 -40.60 -47.48 -10.80
N ALA F 376 -39.96 -46.58 -11.53
CA ALA F 376 -40.41 -46.19 -12.85
C ALA F 376 -39.25 -46.11 -13.83
N PHE F 377 -39.52 -46.45 -15.09
CA PHE F 377 -38.53 -46.30 -16.14
C PHE F 377 -38.66 -44.93 -16.77
N GLU F 378 -37.61 -44.12 -16.65
CA GLU F 378 -37.56 -42.79 -17.24
C GLU F 378 -36.32 -42.67 -18.11
N MET F 379 -36.24 -41.62 -18.92
CA MET F 379 -35.16 -41.46 -19.89
C MET F 379 -34.15 -40.42 -19.43
N ARG F 380 -32.86 -40.74 -19.58
CA ARG F 380 -31.80 -39.81 -19.21
C ARG F 380 -31.77 -38.61 -20.13
N LYS F 381 -31.35 -37.46 -19.60
CA LYS F 381 -31.19 -36.25 -20.39
C LYS F 381 -30.01 -36.40 -21.35
N PHE F 382 -28.97 -37.10 -20.90
CA PHE F 382 -27.77 -37.34 -21.70
C PHE F 382 -27.30 -38.78 -21.48
N THR F 383 -26.50 -39.29 -22.40
CA THR F 383 -26.08 -40.70 -22.35
C THR F 383 -24.58 -40.90 -22.54
N THR F 384 -23.82 -39.81 -22.65
CA THR F 384 -22.37 -39.91 -22.72
C THR F 384 -21.77 -38.96 -21.69
N PRO F 385 -20.54 -39.27 -21.22
CA PRO F 385 -19.92 -38.40 -20.23
C PRO F 385 -19.67 -36.99 -20.76
N GLU F 386 -19.36 -36.86 -22.05
CA GLU F 386 -19.14 -35.54 -22.64
C GLU F 386 -20.42 -34.71 -22.64
N GLU F 387 -21.53 -35.35 -23.00
CA GLU F 387 -22.84 -34.70 -22.97
C GLU F 387 -23.17 -34.23 -21.56
N GLY F 388 -22.92 -35.10 -20.58
CA GLY F 388 -23.22 -34.81 -19.19
C GLY F 388 -22.44 -33.63 -18.65
N VAL F 389 -21.16 -33.55 -19.01
CA VAL F 389 -20.30 -32.47 -18.53
C VAL F 389 -20.63 -31.18 -19.25
N ARG F 390 -20.93 -31.25 -20.54
CA ARG F 390 -21.35 -30.08 -21.30
C ARG F 390 -22.53 -29.43 -20.60
N SER F 391 -23.43 -30.27 -20.08
CA SER F 391 -24.55 -29.77 -19.31
C SER F 391 -24.08 -29.18 -18.00
N TYR F 392 -23.50 -30.02 -17.14
CA TYR F 392 -23.09 -29.62 -15.80
C TYR F 392 -22.23 -28.35 -15.77
N ALA F 393 -21.26 -28.27 -16.68
CA ALA F 393 -20.38 -27.11 -16.73
C ALA F 393 -21.14 -25.82 -17.02
N SER F 394 -22.32 -25.94 -17.64
CA SER F 394 -23.11 -24.77 -18.00
C SER F 394 -24.14 -24.43 -16.92
N THR F 395 -24.63 -25.45 -16.21
CA THR F 395 -25.64 -25.25 -15.17
C THR F 395 -25.04 -25.21 -13.76
N HIS F 396 -23.75 -25.53 -13.63
CA HIS F 396 -23.06 -25.47 -12.34
C HIS F 396 -21.70 -24.78 -12.45
N TRP F 397 -21.59 -23.86 -13.41
CA TRP F 397 -20.39 -23.07 -13.61
C TRP F 397 -19.93 -22.38 -12.32
N HIS F 398 -20.88 -22.05 -11.45
CA HIS F 398 -20.60 -21.26 -10.26
C HIS F 398 -19.86 -22.03 -9.17
N THR F 399 -19.89 -23.36 -9.24
CA THR F 399 -19.21 -24.20 -8.25
C THR F 399 -17.79 -24.55 -8.67
N LEU F 400 -17.43 -24.22 -9.90
CA LEU F 400 -16.14 -24.64 -10.47
C LEU F 400 -15.03 -23.64 -10.19
N GLY F 401 -15.04 -23.05 -9.00
CA GLY F 401 -14.08 -22.02 -8.65
C GLY F 401 -14.57 -20.65 -9.09
N LYS F 402 -14.20 -19.62 -8.35
CA LYS F 402 -14.67 -18.27 -8.61
C LYS F 402 -14.29 -17.80 -10.02
N ASN F 403 -13.00 -17.61 -10.25
CA ASN F 403 -12.53 -17.09 -11.52
C ASN F 403 -12.71 -18.09 -12.67
N VAL F 404 -12.36 -19.35 -12.40
CA VAL F 404 -12.54 -20.41 -13.39
C VAL F 404 -14.01 -20.53 -13.77
N GLY F 405 -14.89 -20.37 -12.79
CA GLY F 405 -16.33 -20.46 -13.02
C GLY F 405 -16.81 -19.41 -14.00
N GLU F 406 -16.43 -18.16 -13.78
CA GLU F 406 -16.89 -17.06 -14.62
C GLU F 406 -16.33 -17.17 -16.04
N SER F 407 -15.14 -17.77 -16.17
CA SER F 407 -14.54 -17.94 -17.48
C SER F 407 -15.28 -19.01 -18.29
N ILE F 408 -15.74 -20.05 -17.60
CA ILE F 408 -16.48 -21.12 -18.25
C ILE F 408 -17.86 -20.61 -18.66
N ARG F 409 -18.40 -19.69 -17.87
CA ARG F 409 -19.70 -19.09 -18.19
C ARG F 409 -19.61 -18.24 -19.46
N GLU F 410 -18.45 -17.61 -19.66
CA GLU F 410 -18.21 -16.82 -20.86
C GLU F 410 -18.06 -17.73 -22.07
N TYR F 411 -17.18 -18.72 -21.95
CA TYR F 411 -16.92 -19.66 -23.04
C TYR F 411 -16.30 -20.95 -22.54
N PHE F 412 -16.76 -22.06 -23.11
CA PHE F 412 -16.12 -23.36 -22.92
C PHE F 412 -16.57 -24.32 -24.00
N GLU F 413 -15.80 -25.39 -24.19
CA GLU F 413 -16.17 -26.42 -25.15
C GLU F 413 -15.57 -27.76 -24.73
N ILE F 414 -16.34 -28.83 -24.92
CA ILE F 414 -15.88 -30.18 -24.62
C ILE F 414 -15.11 -30.74 -25.81
N ILE F 415 -13.81 -30.92 -25.64
CA ILE F 415 -12.96 -31.47 -26.68
C ILE F 415 -12.66 -32.94 -26.40
N SER F 416 -12.78 -33.77 -27.43
CA SER F 416 -12.51 -35.19 -27.30
C SER F 416 -12.04 -35.77 -28.63
N GLY F 417 -11.74 -37.06 -28.65
CA GLY F 417 -11.32 -37.73 -29.86
C GLY F 417 -10.00 -37.21 -30.40
N GLU F 418 -9.89 -37.18 -31.72
CA GLU F 418 -8.66 -36.79 -32.40
C GLU F 418 -8.29 -35.34 -32.08
N LYS F 419 -9.32 -34.51 -31.87
CA LYS F 419 -9.13 -33.07 -31.76
C LYS F 419 -8.52 -32.67 -30.42
N LEU F 420 -8.57 -33.59 -29.45
CA LEU F 420 -7.98 -33.34 -28.13
C LEU F 420 -6.48 -33.55 -28.16
N PHE F 421 -6.04 -34.58 -28.86
CA PHE F 421 -4.63 -34.94 -28.91
C PHE F 421 -3.80 -33.87 -29.63
N LYS F 422 -4.49 -32.98 -30.33
CA LYS F 422 -3.84 -31.88 -31.02
C LYS F 422 -3.55 -30.73 -30.05
N GLU F 423 -4.27 -30.71 -28.94
CA GLU F 423 -4.08 -29.68 -27.92
C GLU F 423 -2.84 -29.99 -27.09
N PRO F 424 -2.25 -28.97 -26.46
CA PRO F 424 -1.03 -29.17 -25.67
C PRO F 424 -1.30 -29.82 -24.32
N VAL F 425 -1.71 -31.08 -24.33
CA VAL F 425 -2.06 -31.79 -23.10
C VAL F 425 -1.60 -33.25 -23.10
N THR F 426 -0.81 -33.63 -24.11
CA THR F 426 -0.38 -35.02 -24.26
C THR F 426 0.50 -35.47 -23.10
N ALA F 427 1.36 -34.58 -22.63
CA ALA F 427 2.24 -34.89 -21.51
C ALA F 427 1.41 -35.21 -20.25
N GLU F 428 0.40 -34.40 -20.01
CA GLU F 428 -0.46 -34.57 -18.84
C GLU F 428 -1.36 -35.81 -19.02
N LEU F 429 -1.78 -36.07 -20.24
CA LEU F 429 -2.62 -37.22 -20.53
C LEU F 429 -1.90 -38.53 -20.24
N CYS F 430 -0.63 -38.59 -20.64
CA CYS F 430 0.18 -39.78 -20.44
C CYS F 430 0.45 -40.03 -18.96
N GLU F 431 0.79 -38.97 -18.24
CA GLU F 431 1.02 -39.06 -16.80
C GLU F 431 -0.24 -39.56 -16.10
N MET F 432 -1.39 -39.13 -16.61
CA MET F 432 -2.66 -39.47 -16.01
C MET F 432 -2.98 -40.95 -16.23
N MET F 433 -2.70 -41.44 -17.43
CA MET F 433 -3.04 -42.81 -17.80
C MET F 433 -1.98 -43.82 -17.41
N GLY F 434 -0.80 -43.33 -17.03
CA GLY F 434 0.28 -44.20 -16.60
C GLY F 434 1.03 -44.87 -17.73
N VAL F 435 1.22 -44.13 -18.83
CA VAL F 435 2.02 -44.61 -19.95
C VAL F 435 3.49 -44.54 -19.56
N LYS F 436 4.29 -45.46 -20.09
CA LYS F 436 5.71 -45.52 -19.76
C LYS F 436 6.62 -45.32 -20.99
N ASP F 437 7.92 -45.46 -20.77
CA ASP F 437 8.96 -45.12 -21.75
C ASP F 437 9.10 -43.61 -21.88
N MET G 1 -35.38 -16.20 49.20
CA MET G 1 -34.87 -16.49 50.57
C MET G 1 -33.94 -17.71 50.57
N LYS G 2 -34.53 -18.90 50.55
CA LYS G 2 -33.76 -20.14 50.49
C LYS G 2 -33.54 -20.56 49.04
N VAL G 3 -32.54 -21.39 48.81
CA VAL G 3 -32.19 -21.82 47.47
C VAL G 3 -33.28 -22.72 46.87
N GLU G 4 -33.65 -23.76 47.61
CA GLU G 4 -34.63 -24.73 47.13
C GLU G 4 -36.01 -24.13 46.95
N GLU G 5 -36.31 -23.07 47.69
CA GLU G 5 -37.60 -22.40 47.57
C GLU G 5 -37.68 -21.68 46.22
N ILE G 6 -36.58 -21.05 45.84
CA ILE G 6 -36.53 -20.30 44.58
C ILE G 6 -36.57 -21.25 43.39
N LEU G 7 -35.82 -22.33 43.46
CA LEU G 7 -35.80 -23.31 42.38
C LEU G 7 -37.17 -23.97 42.22
N GLU G 8 -37.89 -24.15 43.32
CA GLU G 8 -39.22 -24.71 43.26
C GLU G 8 -40.17 -23.73 42.60
N LYS G 9 -40.04 -22.45 42.94
CA LYS G 9 -40.88 -21.42 42.35
C LYS G 9 -40.52 -21.14 40.89
N ALA G 10 -39.30 -21.50 40.51
CA ALA G 10 -38.83 -21.26 39.14
C ALA G 10 -39.47 -22.25 38.16
N LEU G 11 -39.78 -23.43 38.67
CA LEU G 11 -40.37 -24.49 37.84
C LEU G 11 -41.69 -24.06 37.21
N GLU G 12 -42.43 -23.19 37.90
CA GLU G 12 -43.71 -22.71 37.40
C GLU G 12 -43.54 -21.95 36.09
N LEU G 13 -42.49 -21.13 36.02
CA LEU G 13 -42.23 -20.31 34.85
C LEU G 13 -41.63 -21.12 33.70
N VAL G 14 -41.14 -22.31 34.02
CA VAL G 14 -40.29 -23.07 33.11
C VAL G 14 -40.93 -24.36 32.60
N ILE G 15 -41.82 -24.96 33.39
CA ILE G 15 -42.49 -26.20 33.01
C ILE G 15 -43.73 -25.92 32.17
N PRO G 16 -43.98 -26.73 31.12
CA PRO G 16 -45.21 -26.56 30.34
C PRO G 16 -46.47 -26.90 31.14
N ASP G 17 -47.47 -26.03 31.10
CA ASP G 17 -48.75 -26.30 31.75
C ASP G 17 -49.40 -27.53 31.11
N GLU G 18 -50.28 -28.20 31.85
CA GLU G 18 -50.87 -29.45 31.41
C GLU G 18 -51.68 -29.30 30.12
N GLU G 19 -52.10 -28.08 29.82
CA GLU G 19 -52.84 -27.81 28.58
C GLU G 19 -51.90 -27.89 27.39
N GLU G 20 -50.70 -27.33 27.54
CA GLU G 20 -49.72 -27.34 26.46
C GLU G 20 -49.23 -28.75 26.21
N VAL G 21 -49.07 -29.53 27.27
CA VAL G 21 -48.63 -30.91 27.15
C VAL G 21 -49.69 -31.72 26.41
N ARG G 22 -50.95 -31.50 26.74
CA ARG G 22 -52.06 -32.18 26.07
C ARG G 22 -52.12 -31.77 24.60
N LYS G 23 -51.85 -30.50 24.33
CA LYS G 23 -51.83 -30.00 22.96
C LYS G 23 -50.78 -30.74 22.15
N GLY G 24 -49.69 -31.12 22.81
CA GLY G 24 -48.59 -31.82 22.16
C GLY G 24 -48.87 -33.29 21.95
N ARG G 25 -49.46 -33.93 22.95
CA ARG G 25 -49.77 -35.35 22.88
C ARG G 25 -50.76 -35.64 21.75
N GLU G 26 -51.76 -34.77 21.60
CA GLU G 26 -52.78 -34.94 20.59
C GLU G 26 -52.18 -34.85 19.18
N ALA G 27 -51.24 -33.92 19.00
CA ALA G 27 -50.58 -33.75 17.71
C ALA G 27 -49.64 -34.92 17.45
N GLU G 28 -48.92 -35.34 18.51
CA GLU G 28 -47.99 -36.47 18.42
C GLU G 28 -48.69 -37.74 17.96
N GLU G 29 -49.83 -38.04 18.56
CA GLU G 29 -50.59 -39.24 18.23
C GLU G 29 -51.07 -39.20 16.79
N GLU G 30 -51.60 -38.05 16.37
CA GLU G 30 -52.06 -37.88 15.00
C GLU G 30 -50.88 -37.98 14.04
N LEU G 31 -49.74 -37.43 14.45
CA LEU G 31 -48.55 -37.42 13.61
C LEU G 31 -48.04 -38.84 13.36
N ARG G 32 -48.07 -39.67 14.40
CA ARG G 32 -47.67 -41.07 14.27
C ARG G 32 -48.66 -41.83 13.41
N ARG G 33 -49.93 -41.47 13.52
CA ARG G 33 -50.99 -42.15 12.79
C ARG G 33 -50.83 -41.93 11.28
N ARG G 34 -50.47 -40.69 10.91
CA ARG G 34 -50.29 -40.35 9.51
C ARG G 34 -49.02 -40.95 8.92
N LEU G 35 -48.01 -41.14 9.77
CA LEU G 35 -46.73 -41.69 9.31
C LEU G 35 -46.82 -43.19 9.11
N ASP G 36 -47.51 -43.88 10.01
CA ASP G 36 -47.65 -45.32 9.92
C ASP G 36 -48.42 -45.71 8.65
N GLU G 37 -49.32 -44.84 8.22
CA GLU G 37 -50.06 -45.04 6.98
C GLU G 37 -49.14 -45.09 5.78
N LEU G 38 -47.96 -44.49 5.90
CA LEU G 38 -47.05 -44.32 4.78
C LEU G 38 -45.94 -45.37 4.75
N GLY G 39 -45.85 -46.18 5.82
CA GLY G 39 -44.88 -47.26 5.86
C GLY G 39 -43.44 -46.82 5.98
N VAL G 40 -43.22 -45.54 6.29
CA VAL G 40 -41.88 -44.99 6.44
C VAL G 40 -41.36 -45.21 7.85
N GLU G 41 -40.03 -45.36 7.98
CA GLU G 41 -39.38 -45.41 9.27
C GLU G 41 -39.05 -44.01 9.75
N TYR G 42 -39.52 -43.67 10.95
CA TYR G 42 -39.26 -42.36 11.53
C TYR G 42 -38.80 -42.52 12.97
N VAL G 43 -38.45 -41.41 13.60
CA VAL G 43 -38.07 -41.40 15.00
C VAL G 43 -38.31 -40.02 15.59
N PHE G 44 -39.04 -39.98 16.70
CA PHE G 44 -39.29 -38.72 17.40
C PHE G 44 -38.09 -38.35 18.25
N VAL G 45 -37.39 -37.30 17.81
CA VAL G 45 -36.19 -36.83 18.49
C VAL G 45 -36.43 -35.47 19.09
N GLY G 46 -35.36 -34.84 19.56
CA GLY G 46 -35.42 -33.46 20.01
C GLY G 46 -35.99 -33.29 21.40
N SER G 47 -36.14 -32.03 21.78
CA SER G 47 -36.59 -31.64 23.10
C SER G 47 -37.92 -32.29 23.49
N TYR G 48 -38.85 -32.34 22.55
CA TYR G 48 -40.18 -32.88 22.84
C TYR G 48 -40.15 -34.35 23.21
N ALA G 49 -39.34 -35.12 22.48
CA ALA G 49 -39.26 -36.56 22.68
C ALA G 49 -38.79 -36.90 24.10
N ARG G 50 -37.88 -36.09 24.61
CA ARG G 50 -37.28 -36.34 25.92
C ARG G 50 -37.99 -35.57 27.04
N ASN G 51 -38.99 -34.78 26.67
CA ASN G 51 -39.80 -34.04 27.63
C ASN G 51 -38.96 -33.04 28.42
N THR G 52 -38.18 -32.24 27.71
CA THR G 52 -37.29 -31.26 28.31
C THR G 52 -37.48 -29.89 27.66
N TRP G 53 -38.64 -29.68 27.04
CA TRP G 53 -38.89 -28.43 26.33
C TRP G 53 -39.43 -27.35 27.27
N LEU G 54 -39.04 -26.11 26.98
CA LEU G 54 -39.40 -24.97 27.81
C LEU G 54 -40.87 -24.61 27.64
N LYS G 55 -41.45 -24.04 28.69
CA LYS G 55 -42.84 -23.59 28.67
C LYS G 55 -43.05 -22.58 27.54
N GLY G 56 -44.07 -22.82 26.73
CA GLY G 56 -44.41 -21.92 25.63
C GLY G 56 -43.45 -22.03 24.46
N SER G 57 -42.74 -23.14 24.38
CA SER G 57 -41.81 -23.39 23.28
C SER G 57 -42.00 -24.79 22.73
N LEU G 58 -43.25 -25.19 22.56
CA LEU G 58 -43.59 -26.52 22.08
C LEU G 58 -43.34 -26.66 20.59
N GLU G 59 -42.55 -27.66 20.22
CA GLU G 59 -42.25 -27.95 18.82
C GLU G 59 -41.77 -29.39 18.69
N ILE G 60 -42.43 -30.15 17.82
CA ILE G 60 -42.11 -31.57 17.64
C ILE G 60 -41.10 -31.75 16.51
N ASP G 61 -40.15 -32.65 16.74
CA ASP G 61 -39.14 -32.98 15.74
C ASP G 61 -39.23 -34.46 15.38
N VAL G 62 -39.46 -34.73 14.09
CA VAL G 62 -39.55 -36.09 13.58
C VAL G 62 -38.52 -36.29 12.47
N PHE G 63 -37.63 -37.25 12.67
CA PHE G 63 -36.60 -37.56 11.68
C PHE G 63 -36.98 -38.81 10.90
N LEU G 64 -36.92 -38.71 9.58
CA LEU G 64 -37.23 -39.83 8.69
C LEU G 64 -35.96 -40.60 8.38
N LEU G 65 -35.98 -41.90 8.68
CA LEU G 65 -34.82 -42.75 8.48
C LEU G 65 -34.89 -43.52 7.17
N PHE G 66 -33.94 -43.25 6.27
CA PHE G 66 -33.87 -43.92 4.97
C PHE G 66 -32.60 -44.76 4.86
N PRO G 67 -32.60 -45.76 3.96
CA PRO G 67 -31.41 -46.59 3.75
C PRO G 67 -30.20 -45.79 3.25
N GLU G 68 -29.00 -46.25 3.59
CA GLU G 68 -27.77 -45.58 3.17
C GLU G 68 -27.61 -45.62 1.65
N GLU G 69 -28.27 -46.59 1.02
CA GLU G 69 -28.18 -46.76 -0.42
C GLU G 69 -28.77 -45.58 -1.18
N PHE G 70 -29.65 -44.84 -0.53
CA PHE G 70 -30.30 -43.70 -1.16
C PHE G 70 -29.31 -42.58 -1.45
N SER G 71 -29.54 -41.88 -2.56
CA SER G 71 -28.75 -40.72 -2.91
C SER G 71 -29.29 -39.50 -2.18
N LYS G 72 -28.53 -38.41 -2.18
CA LYS G 72 -28.96 -37.18 -1.54
C LYS G 72 -30.28 -36.67 -2.13
N GLU G 73 -30.43 -36.81 -3.45
CA GLU G 73 -31.62 -36.35 -4.14
C GLU G 73 -32.83 -37.22 -3.80
N GLU G 74 -32.61 -38.53 -3.77
CA GLU G 74 -33.68 -39.46 -3.40
C GLU G 74 -34.09 -39.23 -1.96
N LEU G 75 -33.10 -38.98 -1.11
CA LEU G 75 -33.34 -38.67 0.30
C LEU G 75 -34.27 -37.48 0.42
N ARG G 76 -34.10 -36.50 -0.46
CA ARG G 76 -34.91 -35.28 -0.44
C ARG G 76 -36.32 -35.54 -0.95
N GLU G 77 -36.43 -36.18 -2.11
CA GLU G 77 -37.72 -36.45 -2.73
C GLU G 77 -38.65 -37.18 -1.77
N ARG G 78 -38.15 -38.26 -1.17
CA ARG G 78 -38.93 -39.06 -0.25
C ARG G 78 -39.28 -38.23 0.98
N GLY G 79 -38.35 -37.39 1.42
CA GLY G 79 -38.55 -36.57 2.59
C GLY G 79 -39.66 -35.55 2.41
N LEU G 80 -39.62 -34.83 1.29
CA LEU G 80 -40.59 -33.78 1.01
C LEU G 80 -41.98 -34.35 0.68
N GLU G 81 -42.01 -35.51 0.04
CA GLU G 81 -43.28 -36.19 -0.22
C GLU G 81 -43.98 -36.55 1.08
N ILE G 82 -43.22 -37.10 2.01
CA ILE G 82 -43.76 -37.53 3.30
C ILE G 82 -44.00 -36.33 4.22
N GLY G 83 -43.19 -35.29 4.06
CA GLY G 83 -43.39 -34.07 4.83
C GLY G 83 -44.74 -33.45 4.54
N LYS G 84 -44.95 -33.10 3.28
CA LYS G 84 -46.19 -32.46 2.83
C LYS G 84 -47.42 -33.32 3.12
N ALA G 85 -47.23 -34.64 3.07
CA ALA G 85 -48.36 -35.57 3.17
C ALA G 85 -48.83 -35.79 4.60
N VAL G 86 -48.15 -35.17 5.56
CA VAL G 86 -48.39 -35.42 6.97
C VAL G 86 -48.72 -34.14 7.74
N LEU G 87 -48.29 -33.00 7.21
CA LEU G 87 -48.51 -31.70 7.86
C LEU G 87 -49.73 -30.98 7.27
N ASP G 88 -50.55 -30.42 8.16
CA ASP G 88 -51.75 -29.69 7.74
C ASP G 88 -51.40 -28.49 6.87
N SER G 89 -50.33 -27.80 7.22
CA SER G 89 -49.90 -26.60 6.49
C SER G 89 -48.38 -26.51 6.53
N TYR G 90 -47.75 -26.83 5.41
CA TYR G 90 -46.29 -26.95 5.36
C TYR G 90 -45.60 -25.77 4.69
N GLU G 91 -44.29 -25.68 4.89
CA GLU G 91 -43.45 -24.73 4.18
C GLU G 91 -42.02 -25.26 4.18
N ILE G 92 -41.35 -25.15 3.04
CA ILE G 92 -40.02 -25.72 2.88
C ILE G 92 -38.94 -24.77 3.40
N ARG G 93 -38.21 -25.22 4.43
CA ARG G 93 -37.10 -24.47 4.99
C ARG G 93 -35.79 -25.19 4.69
N TYR G 94 -34.68 -24.46 4.82
CA TYR G 94 -33.36 -25.00 4.48
C TYR G 94 -32.42 -25.00 5.68
N ALA G 95 -31.58 -26.03 5.74
CA ALA G 95 -30.62 -26.21 6.83
C ALA G 95 -29.78 -27.43 6.51
N GLU G 96 -28.63 -27.21 5.88
CA GLU G 96 -27.77 -28.30 5.40
C GLU G 96 -28.45 -29.00 4.24
N HIS G 97 -29.64 -29.54 4.49
CA HIS G 97 -30.48 -30.10 3.43
C HIS G 97 -31.90 -29.56 3.60
N PRO G 98 -32.73 -29.62 2.54
CA PRO G 98 -34.10 -29.16 2.69
C PRO G 98 -34.93 -30.08 3.60
N TYR G 99 -35.72 -29.48 4.49
CA TYR G 99 -36.66 -30.21 5.31
C TYR G 99 -38.00 -29.49 5.26
N VAL G 100 -39.00 -30.06 5.92
CA VAL G 100 -40.36 -29.53 5.87
C VAL G 100 -40.84 -29.12 7.26
N HIS G 101 -41.03 -27.82 7.45
CA HIS G 101 -41.65 -27.31 8.67
C HIS G 101 -43.14 -27.10 8.42
N GLY G 102 -43.95 -27.47 9.41
CA GLY G 102 -45.39 -27.33 9.28
C GLY G 102 -46.10 -27.40 10.61
N VAL G 103 -47.41 -27.62 10.55
CA VAL G 103 -48.25 -27.64 11.74
C VAL G 103 -49.17 -28.85 11.70
N VAL G 104 -49.45 -29.40 12.88
CA VAL G 104 -50.40 -30.50 13.02
C VAL G 104 -51.23 -30.26 14.28
N LYS G 105 -52.50 -29.90 14.08
CA LYS G 105 -53.40 -29.61 15.18
C LYS G 105 -52.83 -28.51 16.08
N GLY G 106 -52.35 -27.43 15.47
CA GLY G 106 -51.87 -26.28 16.19
C GLY G 106 -50.38 -26.32 16.51
N VAL G 107 -49.88 -27.52 16.77
CA VAL G 107 -48.48 -27.70 17.17
C VAL G 107 -47.53 -27.61 15.97
N GLU G 108 -46.46 -26.83 16.13
CA GLU G 108 -45.45 -26.72 15.08
C GLU G 108 -44.61 -28.00 15.00
N VAL G 109 -44.22 -28.37 13.78
CA VAL G 109 -43.51 -29.62 13.55
C VAL G 109 -42.39 -29.45 12.52
N ASP G 110 -41.30 -30.16 12.74
CA ASP G 110 -40.21 -30.26 11.76
C ASP G 110 -40.05 -31.71 11.32
N VAL G 111 -40.11 -31.93 10.02
CA VAL G 111 -39.92 -33.26 9.44
C VAL G 111 -38.63 -33.26 8.62
N VAL G 112 -37.61 -33.93 9.15
CA VAL G 112 -36.28 -33.90 8.55
C VAL G 112 -35.88 -35.28 8.02
N PRO G 113 -35.40 -35.35 6.77
CA PRO G 113 -34.87 -36.63 6.27
C PRO G 113 -33.41 -36.83 6.64
N CYS G 114 -33.04 -38.09 6.92
CA CYS G 114 -31.66 -38.43 7.20
C CYS G 114 -31.42 -39.92 6.96
N TYR G 115 -30.16 -40.34 6.99
CA TYR G 115 -29.80 -41.73 6.76
C TYR G 115 -29.91 -42.56 8.03
N LYS G 116 -30.40 -43.79 7.88
CA LYS G 116 -30.42 -44.73 9.00
C LYS G 116 -29.05 -45.37 9.14
N LEU G 117 -28.27 -44.88 10.10
CA LEU G 117 -26.90 -45.36 10.30
C LEU G 117 -26.82 -46.26 11.53
N LYS G 118 -26.14 -47.39 11.38
CA LYS G 118 -25.95 -48.32 12.49
C LYS G 118 -24.83 -47.85 13.40
N GLU G 119 -23.73 -47.41 12.79
CA GLU G 119 -22.58 -46.91 13.53
C GLU G 119 -22.50 -45.39 13.40
N PRO G 120 -22.11 -44.71 14.50
CA PRO G 120 -21.99 -43.25 14.46
C PRO G 120 -20.69 -42.76 13.80
N LYS G 121 -20.15 -43.57 12.89
CA LYS G 121 -18.90 -43.27 12.21
C LYS G 121 -19.14 -42.79 10.78
N ASN G 122 -20.32 -43.12 10.24
CA ASN G 122 -20.67 -42.74 8.87
C ASN G 122 -21.38 -41.40 8.82
N ILE G 123 -21.05 -40.50 9.75
CA ILE G 123 -21.71 -39.21 9.86
C ILE G 123 -21.11 -38.21 8.88
N LYS G 124 -21.80 -37.99 7.77
CA LYS G 124 -21.40 -36.98 6.79
C LYS G 124 -22.12 -35.67 7.11
N SER G 125 -23.45 -35.74 7.19
CA SER G 125 -24.27 -34.59 7.53
C SER G 125 -24.44 -34.48 9.03
N ALA G 126 -24.68 -33.26 9.51
CA ALA G 126 -24.92 -33.03 10.93
C ALA G 126 -26.28 -33.55 11.34
N VAL G 127 -27.23 -33.56 10.41
CA VAL G 127 -28.56 -34.09 10.68
C VAL G 127 -28.50 -35.58 10.98
N ASP G 128 -27.51 -36.27 10.42
CA ASP G 128 -27.34 -37.70 10.68
C ASP G 128 -26.93 -37.93 12.13
N ARG G 129 -26.45 -36.88 12.79
CA ARG G 129 -25.99 -36.98 14.17
C ARG G 129 -27.14 -36.91 15.18
N THR G 130 -28.18 -36.16 14.84
CA THR G 130 -29.28 -35.90 15.77
C THR G 130 -29.90 -37.19 16.33
N PRO G 131 -30.18 -38.17 15.46
CA PRO G 131 -30.71 -39.43 16.00
C PRO G 131 -29.78 -40.07 17.03
N PHE G 132 -28.47 -39.94 16.83
CA PHE G 132 -27.49 -40.48 17.78
C PHE G 132 -27.49 -39.67 19.08
N HIS G 133 -27.66 -38.36 18.95
CA HIS G 133 -27.74 -37.48 20.11
C HIS G 133 -28.92 -37.89 20.99
N HIS G 134 -30.09 -38.00 20.38
CA HIS G 134 -31.29 -38.39 21.09
C HIS G 134 -31.12 -39.75 21.75
N LYS G 135 -30.58 -40.70 20.98
CA LYS G 135 -30.36 -42.06 21.48
C LYS G 135 -29.51 -42.05 22.75
N TRP G 136 -28.46 -41.25 22.76
CA TRP G 136 -27.53 -41.19 23.89
C TRP G 136 -28.17 -40.53 25.12
N LEU G 137 -29.16 -39.67 24.89
CA LEU G 137 -29.73 -38.85 25.95
C LEU G 137 -31.02 -39.42 26.55
N GLU G 138 -31.82 -40.12 25.76
CA GLU G 138 -33.16 -40.53 26.19
C GLU G 138 -33.15 -41.34 27.47
N GLY G 139 -32.09 -42.11 27.68
CA GLY G 139 -31.97 -42.94 28.87
C GLY G 139 -31.35 -42.20 30.04
N ARG G 140 -30.33 -41.40 29.76
CA ARG G 140 -29.54 -40.76 30.81
C ARG G 140 -30.18 -39.50 31.38
N ILE G 141 -31.17 -38.95 30.68
CA ILE G 141 -31.80 -37.71 31.12
C ILE G 141 -33.11 -37.97 31.85
N LYS G 142 -33.56 -39.23 31.84
CA LYS G 142 -34.79 -39.59 32.52
C LYS G 142 -34.70 -39.28 34.01
N GLY G 143 -35.65 -38.50 34.49
CA GLY G 143 -35.67 -38.05 35.88
C GLY G 143 -35.08 -36.66 36.05
N LYS G 144 -34.30 -36.23 35.06
CA LYS G 144 -33.58 -34.97 35.16
C LYS G 144 -34.18 -33.87 34.27
N GLU G 145 -35.33 -34.14 33.67
CA GLU G 145 -35.92 -33.20 32.72
C GLU G 145 -36.18 -31.82 33.33
N ASN G 146 -36.59 -31.79 34.59
CA ASN G 146 -36.85 -30.53 35.27
C ASN G 146 -35.58 -29.74 35.56
N GLU G 147 -34.48 -30.46 35.76
CA GLU G 147 -33.18 -29.83 35.95
C GLU G 147 -32.76 -29.14 34.65
N VAL G 148 -32.95 -29.82 33.54
CA VAL G 148 -32.64 -29.27 32.22
C VAL G 148 -33.47 -28.03 31.96
N ARG G 149 -34.75 -28.10 32.31
CA ARG G 149 -35.65 -26.98 32.09
C ARG G 149 -35.20 -25.77 32.90
N LEU G 150 -34.76 -26.00 34.13
CA LEU G 150 -34.24 -24.93 34.98
C LEU G 150 -33.07 -24.22 34.31
N LEU G 151 -32.08 -24.99 33.89
CA LEU G 151 -30.90 -24.44 33.25
C LEU G 151 -31.25 -23.66 31.99
N LYS G 152 -32.19 -24.17 31.20
CA LYS G 152 -32.63 -23.49 29.99
C LYS G 152 -33.29 -22.15 30.33
N GLY G 153 -34.16 -22.17 31.33
CA GLY G 153 -34.84 -20.96 31.77
C GLY G 153 -33.88 -19.94 32.35
N PHE G 154 -32.90 -20.43 33.10
CA PHE G 154 -31.87 -19.58 33.67
C PHE G 154 -31.09 -18.90 32.56
N LEU G 155 -30.73 -19.66 31.54
CA LEU G 155 -29.98 -19.14 30.40
C LEU G 155 -30.80 -18.20 29.54
N LYS G 156 -32.06 -18.55 29.30
CA LYS G 156 -32.92 -17.77 28.41
C LYS G 156 -33.19 -16.38 28.97
N ALA G 157 -33.50 -16.31 30.25
CA ALA G 157 -33.83 -15.05 30.90
C ALA G 157 -32.66 -14.07 30.86
N ASN G 158 -31.45 -14.63 30.72
CA ASN G 158 -30.23 -13.84 30.62
C ASN G 158 -29.69 -13.80 29.20
N GLY G 159 -30.56 -14.03 28.23
CA GLY G 159 -30.25 -13.87 26.82
C GLY G 159 -29.06 -14.64 26.29
N ILE G 160 -28.81 -15.83 26.84
CA ILE G 160 -27.73 -16.68 26.35
C ILE G 160 -28.13 -18.15 26.15
N TYR G 161 -29.41 -18.37 25.85
CA TYR G 161 -29.89 -19.69 25.46
C TYR G 161 -30.14 -19.74 23.96
N GLY G 162 -29.55 -20.73 23.30
CA GLY G 162 -29.63 -20.86 21.85
C GLY G 162 -28.27 -20.66 21.22
N ALA G 163 -27.90 -21.57 20.32
CA ALA G 163 -26.58 -21.54 19.70
C ALA G 163 -26.58 -20.81 18.36
N GLU G 164 -27.73 -20.28 17.96
CA GLU G 164 -27.81 -19.51 16.72
C GLU G 164 -26.97 -18.24 16.84
N TYR G 165 -26.49 -17.74 15.70
CA TYR G 165 -25.56 -16.60 15.69
C TYR G 165 -26.15 -15.33 16.30
N LYS G 166 -27.46 -15.28 16.44
CA LYS G 166 -28.11 -14.12 17.05
C LYS G 166 -27.86 -14.10 18.55
N VAL G 167 -27.57 -15.27 19.12
CA VAL G 167 -27.39 -15.42 20.55
C VAL G 167 -25.96 -15.85 20.89
N ARG G 168 -25.40 -16.73 20.06
CA ARG G 168 -24.08 -17.29 20.31
C ARG G 168 -23.97 -17.86 21.72
N GLY G 169 -25.02 -18.56 22.15
CA GLY G 169 -25.13 -19.04 23.51
C GLY G 169 -25.07 -20.56 23.64
N PHE G 170 -25.84 -21.08 24.60
CA PHE G 170 -25.89 -22.51 24.88
C PHE G 170 -27.00 -23.18 24.09
N SER G 171 -26.66 -24.23 23.36
CA SER G 171 -27.67 -25.03 22.67
C SER G 171 -28.45 -25.85 23.68
N GLY G 172 -29.65 -26.26 23.32
CA GLY G 172 -30.47 -27.10 24.17
C GLY G 172 -29.78 -28.42 24.45
N TYR G 173 -29.12 -28.96 23.43
CA TYR G 173 -28.40 -30.22 23.55
C TYR G 173 -27.27 -30.09 24.56
N LEU G 174 -26.58 -28.95 24.52
CA LEU G 174 -25.49 -28.68 25.46
C LEU G 174 -26.01 -28.65 26.90
N CYS G 175 -27.17 -28.03 27.10
CA CYS G 175 -27.77 -27.95 28.42
C CYS G 175 -28.05 -29.33 28.99
N GLU G 176 -28.48 -30.24 28.13
CA GLU G 176 -28.80 -31.59 28.58
C GLU G 176 -27.52 -32.35 28.95
N LEU G 177 -26.46 -32.18 28.17
CA LEU G 177 -25.18 -32.83 28.49
C LEU G 177 -24.64 -32.33 29.82
N LEU G 178 -24.82 -31.04 30.10
CA LEU G 178 -24.34 -30.45 31.35
C LEU G 178 -25.07 -31.05 32.55
N ILE G 179 -26.38 -31.20 32.43
CA ILE G 179 -27.17 -31.81 33.50
C ILE G 179 -26.78 -33.27 33.70
N VAL G 180 -26.62 -34.00 32.60
CA VAL G 180 -26.20 -35.39 32.66
C VAL G 180 -24.85 -35.49 33.36
N PHE G 181 -23.97 -34.55 33.06
CA PHE G 181 -22.61 -34.57 33.59
C PHE G 181 -22.60 -34.20 35.06
N TYR G 182 -23.22 -33.08 35.40
CA TYR G 182 -23.17 -32.54 36.77
C TYR G 182 -24.29 -33.06 37.67
N GLY G 183 -25.36 -33.57 37.07
CA GLY G 183 -26.42 -34.23 37.81
C GLY G 183 -27.64 -33.36 38.08
N SER G 184 -27.46 -32.05 38.10
CA SER G 184 -28.57 -31.14 38.35
C SER G 184 -28.20 -29.69 38.03
N PHE G 185 -29.20 -28.84 37.95
CA PHE G 185 -28.99 -27.42 37.63
C PHE G 185 -28.09 -26.77 38.67
N LEU G 186 -28.41 -26.97 39.94
CA LEU G 186 -27.65 -26.37 41.03
C LEU G 186 -26.17 -26.74 40.97
N GLU G 187 -25.89 -28.02 40.77
CA GLU G 187 -24.50 -28.49 40.69
C GLU G 187 -23.79 -27.94 39.45
N THR G 188 -24.56 -27.62 38.41
CA THR G 188 -24.00 -27.04 37.21
C THR G 188 -23.60 -25.60 37.48
N VAL G 189 -24.50 -24.85 38.10
CA VAL G 189 -24.23 -23.46 38.48
C VAL G 189 -23.00 -23.39 39.38
N LYS G 190 -22.91 -24.29 40.35
CA LYS G 190 -21.79 -24.33 41.27
C LYS G 190 -20.45 -24.47 40.55
N ASN G 191 -20.29 -25.57 39.82
CA ASN G 191 -19.02 -25.88 39.17
C ASN G 191 -18.69 -24.90 38.04
N ALA G 192 -19.71 -24.22 37.52
CA ALA G 192 -19.52 -23.27 36.43
C ALA G 192 -18.69 -22.07 36.89
N ARG G 193 -18.72 -21.79 38.19
CA ARG G 193 -18.00 -20.64 38.73
C ARG G 193 -16.49 -20.80 38.56
N ARG G 194 -16.05 -22.03 38.35
CA ARG G 194 -14.63 -22.31 38.15
C ARG G 194 -14.32 -22.69 36.69
N TRP G 195 -15.23 -22.33 35.79
CA TRP G 195 -14.99 -22.52 34.36
C TRP G 195 -14.02 -21.47 33.86
N THR G 196 -13.06 -21.90 33.05
CA THR G 196 -12.13 -21.00 32.39
C THR G 196 -12.32 -21.12 30.88
N ARG G 197 -11.62 -20.29 30.13
CA ARG G 197 -11.70 -20.33 28.67
C ARG G 197 -10.92 -21.51 28.10
N ARG G 198 -10.37 -22.33 28.99
CA ARG G 198 -9.60 -23.52 28.58
C ARG G 198 -10.20 -24.79 29.18
N THR G 199 -11.42 -24.70 29.69
CA THR G 199 -12.09 -25.85 30.29
C THR G 199 -12.53 -26.84 29.22
N VAL G 200 -12.28 -28.12 29.47
CA VAL G 200 -12.75 -29.20 28.60
C VAL G 200 -13.61 -30.16 29.41
N ILE G 201 -14.89 -30.26 29.05
CA ILE G 201 -15.83 -31.12 29.75
C ILE G 201 -16.17 -32.35 28.90
N ASP G 202 -15.61 -33.49 29.28
CA ASP G 202 -15.76 -34.72 28.52
C ASP G 202 -16.72 -35.68 29.23
N VAL G 203 -17.97 -35.68 28.79
CA VAL G 203 -19.02 -36.44 29.46
C VAL G 203 -18.80 -37.95 29.32
N ALA G 204 -18.37 -38.37 28.14
CA ALA G 204 -18.21 -39.78 27.82
C ALA G 204 -17.10 -40.43 28.64
N LYS G 205 -16.06 -39.66 28.96
CA LYS G 205 -14.95 -40.17 29.75
C LYS G 205 -15.09 -39.76 31.23
N GLY G 206 -16.08 -38.91 31.50
CA GLY G 206 -16.37 -38.49 32.85
C GLY G 206 -15.22 -37.75 33.51
N GLU G 207 -14.59 -36.85 32.76
CA GLU G 207 -13.46 -36.09 33.30
C GLU G 207 -13.49 -34.65 32.82
N VAL G 208 -12.79 -33.80 33.55
CA VAL G 208 -12.58 -32.41 33.17
C VAL G 208 -11.09 -32.17 33.01
N ARG G 209 -10.69 -31.60 31.88
CA ARG G 209 -9.28 -31.35 31.60
C ARG G 209 -9.10 -29.98 30.96
N LYS G 210 -7.84 -29.64 30.67
CA LYS G 210 -7.51 -28.36 30.06
C LYS G 210 -7.31 -28.51 28.56
N GLY G 211 -7.70 -27.48 27.82
CA GLY G 211 -7.53 -27.45 26.38
C GLY G 211 -7.17 -26.05 25.91
N GLU G 212 -7.23 -25.84 24.61
CA GLU G 212 -6.89 -24.55 24.04
C GLU G 212 -8.09 -23.61 24.00
N GLU G 213 -9.30 -24.20 23.93
CA GLU G 213 -10.53 -23.41 24.01
C GLU G 213 -11.55 -24.13 24.88
N PHE G 214 -12.63 -23.44 25.21
CA PHE G 214 -13.72 -24.03 25.96
C PHE G 214 -14.41 -25.09 25.11
N PHE G 215 -14.24 -26.35 25.52
CA PHE G 215 -14.66 -27.49 24.71
C PHE G 215 -15.59 -28.40 25.49
N VAL G 216 -16.71 -28.77 24.88
CA VAL G 216 -17.61 -29.77 25.46
C VAL G 216 -17.71 -30.96 24.50
N VAL G 217 -17.00 -32.02 24.85
CA VAL G 217 -16.87 -33.18 23.97
C VAL G 217 -18.21 -33.89 23.77
N ASP G 218 -18.63 -33.99 22.51
CA ASP G 218 -19.85 -34.70 22.16
C ASP G 218 -19.67 -36.19 22.44
N PRO G 219 -20.58 -36.79 23.22
CA PRO G 219 -20.44 -38.23 23.48
C PRO G 219 -20.58 -39.08 22.22
N VAL G 220 -21.29 -38.54 21.23
CA VAL G 220 -21.53 -39.24 19.97
C VAL G 220 -20.33 -39.16 19.02
N ASP G 221 -19.56 -38.07 19.15
CA ASP G 221 -18.43 -37.82 18.26
C ASP G 221 -17.42 -36.93 18.97
N GLU G 222 -16.37 -37.55 19.51
CA GLU G 222 -15.44 -36.87 20.41
C GLU G 222 -14.67 -35.72 19.76
N LYS G 223 -14.68 -35.66 18.42
CA LYS G 223 -13.98 -34.60 17.71
C LYS G 223 -14.82 -33.33 17.62
N ARG G 224 -16.09 -33.42 18.02
CA ARG G 224 -17.01 -32.29 17.94
C ARG G 224 -17.14 -31.54 19.27
N ASN G 225 -17.14 -30.22 19.19
CA ASN G 225 -17.37 -29.36 20.35
C ASN G 225 -18.82 -28.87 20.35
N VAL G 226 -19.60 -29.38 21.30
CA VAL G 226 -21.01 -29.03 21.38
C VAL G 226 -21.19 -27.54 21.66
N ALA G 227 -20.21 -26.96 22.36
CA ALA G 227 -20.27 -25.56 22.75
C ALA G 227 -19.45 -24.69 21.80
N ALA G 228 -19.34 -25.14 20.54
CA ALA G 228 -18.52 -24.46 19.55
C ALA G 228 -18.89 -22.99 19.38
N ASN G 229 -20.19 -22.70 19.30
CA ASN G 229 -20.65 -21.34 19.02
C ASN G 229 -21.02 -20.55 20.27
N LEU G 230 -20.52 -21.00 21.43
CA LEU G 230 -20.65 -20.23 22.66
C LEU G 230 -19.52 -19.21 22.73
N SER G 231 -19.87 -17.93 22.56
CA SER G 231 -18.87 -16.88 22.53
C SER G 231 -18.14 -16.75 23.86
N LEU G 232 -16.91 -16.26 23.81
CA LEU G 232 -16.09 -16.07 25.00
C LEU G 232 -16.79 -15.14 25.99
N ASP G 233 -17.39 -14.08 25.49
CA ASP G 233 -18.04 -13.09 26.35
C ASP G 233 -19.29 -13.66 27.03
N ASN G 234 -20.06 -14.46 26.30
CA ASN G 234 -21.23 -15.10 26.90
C ASN G 234 -20.83 -16.19 27.89
N LEU G 235 -19.70 -16.84 27.65
CA LEU G 235 -19.17 -17.79 28.63
C LEU G 235 -18.83 -17.03 29.91
N ALA G 236 -18.18 -15.88 29.75
CA ALA G 236 -17.83 -15.04 30.90
C ALA G 236 -19.07 -14.58 31.64
N ARG G 237 -20.10 -14.19 30.89
CA ARG G 237 -21.35 -13.74 31.49
C ARG G 237 -22.01 -14.86 32.30
N PHE G 238 -21.95 -16.08 31.79
CA PHE G 238 -22.56 -17.22 32.48
C PHE G 238 -21.82 -17.52 33.78
N VAL G 239 -20.49 -17.63 33.70
CA VAL G 239 -19.68 -17.87 34.89
C VAL G 239 -19.95 -16.80 35.96
N HIS G 240 -20.07 -15.55 35.53
CA HIS G 240 -20.30 -14.45 36.47
C HIS G 240 -21.69 -14.52 37.11
N LEU G 241 -22.70 -14.86 36.31
CA LEU G 241 -24.06 -15.00 36.83
C LEU G 241 -24.13 -16.11 37.86
N CYS G 242 -23.44 -17.20 37.59
CA CYS G 242 -23.42 -18.34 38.51
C CYS G 242 -22.86 -17.91 39.86
N ARG G 243 -21.83 -17.07 39.82
CA ARG G 243 -21.24 -16.53 41.04
C ARG G 243 -22.23 -15.59 41.73
N GLU G 244 -22.85 -14.72 40.93
CA GLU G 244 -23.82 -13.77 41.46
C GLU G 244 -25.02 -14.50 42.06
N PHE G 245 -25.28 -15.70 41.57
CA PHE G 245 -26.45 -16.47 42.00
C PHE G 245 -26.18 -17.19 43.32
N MET G 246 -25.07 -17.91 43.40
CA MET G 246 -24.71 -18.64 44.61
C MET G 246 -24.40 -17.69 45.77
N GLU G 247 -24.08 -16.45 45.43
CA GLU G 247 -23.76 -15.44 46.44
C GLU G 247 -25.03 -14.84 47.03
N ALA G 248 -26.06 -14.74 46.19
CA ALA G 248 -27.34 -14.17 46.62
C ALA G 248 -28.46 -14.67 45.72
N PRO G 249 -28.92 -15.91 45.92
CA PRO G 249 -29.96 -16.53 45.10
C PRO G 249 -31.22 -15.67 45.02
N SER G 250 -31.93 -15.79 43.90
CA SER G 250 -33.14 -15.00 43.69
C SER G 250 -33.91 -15.54 42.49
N LEU G 251 -35.23 -15.43 42.55
CA LEU G 251 -36.09 -15.87 41.45
C LEU G 251 -35.92 -14.95 40.24
N GLY G 252 -35.34 -13.78 40.47
CA GLY G 252 -35.16 -12.78 39.43
C GLY G 252 -34.25 -13.25 38.32
N PHE G 253 -33.33 -14.15 38.64
CA PHE G 253 -32.42 -14.70 37.64
C PHE G 253 -33.16 -15.46 36.55
N PHE G 254 -34.34 -15.98 36.89
CA PHE G 254 -35.14 -16.78 35.96
C PHE G 254 -36.20 -15.97 35.23
N LYS G 255 -36.20 -14.65 35.44
CA LYS G 255 -37.16 -13.76 34.79
C LYS G 255 -36.45 -12.82 33.83
N PRO G 256 -37.07 -12.54 32.67
CA PRO G 256 -36.46 -11.61 31.71
C PRO G 256 -36.52 -10.17 32.21
N LYS G 257 -35.46 -9.42 31.98
CA LYS G 257 -35.40 -8.02 32.41
C LYS G 257 -36.08 -7.15 31.37
N HIS G 258 -37.04 -6.35 31.82
CA HIS G 258 -37.76 -5.46 30.91
C HIS G 258 -36.82 -4.35 30.44
N PRO G 259 -36.72 -4.13 29.11
CA PRO G 259 -35.76 -3.16 28.55
C PRO G 259 -35.81 -1.78 29.21
N LEU G 260 -34.65 -1.14 29.27
CA LEU G 260 -34.55 0.21 29.80
C LEU G 260 -35.31 1.19 28.92
N GLU G 261 -36.44 1.69 29.44
CA GLU G 261 -37.31 2.59 28.70
C GLU G 261 -37.18 4.01 29.23
N ILE G 262 -36.41 4.83 28.54
CA ILE G 262 -36.15 6.21 28.96
C ILE G 262 -36.48 7.22 27.86
N GLU G 263 -36.71 8.46 28.27
CA GLU G 263 -37.13 9.52 27.36
C GLU G 263 -35.95 10.07 26.57
N PRO G 264 -36.22 10.61 25.37
CA PRO G 264 -35.14 11.14 24.52
C PRO G 264 -34.48 12.38 25.09
N GLU G 265 -35.08 13.00 26.11
CA GLU G 265 -34.51 14.19 26.73
C GLU G 265 -33.49 13.81 27.79
N ARG G 266 -33.76 12.74 28.52
CA ARG G 266 -32.81 12.24 29.51
C ARG G 266 -31.62 11.62 28.78
N LEU G 267 -31.91 10.91 27.69
CA LEU G 267 -30.88 10.27 26.89
C LEU G 267 -29.93 11.34 26.32
N ARG G 268 -30.49 12.46 25.89
CA ARG G 268 -29.69 13.58 25.43
C ARG G 268 -28.80 14.09 26.57
N LYS G 269 -29.34 14.08 27.78
CA LYS G 269 -28.65 14.63 28.93
C LYS G 269 -27.48 13.73 29.34
N ILE G 270 -27.66 12.42 29.19
CA ILE G 270 -26.60 11.47 29.50
C ILE G 270 -25.45 11.61 28.52
N VAL G 271 -25.76 11.64 27.22
CA VAL G 271 -24.75 11.81 26.20
C VAL G 271 -24.02 13.13 26.38
N GLU G 272 -24.73 14.14 26.87
CA GLU G 272 -24.16 15.47 27.09
C GLU G 272 -23.08 15.41 28.17
N GLU G 273 -23.36 14.69 29.25
CA GLU G 273 -22.42 14.60 30.36
C GLU G 273 -21.25 13.69 29.98
N ARG G 274 -21.52 12.66 29.19
CA ARG G 274 -20.45 11.76 28.73
C ARG G 274 -19.50 12.51 27.80
N GLY G 275 -20.04 13.47 27.06
CA GLY G 275 -19.24 14.32 26.19
C GLY G 275 -18.78 13.63 24.91
N THR G 276 -19.44 12.53 24.58
CA THR G 276 -19.04 11.70 23.44
C THR G 276 -19.84 12.03 22.19
N ALA G 277 -19.44 11.42 21.07
CA ALA G 277 -20.17 11.51 19.82
C ALA G 277 -20.95 10.22 19.60
N VAL G 278 -22.27 10.31 19.68
CA VAL G 278 -23.15 9.16 19.46
C VAL G 278 -23.89 9.33 18.14
N PHE G 279 -23.83 8.30 17.30
CA PHE G 279 -24.46 8.35 15.99
C PHE G 279 -24.69 6.94 15.46
N ALA G 280 -25.41 6.82 14.36
CA ALA G 280 -25.79 5.52 13.82
C ALA G 280 -25.77 5.50 12.30
N VAL G 281 -25.71 4.30 11.75
CA VAL G 281 -25.83 4.09 10.31
C VAL G 281 -27.11 3.31 10.02
N LYS G 282 -28.11 3.99 9.48
CA LYS G 282 -29.37 3.36 9.14
C LYS G 282 -29.35 2.86 7.71
N PHE G 283 -29.90 1.67 7.51
CA PHE G 283 -30.03 1.09 6.18
C PHE G 283 -31.11 0.01 6.19
N ARG G 284 -31.49 -0.47 5.02
CA ARG G 284 -32.59 -1.43 4.92
C ARG G 284 -32.12 -2.87 5.14
N LYS G 285 -32.81 -3.56 6.05
CA LYS G 285 -32.45 -4.94 6.39
C LYS G 285 -32.53 -5.84 5.16
N PRO G 286 -31.42 -6.50 4.80
CA PRO G 286 -31.46 -7.50 3.74
C PRO G 286 -32.49 -8.59 4.02
N ASP G 287 -33.09 -9.15 2.96
CA ASP G 287 -34.09 -10.19 3.10
C ASP G 287 -33.43 -11.55 3.24
N ILE G 288 -32.86 -11.81 4.42
CA ILE G 288 -32.12 -13.04 4.68
C ILE G 288 -32.41 -13.55 6.08
N VAL G 289 -31.94 -14.77 6.37
CA VAL G 289 -32.09 -15.35 7.70
C VAL G 289 -31.18 -14.63 8.70
N ASP G 290 -31.52 -14.72 9.98
CA ASP G 290 -30.75 -14.06 11.02
C ASP G 290 -29.34 -14.64 11.13
N ASP G 291 -29.20 -15.92 10.79
CA ASP G 291 -27.91 -16.59 10.86
C ASP G 291 -26.95 -16.10 9.79
N ASN G 292 -27.48 -15.35 8.83
CA ASN G 292 -26.68 -14.70 7.82
C ASN G 292 -26.50 -13.23 8.15
N LEU G 293 -27.58 -12.62 8.64
CA LEU G 293 -27.62 -11.18 8.87
C LEU G 293 -26.73 -10.74 10.03
N TYR G 294 -26.82 -11.44 11.15
CA TYR G 294 -26.15 -11.00 12.37
C TYR G 294 -24.63 -11.11 12.31
N PRO G 295 -24.11 -12.24 11.82
CA PRO G 295 -22.65 -12.31 11.60
C PRO G 295 -22.15 -11.20 10.69
N GLN G 296 -23.02 -10.70 9.80
CA GLN G 296 -22.65 -9.62 8.90
C GLN G 296 -22.80 -8.26 9.58
N LEU G 297 -23.78 -8.15 10.48
CA LEU G 297 -23.91 -6.95 11.29
C LEU G 297 -22.70 -6.81 12.21
N GLU G 298 -22.22 -7.94 12.72
CA GLU G 298 -21.00 -7.98 13.52
C GLU G 298 -19.82 -7.47 12.70
N ARG G 299 -19.63 -8.06 11.52
CA ARG G 299 -18.52 -7.68 10.65
C ARG G 299 -18.59 -6.21 10.28
N ALA G 300 -19.80 -5.74 9.98
CA ALA G 300 -20.01 -4.36 9.59
C ALA G 300 -19.56 -3.41 10.71
N SER G 301 -20.01 -3.70 11.93
CA SER G 301 -19.67 -2.87 13.07
C SER G 301 -18.18 -2.88 13.35
N ARG G 302 -17.57 -4.06 13.23
CA ARG G 302 -16.14 -4.21 13.50
C ARG G 302 -15.30 -3.38 12.53
N LYS G 303 -15.67 -3.43 11.24
CA LYS G 303 -14.90 -2.72 10.21
C LYS G 303 -14.96 -1.21 10.41
N ILE G 304 -16.15 -0.69 10.71
CA ILE G 304 -16.33 0.74 10.94
C ILE G 304 -15.62 1.14 12.23
N PHE G 305 -15.64 0.26 13.22
CA PHE G 305 -14.94 0.50 14.48
C PHE G 305 -13.45 0.63 14.22
N GLU G 306 -12.91 -0.33 13.48
CA GLU G 306 -11.49 -0.32 13.11
C GLU G 306 -11.16 0.92 12.30
N PHE G 307 -12.10 1.37 11.47
CA PHE G 307 -11.92 2.58 10.69
C PHE G 307 -11.81 3.79 11.60
N LEU G 308 -12.73 3.88 12.56
CA LEU G 308 -12.75 4.98 13.52
C LEU G 308 -11.49 5.00 14.38
N GLU G 309 -10.95 3.83 14.69
CA GLU G 309 -9.69 3.73 15.42
C GLU G 309 -8.56 4.35 14.60
N ARG G 310 -8.39 3.87 13.38
CA ARG G 310 -7.33 4.37 12.50
C ARG G 310 -7.42 5.87 12.29
N GLU G 311 -8.64 6.40 12.22
CA GLU G 311 -8.85 7.82 11.97
C GLU G 311 -8.84 8.64 13.27
N ASN G 312 -8.42 7.99 14.36
CA ASN G 312 -8.21 8.69 15.63
C ASN G 312 -9.46 9.34 16.21
N PHE G 313 -10.61 8.73 15.98
CA PHE G 313 -11.85 9.21 16.58
C PHE G 313 -12.12 8.50 17.91
N MET G 314 -11.30 7.50 18.23
CA MET G 314 -11.31 6.86 19.54
C MET G 314 -12.69 6.35 19.94
N PRO G 315 -13.15 5.28 19.29
CA PRO G 315 -14.46 4.70 19.61
C PRO G 315 -14.44 3.94 20.93
N LEU G 316 -15.51 4.05 21.70
CA LEU G 316 -15.63 3.32 22.97
C LEU G 316 -16.23 1.94 22.74
N ARG G 317 -17.46 1.93 22.24
CA ARG G 317 -18.16 0.68 21.95
C ARG G 317 -19.00 0.83 20.70
N SER G 318 -19.45 -0.31 20.17
CA SER G 318 -20.40 -0.34 19.08
C SER G 318 -21.51 -1.32 19.42
N ALA G 319 -22.68 -1.11 18.82
CA ALA G 319 -23.80 -2.02 18.99
C ALA G 319 -24.61 -2.00 17.70
N PHE G 320 -25.52 -2.95 17.56
CA PHE G 320 -26.38 -3.01 16.38
C PHE G 320 -27.77 -3.56 16.71
N LYS G 321 -28.76 -3.09 15.97
CA LYS G 321 -30.13 -3.56 16.11
C LYS G 321 -30.74 -3.80 14.73
N ALA G 322 -31.63 -4.78 14.65
CA ALA G 322 -32.29 -5.13 13.41
C ALA G 322 -33.81 -5.09 13.55
N SER G 323 -34.43 -4.12 12.88
CA SER G 323 -35.88 -4.06 12.77
C SER G 323 -36.31 -5.02 11.66
N GLU G 324 -37.62 -5.16 11.48
CA GLU G 324 -38.14 -5.99 10.41
C GLU G 324 -37.78 -5.36 9.05
N GLU G 325 -37.69 -4.04 9.04
CA GLU G 325 -37.40 -3.30 7.82
C GLU G 325 -35.97 -2.76 7.78
N PHE G 326 -35.60 -1.99 8.82
CA PHE G 326 -34.31 -1.31 8.84
C PHE G 326 -33.31 -1.96 9.79
N CYS G 327 -32.05 -1.55 9.65
CA CYS G 327 -30.96 -1.99 10.52
C CYS G 327 -30.13 -0.79 10.92
N TYR G 328 -29.60 -0.82 12.14
CA TYR G 328 -28.82 0.29 12.69
C TYR G 328 -27.48 -0.20 13.20
N LEU G 329 -26.41 0.50 12.83
CA LEU G 329 -25.09 0.27 13.38
C LEU G 329 -24.75 1.44 14.30
N LEU G 330 -24.72 1.17 15.61
CA LEU G 330 -24.54 2.22 16.61
C LEU G 330 -23.07 2.35 17.02
N PHE G 331 -22.64 3.58 17.29
CA PHE G 331 -21.27 3.85 17.70
C PHE G 331 -21.19 5.02 18.68
N GLU G 332 -20.23 4.95 19.60
CA GLU G 332 -19.93 6.06 20.50
C GLU G 332 -18.43 6.36 20.44
N CYS G 333 -18.10 7.62 20.18
CA CYS G 333 -16.71 8.04 20.00
C CYS G 333 -16.32 9.14 21.00
N GLN G 334 -15.09 9.10 21.46
CA GLN G 334 -14.59 10.06 22.45
C GLN G 334 -14.27 11.40 21.82
N ILE G 335 -14.07 11.41 20.50
CA ILE G 335 -13.75 12.63 19.77
C ILE G 335 -14.94 13.08 18.92
N LYS G 336 -15.49 14.23 19.26
CA LYS G 336 -16.60 14.81 18.50
C LYS G 336 -16.07 15.55 17.28
N GLU G 337 -14.80 15.94 17.34
CA GLU G 337 -14.22 16.75 16.28
C GLU G 337 -12.69 16.72 16.36
N ILE G 338 -12.04 16.66 15.20
CA ILE G 338 -10.58 16.63 15.12
C ILE G 338 -10.10 17.77 14.24
N SER G 339 -8.85 18.19 14.44
CA SER G 339 -8.30 19.31 13.69
C SER G 339 -8.25 19.01 12.20
N ARG G 340 -8.22 20.06 11.39
CA ARG G 340 -8.16 19.92 9.95
C ARG G 340 -6.78 19.43 9.53
N VAL G 341 -5.74 20.00 10.13
CA VAL G 341 -4.36 19.65 9.78
C VAL G 341 -3.90 18.37 10.43
N PHE G 342 -3.00 17.66 9.75
CA PHE G 342 -2.41 16.44 10.27
C PHE G 342 -1.02 16.24 9.66
N ARG G 343 -0.23 15.36 10.28
CA ARG G 343 1.13 15.10 9.82
C ARG G 343 1.17 13.99 8.77
N ARG G 344 1.67 14.32 7.59
CA ARG G 344 1.88 13.34 6.53
C ARG G 344 3.36 12.96 6.50
N MET G 345 3.64 11.66 6.54
CA MET G 345 5.02 11.20 6.58
C MET G 345 5.69 11.29 5.21
N GLY G 346 6.90 11.82 5.21
CA GLY G 346 7.71 11.90 4.00
C GLY G 346 8.92 10.99 4.09
N PRO G 347 9.82 11.08 3.10
CA PRO G 347 11.03 10.25 3.07
C PRO G 347 12.11 10.77 4.01
N GLN G 348 13.17 9.98 4.18
CA GLN G 348 14.31 10.40 4.98
C GLN G 348 15.15 11.40 4.19
N PHE G 349 15.89 12.24 4.91
CA PHE G 349 16.61 13.35 4.29
C PHE G 349 17.66 12.87 3.27
N GLU G 350 18.15 11.65 3.44
CA GLU G 350 19.19 11.12 2.58
C GLU G 350 18.72 10.92 1.13
N ASP G 351 17.41 10.97 0.92
CA ASP G 351 16.84 10.67 -0.40
C ASP G 351 16.71 11.90 -1.28
N GLU G 352 17.74 12.17 -2.09
CA GLU G 352 17.72 13.26 -3.05
C GLU G 352 16.44 13.21 -3.88
N ARG G 353 16.17 12.03 -4.43
CA ARG G 353 15.07 11.84 -5.36
C ARG G 353 13.71 12.14 -4.75
N ASN G 354 13.32 11.36 -3.75
CA ASN G 354 11.97 11.42 -3.22
C ASN G 354 11.66 12.67 -2.39
N VAL G 355 12.69 13.24 -1.75
CA VAL G 355 12.50 14.49 -1.02
C VAL G 355 12.13 15.61 -1.99
N LYS G 356 12.66 15.53 -3.21
CA LYS G 356 12.33 16.51 -4.25
C LYS G 356 10.85 16.41 -4.61
N LYS G 357 10.38 15.18 -4.83
CA LYS G 357 8.98 14.94 -5.15
C LYS G 357 8.07 15.37 -4.00
N PHE G 358 8.48 15.01 -2.79
CA PHE G 358 7.67 15.31 -1.60
C PHE G 358 7.50 16.80 -1.42
N LEU G 359 8.56 17.56 -1.66
CA LEU G 359 8.53 19.01 -1.50
C LEU G 359 7.95 19.71 -2.72
N SER G 360 7.77 18.97 -3.81
CA SER G 360 7.24 19.55 -5.04
C SER G 360 5.78 19.96 -4.88
N ARG G 361 4.99 19.07 -4.29
CA ARG G 361 3.56 19.28 -4.10
C ARG G 361 3.27 20.57 -3.33
N ASN G 362 2.17 21.23 -3.69
CA ASN G 362 1.77 22.48 -3.05
C ASN G 362 0.99 22.24 -1.77
N ARG G 363 1.36 22.97 -0.72
CA ARG G 363 0.69 22.87 0.57
C ARG G 363 0.60 24.27 1.18
N ALA G 364 -0.41 24.47 2.03
CA ALA G 364 -0.62 25.76 2.66
C ALA G 364 0.53 26.14 3.60
N PHE G 365 1.27 25.13 4.05
CA PHE G 365 2.34 25.35 5.04
C PHE G 365 3.63 24.64 4.64
N ARG G 366 4.74 25.08 5.24
CA ARG G 366 6.06 24.53 4.92
C ARG G 366 6.28 23.16 5.54
N PRO G 367 6.69 22.17 4.73
CA PRO G 367 7.12 20.91 5.32
C PRO G 367 8.33 21.10 6.22
N PHE G 368 8.59 20.14 7.10
CA PHE G 368 9.67 20.26 8.08
C PHE G 368 10.38 18.93 8.30
N ILE G 369 11.57 18.99 8.88
CA ILE G 369 12.35 17.81 9.21
C ILE G 369 12.18 17.49 10.69
N GLU G 370 12.06 16.21 11.00
CA GLU G 370 11.98 15.75 12.38
C GLU G 370 12.51 14.32 12.46
N ASN G 371 13.51 14.13 13.32
CA ASN G 371 14.17 12.84 13.46
C ASN G 371 14.73 12.34 12.13
N GLY G 372 15.38 13.24 11.39
CA GLY G 372 16.04 12.90 10.15
C GLY G 372 15.10 12.49 9.04
N ARG G 373 13.86 12.97 9.09
CA ARG G 373 12.85 12.62 8.11
C ARG G 373 11.89 13.77 7.86
N TRP G 374 11.45 13.90 6.62
CA TRP G 374 10.56 14.99 6.22
C TRP G 374 9.10 14.69 6.57
N TRP G 375 8.43 15.72 7.09
CA TRP G 375 7.00 15.65 7.38
C TRP G 375 6.33 16.87 6.76
N ALA G 376 5.04 16.75 6.48
CA ALA G 376 4.28 17.84 5.87
C ALA G 376 2.89 17.98 6.45
N PHE G 377 2.47 19.22 6.64
CA PHE G 377 1.11 19.51 7.11
C PHE G 377 0.14 19.44 5.95
N GLU G 378 -0.79 18.50 6.01
CA GLU G 378 -1.85 18.37 5.00
C GLU G 378 -3.22 18.42 5.68
N MET G 379 -4.27 18.46 4.88
CA MET G 379 -5.63 18.66 5.40
C MET G 379 -6.48 17.39 5.30
N ARG G 380 -7.35 17.19 6.29
CA ARG G 380 -8.23 16.03 6.32
C ARG G 380 -9.45 16.24 5.43
N LYS G 381 -9.99 15.15 4.91
CA LYS G 381 -11.22 15.18 4.13
C LYS G 381 -12.41 15.42 5.04
N PHE G 382 -12.37 14.78 6.21
CA PHE G 382 -13.44 14.91 7.20
C PHE G 382 -12.83 15.19 8.58
N THR G 383 -13.62 15.79 9.46
CA THR G 383 -13.13 16.20 10.77
C THR G 383 -14.05 15.77 11.92
N THR G 384 -15.04 14.91 11.61
CA THR G 384 -15.90 14.34 12.64
C THR G 384 -16.15 12.87 12.32
N PRO G 385 -16.46 12.07 13.35
CA PRO G 385 -16.69 10.65 13.12
C PRO G 385 -17.84 10.39 12.15
N GLU G 386 -18.91 11.18 12.26
CA GLU G 386 -20.07 11.00 11.40
C GLU G 386 -19.70 11.07 9.92
N GLU G 387 -18.99 12.13 9.53
CA GLU G 387 -18.60 12.32 8.14
C GLU G 387 -17.56 11.30 7.69
N GLY G 388 -16.64 10.95 8.59
CA GLY G 388 -15.67 9.91 8.32
C GLY G 388 -16.35 8.59 8.00
N VAL G 389 -17.35 8.23 8.81
CA VAL G 389 -18.09 6.99 8.60
C VAL G 389 -18.94 7.07 7.33
N ARG G 390 -19.45 8.27 7.04
CA ARG G 390 -20.22 8.49 5.82
C ARG G 390 -19.33 8.20 4.61
N SER G 391 -18.11 8.74 4.64
CA SER G 391 -17.16 8.53 3.56
C SER G 391 -16.79 7.06 3.42
N TYR G 392 -16.61 6.38 4.55
CA TYR G 392 -16.16 4.99 4.54
C TYR G 392 -17.26 4.06 4.05
N ALA G 393 -18.49 4.33 4.47
CA ALA G 393 -19.62 3.50 4.08
C ALA G 393 -19.90 3.64 2.59
N SER G 394 -19.48 4.76 2.01
CA SER G 394 -19.71 5.04 0.60
C SER G 394 -18.67 4.36 -0.28
N THR G 395 -17.44 4.31 0.21
CA THR G 395 -16.31 3.82 -0.59
C THR G 395 -15.95 2.36 -0.28
N HIS G 396 -16.13 1.95 0.97
CA HIS G 396 -15.79 0.58 1.40
C HIS G 396 -17.01 -0.23 1.82
N TRP G 397 -18.12 -0.05 1.10
CA TRP G 397 -19.34 -0.81 1.39
C TRP G 397 -19.12 -2.31 1.23
N HIS G 398 -18.17 -2.68 0.38
CA HIS G 398 -17.95 -4.09 0.03
C HIS G 398 -17.32 -4.90 1.17
N THR G 399 -16.68 -4.22 2.11
CA THR G 399 -16.03 -4.91 3.24
C THR G 399 -16.97 -5.13 4.42
N LEU G 400 -18.19 -4.59 4.32
CA LEU G 400 -19.16 -4.67 5.41
C LEU G 400 -20.05 -5.91 5.30
N GLY G 401 -19.53 -6.97 4.69
CA GLY G 401 -20.30 -8.19 4.50
C GLY G 401 -21.06 -8.17 3.18
N LYS G 402 -21.42 -9.36 2.69
CA LYS G 402 -22.03 -9.50 1.38
C LYS G 402 -23.38 -8.79 1.28
N ASN G 403 -24.38 -9.32 1.97
CA ASN G 403 -25.74 -8.78 1.86
C ASN G 403 -25.87 -7.40 2.50
N VAL G 404 -25.22 -7.21 3.64
CA VAL G 404 -25.27 -5.94 4.35
C VAL G 404 -24.54 -4.86 3.56
N GLY G 405 -23.41 -5.22 2.97
CA GLY G 405 -22.62 -4.29 2.19
C GLY G 405 -23.34 -3.80 0.95
N GLU G 406 -24.08 -4.70 0.30
CA GLU G 406 -24.82 -4.35 -0.91
C GLU G 406 -25.99 -3.43 -0.59
N SER G 407 -26.63 -3.67 0.56
CA SER G 407 -27.76 -2.85 0.98
C SER G 407 -27.31 -1.44 1.32
N ILE G 408 -26.17 -1.33 1.98
CA ILE G 408 -25.61 -0.04 2.34
C ILE G 408 -25.24 0.74 1.07
N ARG G 409 -24.79 0.02 0.05
CA ARG G 409 -24.42 0.65 -1.21
C ARG G 409 -25.61 1.36 -1.85
N GLU G 410 -26.76 0.71 -1.81
CA GLU G 410 -27.98 1.30 -2.37
C GLU G 410 -28.41 2.51 -1.56
N TYR G 411 -28.62 2.31 -0.27
CA TYR G 411 -29.10 3.39 0.59
C TYR G 411 -28.61 3.25 2.04
N PHE G 412 -28.04 4.32 2.56
CA PHE G 412 -27.72 4.42 3.98
C PHE G 412 -27.76 5.90 4.38
N GLU G 413 -27.75 6.16 5.68
CA GLU G 413 -27.66 7.53 6.16
C GLU G 413 -27.14 7.57 7.59
N ILE G 414 -26.53 8.69 7.96
CA ILE G 414 -25.95 8.86 9.28
C ILE G 414 -26.87 9.67 10.19
N ILE G 415 -27.64 8.97 11.01
CA ILE G 415 -28.54 9.61 11.96
C ILE G 415 -27.79 9.93 13.24
N SER G 416 -27.52 11.22 13.45
CA SER G 416 -26.69 11.66 14.57
C SER G 416 -27.46 12.60 15.50
N GLY G 417 -26.85 12.89 16.65
CA GLY G 417 -27.40 13.86 17.57
C GLY G 417 -28.71 13.44 18.20
N GLU G 418 -29.61 14.40 18.35
CA GLU G 418 -30.90 14.17 18.99
C GLU G 418 -31.89 13.50 18.06
N LYS G 419 -31.62 13.56 16.76
CA LYS G 419 -32.46 12.91 15.76
C LYS G 419 -32.41 11.40 15.92
N LEU G 420 -31.35 10.90 16.54
CA LEU G 420 -31.14 9.47 16.73
C LEU G 420 -32.03 8.93 17.85
N PHE G 421 -32.34 9.77 18.82
CA PHE G 421 -33.13 9.35 19.97
C PHE G 421 -34.57 9.06 19.56
N LYS G 422 -35.00 9.64 18.45
CA LYS G 422 -36.33 9.38 17.92
C LYS G 422 -36.41 7.99 17.27
N GLU G 423 -35.27 7.49 16.82
CA GLU G 423 -35.20 6.16 16.23
C GLU G 423 -35.40 5.10 17.31
N PRO G 424 -35.77 3.88 16.91
CA PRO G 424 -36.00 2.79 17.88
C PRO G 424 -34.70 2.06 18.23
N VAL G 425 -33.82 2.73 18.97
CA VAL G 425 -32.52 2.15 19.33
C VAL G 425 -32.12 2.47 20.76
N THR G 426 -33.00 3.16 21.48
CA THR G 426 -32.69 3.64 22.83
C THR G 426 -32.28 2.51 23.77
N ALA G 427 -32.95 1.38 23.65
CA ALA G 427 -32.66 0.22 24.50
C ALA G 427 -31.24 -0.27 24.26
N GLU G 428 -30.78 -0.19 23.01
CA GLU G 428 -29.43 -0.62 22.66
C GLU G 428 -28.38 0.42 23.04
N LEU G 429 -28.76 1.69 22.99
CA LEU G 429 -27.85 2.78 23.35
C LEU G 429 -27.56 2.75 24.84
N CYS G 430 -28.59 2.51 25.65
CA CYS G 430 -28.43 2.47 27.09
C CYS G 430 -27.58 1.28 27.50
N GLU G 431 -27.76 0.16 26.81
CA GLU G 431 -26.96 -1.04 27.08
C GLU G 431 -25.51 -0.76 26.71
N MET G 432 -25.32 -0.05 25.62
CA MET G 432 -24.00 0.26 25.09
C MET G 432 -23.23 1.19 26.02
N MET G 433 -23.95 2.14 26.62
CA MET G 433 -23.32 3.14 27.47
C MET G 433 -23.28 2.71 28.93
N GLY G 434 -24.03 1.66 29.28
CA GLY G 434 -24.07 1.15 30.63
C GLY G 434 -24.96 1.99 31.54
N VAL G 435 -26.07 2.48 30.99
CA VAL G 435 -26.99 3.32 31.73
C VAL G 435 -27.73 2.53 32.80
N LYS G 436 -27.84 3.12 33.99
CA LYS G 436 -28.55 2.51 35.11
C LYS G 436 -29.96 3.08 35.22
N ASP G 437 -30.80 2.43 36.04
CA ASP G 437 -32.15 2.89 36.28
C ASP G 437 -32.19 3.81 37.50
S SO4 I . 13.89 30.60 -34.45
O1 SO4 I . 15.34 30.73 -34.32
O2 SO4 I . 13.25 31.84 -34.04
O3 SO4 I . 13.42 29.51 -33.59
O4 SO4 I . 13.55 30.30 -35.84
O5' GMP J . -26.43 -14.39 -49.98
C5' GMP J . -26.35 -13.98 -48.61
C4' GMP J . -26.19 -12.49 -48.50
O4' GMP J . -26.66 -12.04 -47.20
C3' GMP J . -24.75 -11.98 -48.63
O3' GMP J . -24.72 -10.78 -49.40
C2' GMP J . -24.36 -11.68 -47.18
O2' GMP J . -23.36 -10.69 -47.04
C1' GMP J . -25.68 -11.23 -46.60
N9 GMP J . -25.78 -11.38 -45.15
C8 GMP J . -26.31 -10.49 -44.32
N7 GMP J . -26.23 -10.94 -43.09
C5 GMP J . -25.65 -12.14 -43.07
C6 GMP J . -25.30 -13.11 -42.03
O6 GMP J . -25.57 -12.84 -40.87
N1 GMP J . -24.68 -14.31 -42.34
C2 GMP J . -24.37 -14.64 -43.71
N2 GMP J . -23.73 -15.88 -44.06
N3 GMP J . -24.68 -13.74 -44.69
C4 GMP J . -25.34 -12.47 -44.39
HO5' GMP J . -26.79 -15.21 -50.01
H5'1 GMP J . -25.59 -14.42 -48.18
H5'2 GMP J . -27.18 -14.25 -48.15
H4' GMP J . -26.72 -12.06 -49.20
H3' GMP J . -24.16 -12.67 -49.01
H2' GMP J . -24.07 -12.50 -46.74
HO2' GMP J . -22.56 -11.08 -46.90
H1' GMP J . -25.86 -10.29 -46.84
H8 GMP J . -26.69 -9.63 -44.58
HN1 GMP J . -24.47 -14.90 -41.67
HN21 GMP J . -23.54 -16.07 -44.94
HN22 GMP J . -23.51 -16.48 -43.40
P 5GP K . -24.53 -7.17 -45.30
O1P 5GP K . -24.17 -5.71 -45.18
O2P 5GP K . -23.66 -7.93 -46.28
O3P 5GP K . -26.01 -7.44 -45.46
O5' 5GP K . -24.13 -7.83 -43.89
C5' 5GP K . -24.68 -7.35 -42.67
C4' 5GP K . -23.61 -6.92 -41.69
O4' 5GP K . -22.72 -8.03 -41.41
C3' 5GP K . -22.72 -5.77 -42.17
O3' 5GP K . -22.39 -4.92 -41.07
C2' 5GP K . -21.47 -6.51 -42.66
O2' 5GP K . -20.29 -5.73 -42.71
C1' 5GP K . -21.38 -7.61 -41.62
N9 5GP K . -20.59 -8.77 -42.02
C8 5GP K . -20.47 -9.29 -43.25
N7 5GP K . -19.65 -10.36 -43.18
C5 5GP K . -19.27 -10.50 -41.89
C6 5GP K . -18.45 -11.39 -41.23
O6 5GP K . -17.89 -12.31 -41.86
N1 5GP K . -18.25 -11.26 -39.91
C2 5GP K . -18.85 -10.27 -39.21
N2 5GP K . -18.63 -10.17 -37.88
N3 5GP K . -19.65 -9.39 -39.83
C4 5GP K . -19.87 -9.49 -41.17
H5'1 5GP K . -25.28 -8.15 -42.22
H5'2 5GP K . -25.35 -6.52 -42.88
H4' 5GP K . -24.11 -6.60 -40.76
H3' 5GP K . -23.20 -5.22 -43.00
HO3' 5GP K . -21.77 -4.25 -41.36
H2' 5GP K . -21.69 -6.95 -43.64
HO2' 5GP K . -19.54 -6.30 -42.95
H1' 5GP K . -20.98 -7.19 -40.69
H8 5GP K . -20.95 -8.92 -44.14
HN1 5GP K . -17.64 -11.94 -39.41
HN21 5GP K . -19.07 -9.44 -37.36
HN22 5GP K . -18.02 -10.84 -37.42
S SO4 L . 34.55 32.00 15.70
O1 SO4 L . 35.84 32.60 16.03
O2 SO4 L . 34.47 31.80 14.24
O3 SO4 L . 34.41 30.71 16.38
O4 SO4 L . 33.48 32.90 16.12
C1 GOL M . 30.89 22.71 38.55
O1 GOL M . 31.41 21.88 37.53
C2 GOL M . 31.27 22.18 39.93
O2 GOL M . 30.14 22.23 40.78
C3 GOL M . 31.82 20.76 39.86
O3 GOL M . 32.08 20.26 41.15
H11 GOL M . 29.81 22.76 38.47
H12 GOL M . 31.28 23.73 38.43
HO1 GOL M . 31.10 22.20 36.66
H2 GOL M . 32.05 22.83 40.34
HO2 GOL M . 29.46 21.63 40.43
H31 GOL M . 32.73 20.75 39.26
H32 GOL M . 31.09 20.12 39.35
HO3 GOL M . 32.49 19.38 41.09
S SO4 N . 16.06 -21.16 -4.33
O1 SO4 N . 16.03 -20.76 -2.92
O2 SO4 N . 17.16 -20.50 -5.01
O3 SO4 N . 16.24 -22.61 -4.42
O4 SO4 N . 14.80 -20.78 -4.97
S SO4 O . -36.74 -25.97 23.72
O1 SO4 O . -35.44 -26.39 23.21
O2 SO4 O . -37.00 -24.59 23.33
O3 SO4 O . -37.78 -26.83 23.16
O4 SO4 O . -36.75 -26.07 25.18
#